data_7KOO
#
_entry.id   7KOO
#
_cell.length_a   1.00
_cell.length_b   1.00
_cell.length_c   1.00
_cell.angle_alpha   90.00
_cell.angle_beta   90.00
_cell.angle_gamma   90.00
#
_symmetry.space_group_name_H-M   'P 1'
#
loop_
_entity.id
_entity.type
_entity.pdbx_description
1 polymer 'Neuronal acetylcholine receptor subunit alpha-7,Soluble cytochrome b562 fusion'
2 polymer 'Alpha-bungarotoxin isoform V31'
3 branched alpha-D-mannopyranose-(1-3)-beta-D-mannopyranose-(1-4)-2-acetamido-2-deoxy-beta-D-glucopyranose-(1-4)-2-acetamido-2-deoxy-beta-D-glucopyranose
4 branched 2-acetamido-2-deoxy-beta-D-glucopyranose-(1-4)-2-acetamido-2-deoxy-beta-D-glucopyranose
5 non-polymer 2-acetamido-2-deoxy-beta-D-glucopyranose
6 non-polymer 'CALCIUM ION'
#
loop_
_entity_poly.entity_id
_entity_poly.type
_entity_poly.pdbx_seq_one_letter_code
_entity_poly.pdbx_strand_id
1 'polypeptide(L)'
;EFQRKLYKELVKNYNPLERPVANDSQPLTVYFSLSLLQIMDVDEKNQVLTTNIWLQMSWTDHYLQWNVSEYPGVKTVRFP
DGQIWKPDILLYNSADERFDATFHTNVLVNSSGHCQYLPPGIFKSSCYIDVRWFPFDVQHCKLKFGSWSYGGWSLDLQMQ
EADISGYIPNGEWDLVGIPGKRSERFYECCKEPYPDVTFTVTMRRRTLYYGLNLLIPCVLISALALLVFLLPADSGEKIS
LGITVLLSLTVFMLLVAEIMPATSDSVPLIAQYFASTMIIVGLSVVVTVIVLQYHHHDPDGGKMPKWTRVILLNWCAWFL
RMKRPGEDKVRPACQHKQRRCSLASVEMAGAMADLEDNWETLNDNLKVIEKADNAAQVKDALTKMRAAALDAQKATPPKL
EDKSPDSPEMKDFRHGFDILVGQIDDALKLANEGKVKEAQAAAEQLKTTRNAYIQKYLCGRMACSPTHDEHLLHGGQPPE
GDPDLAKILEEVRYIANRFRCQDESEAVCSEWKFAACVVDRLCLMAFSVFTIICTIGILMSAPNFVEAVSKDFAWSHPQF
EK
;
A,B,C,D,E
2 'polypeptide(L)' IVCHTTATSPISAVTCPPGENLCYRKMWCDVFCSSRGKVVELGCAATCPSKKPYEEVTCCSTDKCNPHPKQ F,G,H,I,J
#
# COMPACT_ATOMS: atom_id res chain seq x y z
N GLU A 1 -11.69 41.07 36.80
CA GLU A 1 -12.73 42.08 37.16
C GLU A 1 -13.21 42.85 35.94
N PHE A 2 -12.31 43.62 35.34
CA PHE A 2 -12.66 44.45 34.20
C PHE A 2 -12.93 43.60 32.97
N GLN A 3 -12.28 42.45 32.88
CA GLN A 3 -12.49 41.53 31.78
C GLN A 3 -13.93 41.07 31.70
N ARG A 4 -14.51 40.66 32.83
CA ARG A 4 -15.90 40.23 32.86
C ARG A 4 -16.80 41.32 32.30
N LYS A 5 -16.62 42.54 32.79
CA LYS A 5 -17.47 43.64 32.37
C LYS A 5 -17.31 43.89 30.88
N LEU A 6 -16.07 43.87 30.39
CA LEU A 6 -15.82 44.12 28.97
C LEU A 6 -16.46 43.06 28.11
N TYR A 7 -16.23 41.79 28.43
CA TYR A 7 -16.81 40.70 27.65
C TYR A 7 -18.33 40.77 27.65
N LYS A 8 -18.93 41.15 28.78
CA LYS A 8 -20.37 41.33 28.80
C LYS A 8 -20.81 42.44 27.86
N GLU A 9 -20.12 43.59 27.92
CA GLU A 9 -20.55 44.73 27.11
C GLU A 9 -20.42 44.44 25.62
N LEU A 10 -19.36 43.74 25.23
CA LEU A 10 -19.07 43.56 23.81
C LEU A 10 -20.08 42.67 23.11
N VAL A 11 -20.66 41.70 23.82
CA VAL A 11 -21.59 40.75 23.23
C VAL A 11 -23.03 41.07 23.61
N LYS A 12 -23.31 42.31 24.01
CA LYS A 12 -24.63 42.65 24.50
C LYS A 12 -25.69 42.48 23.41
N ASN A 13 -25.38 42.95 22.19
CA ASN A 13 -26.31 42.83 21.07
C ASN A 13 -25.60 42.35 19.81
N TYR A 14 -24.40 41.78 19.94
CA TYR A 14 -23.60 41.43 18.79
C TYR A 14 -24.23 40.27 18.01
N ASN A 15 -24.19 40.40 16.69
CA ASN A 15 -24.67 39.38 15.78
C ASN A 15 -23.52 38.91 14.90
N PRO A 16 -23.20 37.61 14.89
CA PRO A 16 -22.07 37.13 14.08
C PRO A 16 -22.36 36.99 12.61
N LEU A 17 -23.59 37.23 12.18
CA LEU A 17 -23.93 37.22 10.76
C LEU A 17 -23.81 38.58 10.11
N GLU A 18 -23.57 39.62 10.89
CA GLU A 18 -23.59 41.00 10.42
C GLU A 18 -22.17 41.43 10.10
N ARG A 19 -21.95 41.86 8.87
CA ARG A 19 -20.67 42.41 8.51
C ARG A 19 -20.40 43.68 9.33
N PRO A 20 -19.28 43.75 10.04
CA PRO A 20 -19.09 44.84 11.02
C PRO A 20 -18.59 46.15 10.42
N VAL A 21 -19.50 46.90 9.85
CA VAL A 21 -19.23 48.22 9.29
C VAL A 21 -20.23 49.20 9.85
N ALA A 22 -19.79 50.43 10.06
CA ALA A 22 -20.69 51.48 10.53
C ALA A 22 -21.73 51.81 9.46
N ASN A 23 -21.29 51.97 8.23
CA ASN A 23 -22.16 52.25 7.10
C ASN A 23 -22.23 51.01 6.22
N ASP A 24 -23.42 50.43 6.12
CA ASP A 24 -23.60 49.17 5.40
C ASP A 24 -23.27 49.30 3.92
N SER A 25 -23.32 50.51 3.37
CA SER A 25 -22.99 50.70 1.96
C SER A 25 -21.49 50.66 1.70
N GLN A 26 -20.68 51.13 2.63
CA GLN A 26 -19.25 51.14 2.42
C GLN A 26 -18.67 49.73 2.62
N PRO A 27 -17.56 49.43 1.97
CA PRO A 27 -16.99 48.08 2.06
C PRO A 27 -16.14 47.90 3.31
N LEU A 28 -15.90 46.64 3.62
CA LEU A 28 -15.00 46.23 4.69
C LEU A 28 -13.70 45.75 4.07
N THR A 29 -12.59 46.34 4.49
CA THR A 29 -11.29 45.99 3.95
C THR A 29 -10.71 44.81 4.72
N VAL A 30 -10.24 43.82 3.98
CA VAL A 30 -9.62 42.62 4.55
C VAL A 30 -8.27 42.41 3.90
N TYR A 31 -7.24 42.39 4.72
CA TYR A 31 -5.88 42.15 4.30
C TYR A 31 -5.62 40.66 4.44
N PHE A 32 -5.34 40.02 3.31
CA PHE A 32 -5.14 38.58 3.25
C PHE A 32 -3.73 38.29 2.79
N SER A 33 -3.04 37.43 3.53
CA SER A 33 -1.67 37.08 3.21
C SER A 33 -1.51 35.58 3.47
N LEU A 34 -0.27 35.13 3.53
CA LEU A 34 0.00 33.72 3.59
C LEU A 34 1.36 33.47 4.23
N SER A 35 1.57 32.27 4.77
CA SER A 35 2.87 31.81 5.35
C SER A 35 3.12 30.33 5.02
N LEU A 36 3.91 29.98 4.01
CA LEU A 36 4.22 28.62 3.64
C LEU A 36 5.25 28.04 4.60
N LEU A 37 5.06 26.78 4.97
CA LEU A 37 6.00 26.11 5.85
C LEU A 37 6.72 24.95 5.19
N GLN A 38 6.06 24.19 4.33
CA GLN A 38 6.77 23.21 3.55
C GLN A 38 5.85 22.62 2.49
N ILE A 39 6.48 22.02 1.48
CA ILE A 39 5.78 21.21 0.50
C ILE A 39 5.73 19.79 1.00
N MET A 40 4.54 19.22 0.97
CA MET A 40 4.20 17.96 1.60
C MET A 40 4.02 16.84 0.59
N ASP A 41 3.46 17.14 -0.58
CA ASP A 41 3.33 16.12 -1.60
C ASP A 41 2.95 16.76 -2.92
N VAL A 42 3.43 16.25 -4.06
CA VAL A 42 3.11 16.78 -5.42
C VAL A 42 2.69 15.60 -6.29
N ASP A 43 1.50 15.05 -6.07
CA ASP A 43 0.98 13.86 -6.80
C ASP A 43 0.70 14.23 -8.27
N GLU A 44 1.00 13.33 -9.22
CA GLU A 44 0.70 13.53 -10.66
C GLU A 44 -0.43 12.58 -11.07
N LYS A 45 -0.75 11.57 -10.24
CA LYS A 45 -1.82 10.57 -10.50
C LYS A 45 -3.20 11.23 -10.32
N ASN A 46 -3.39 11.97 -9.23
CA ASN A 46 -4.63 12.71 -8.87
C ASN A 46 -4.57 14.21 -9.17
N GLN A 47 -3.41 14.73 -9.58
CA GLN A 47 -3.08 16.12 -9.84
C GLN A 47 -3.44 16.98 -8.64
N VAL A 48 -2.76 16.71 -7.54
CA VAL A 48 -3.02 17.35 -6.26
C VAL A 48 -1.71 17.78 -5.62
N LEU A 49 -1.67 19.02 -5.13
CA LEU A 49 -0.55 19.57 -4.41
C LEU A 49 -0.93 19.69 -2.95
N THR A 50 -0.13 19.08 -2.07
CA THR A 50 -0.36 19.10 -0.64
C THR A 50 0.69 19.98 0.02
N THR A 51 0.23 21.04 0.68
CA THR A 51 1.06 22.05 1.31
C THR A 51 0.67 22.22 2.77
N ASN A 52 1.56 22.85 3.52
CA ASN A 52 1.28 23.31 4.88
C ASN A 52 1.40 24.83 4.91
N ILE A 53 0.31 25.49 5.29
CA ILE A 53 0.27 26.95 5.24
C ILE A 53 -0.56 27.49 6.38
N TRP A 54 -0.21 28.68 6.83
CA TRP A 54 -0.99 29.45 7.77
C TRP A 54 -1.52 30.69 7.05
N LEU A 55 -2.84 30.83 7.04
CA LEU A 55 -3.45 32.02 6.49
C LEU A 55 -3.26 33.19 7.44
N GLN A 56 -3.49 34.39 6.92
CA GLN A 56 -3.41 35.60 7.73
C GLN A 56 -4.49 36.54 7.22
N MET A 57 -5.52 36.73 8.03
CA MET A 57 -6.56 37.71 7.75
C MET A 57 -6.51 38.81 8.80
N SER A 58 -6.66 40.04 8.32
CA SER A 58 -6.69 41.20 9.21
C SER A 58 -7.81 42.11 8.75
N TRP A 59 -8.71 42.45 9.66
CA TRP A 59 -9.79 43.37 9.33
C TRP A 59 -10.04 44.26 10.54
N THR A 60 -11.09 45.06 10.45
CA THR A 60 -11.45 46.01 11.49
C THR A 60 -12.92 45.83 11.84
N ASP A 61 -13.22 45.73 13.13
CA ASP A 61 -14.57 45.56 13.63
C ASP A 61 -14.98 46.83 14.37
N HIS A 62 -16.10 47.42 13.95
CA HIS A 62 -16.57 48.67 14.52
C HIS A 62 -17.21 48.47 15.88
N TYR A 63 -17.82 47.32 16.10
CA TYR A 63 -18.59 47.06 17.30
C TYR A 63 -17.75 46.56 18.45
N LEU A 64 -16.54 46.07 18.17
CA LEU A 64 -15.61 45.62 19.20
C LEU A 64 -14.56 46.69 19.46
N GLN A 65 -14.99 47.72 20.16
CA GLN A 65 -14.13 48.84 20.54
C GLN A 65 -14.38 49.18 22.00
N TRP A 66 -13.32 49.62 22.67
CA TRP A 66 -13.45 50.02 24.05
C TRP A 66 -12.33 50.97 24.43
N ASN A 67 -12.53 51.62 25.57
CA ASN A 67 -11.58 52.59 26.11
C ASN A 67 -10.64 51.88 27.06
N VAL A 68 -9.34 51.99 26.81
CA VAL A 68 -8.38 51.31 27.68
C VAL A 68 -8.39 51.92 29.07
N SER A 69 -8.58 53.23 29.17
CA SER A 69 -8.50 53.91 30.46
C SER A 69 -9.60 53.44 31.39
N GLU A 70 -10.75 53.05 30.84
CA GLU A 70 -11.86 52.53 31.63
C GLU A 70 -11.72 51.04 31.96
N TYR A 71 -10.83 50.33 31.28
CA TYR A 71 -10.58 48.91 31.54
C TYR A 71 -9.09 48.69 31.67
N PRO A 72 -8.49 49.12 32.77
CA PRO A 72 -7.03 49.05 32.89
C PRO A 72 -6.52 47.61 32.87
N GLY A 73 -5.56 47.36 32.00
CA GLY A 73 -4.91 46.08 31.87
C GLY A 73 -5.48 45.22 30.75
N VAL A 74 -6.73 45.44 30.38
CA VAL A 74 -7.37 44.67 29.32
C VAL A 74 -7.08 45.32 27.98
N LYS A 75 -5.97 44.92 27.36
CA LYS A 75 -5.59 45.45 26.06
C LYS A 75 -6.04 44.58 24.91
N THR A 76 -6.46 43.35 25.16
CA THR A 76 -6.91 42.48 24.08
C THR A 76 -8.00 41.55 24.60
N VAL A 77 -8.79 41.05 23.66
CA VAL A 77 -9.76 40.01 23.93
C VAL A 77 -9.65 38.97 22.82
N ARG A 78 -10.16 37.78 23.11
CA ARG A 78 -10.13 36.66 22.19
C ARG A 78 -11.50 36.04 22.10
N PHE A 79 -11.94 35.77 20.88
CA PHE A 79 -13.25 35.22 20.67
C PHE A 79 -13.17 33.95 19.84
N PRO A 80 -13.92 32.91 20.21
CA PRO A 80 -13.94 31.68 19.41
C PRO A 80 -14.61 31.84 18.06
N ASP A 81 -14.79 30.72 17.37
CA ASP A 81 -15.26 30.75 15.99
C ASP A 81 -16.60 31.46 15.88
N GLY A 82 -17.63 30.92 16.51
CA GLY A 82 -18.99 31.33 16.21
C GLY A 82 -19.53 32.47 17.04
N GLN A 83 -18.66 33.21 17.72
CA GLN A 83 -19.09 34.32 18.56
C GLN A 83 -18.92 35.68 17.91
N ILE A 84 -18.12 35.78 16.85
CA ILE A 84 -17.98 37.02 16.10
C ILE A 84 -17.82 36.69 14.63
N TRP A 85 -17.92 37.73 13.81
CA TRP A 85 -17.90 37.60 12.37
C TRP A 85 -16.49 37.31 11.86
N LYS A 86 -16.38 36.32 10.99
CA LYS A 86 -15.20 36.05 10.21
C LYS A 86 -15.55 36.03 8.74
N PRO A 87 -14.64 36.44 7.86
CA PRO A 87 -14.94 36.40 6.44
C PRO A 87 -14.89 35.00 5.88
N ASP A 88 -15.66 34.80 4.81
CA ASP A 88 -15.77 33.50 4.16
C ASP A 88 -14.71 33.31 3.08
N ILE A 89 -13.46 33.51 3.46
CA ILE A 89 -12.32 33.31 2.57
C ILE A 89 -11.98 31.83 2.58
N LEU A 90 -11.98 31.21 1.40
CA LEU A 90 -11.62 29.81 1.33
C LEU A 90 -11.16 29.48 -0.09
N LEU A 91 -10.49 28.34 -0.19
CA LEU A 91 -9.79 27.95 -1.40
C LEU A 91 -10.78 27.44 -2.44
N TYR A 92 -10.84 28.13 -3.57
CA TYR A 92 -11.74 27.73 -4.64
C TYR A 92 -11.36 26.38 -5.22
N ASN A 93 -10.06 26.13 -5.34
CA ASN A 93 -9.51 24.96 -6.03
C ASN A 93 -9.05 23.88 -5.06
N SER A 94 -9.84 23.68 -4.01
CA SER A 94 -9.62 22.71 -2.92
C SER A 94 -10.02 21.31 -3.38
N ALA A 95 -9.20 20.23 -3.00
CA ALA A 95 -9.49 18.83 -3.24
C ALA A 95 -9.33 18.01 -1.97
N ASP A 96 -9.87 18.50 -0.85
CA ASP A 96 -9.49 18.00 0.45
C ASP A 96 -10.38 16.84 0.93
N GLU A 97 -11.64 16.83 0.49
CA GLU A 97 -12.71 15.94 0.98
C GLU A 97 -13.41 16.46 2.23
N ARG A 98 -12.97 17.59 2.77
CA ARG A 98 -13.76 18.35 3.73
C ARG A 98 -13.86 19.81 3.33
N PHE A 99 -13.10 20.20 2.31
CA PHE A 99 -13.15 21.46 1.57
C PHE A 99 -12.71 22.67 2.38
N ASP A 100 -12.65 22.56 3.69
CA ASP A 100 -12.04 23.58 4.52
C ASP A 100 -11.03 22.89 5.42
N ALA A 101 -9.76 23.00 5.05
CA ALA A 101 -8.69 22.31 5.72
C ALA A 101 -8.15 23.09 6.90
N THR A 102 -8.79 24.11 7.19
CA THR A 102 -8.30 25.01 8.25
C THR A 102 -8.73 24.60 9.66
N PHE A 103 -7.92 24.92 10.66
CA PHE A 103 -8.18 24.73 12.08
C PHE A 103 -8.63 26.07 12.64
N HIS A 104 -9.84 26.10 13.18
CA HIS A 104 -10.46 27.36 13.58
C HIS A 104 -9.91 27.79 14.93
N THR A 105 -8.89 28.63 14.88
CA THR A 105 -8.31 29.21 16.09
C THR A 105 -9.19 30.35 16.58
N ASN A 106 -8.69 31.10 17.54
CA ASN A 106 -9.42 32.22 18.11
C ASN A 106 -9.00 33.52 17.44
N VAL A 107 -9.90 34.50 17.51
CA VAL A 107 -9.70 35.79 16.89
C VAL A 107 -9.34 36.80 17.97
N LEU A 108 -8.25 37.53 17.73
CA LEU A 108 -7.69 38.46 18.69
C LEU A 108 -8.06 39.88 18.31
N VAL A 109 -8.50 40.66 19.30
CA VAL A 109 -9.00 42.01 19.08
C VAL A 109 -8.35 42.96 20.07
N ASN A 110 -7.88 44.10 19.57
CA ASN A 110 -7.32 45.17 20.38
C ASN A 110 -8.26 46.37 20.37
N SER A 111 -8.08 47.28 21.33
CA SER A 111 -9.02 48.41 21.56
C SER A 111 -9.58 49.09 20.31
N SER A 112 -8.78 49.30 19.19
CA SER A 112 -9.29 49.93 17.98
C SER A 112 -10.25 49.05 17.21
N GLY A 113 -10.32 47.77 17.54
CA GLY A 113 -11.15 46.83 16.81
C GLY A 113 -10.42 46.02 15.76
N HIS A 114 -9.11 46.18 15.64
CA HIS A 114 -8.37 45.45 14.64
C HIS A 114 -8.31 43.98 15.01
N CYS A 115 -8.74 43.13 14.08
CA CYS A 115 -8.93 41.71 14.31
C CYS A 115 -8.00 40.92 13.41
N GLN A 116 -7.45 39.85 13.97
CA GLN A 116 -6.28 39.16 13.46
C GLN A 116 -6.50 37.65 13.58
N TYR A 117 -6.46 36.95 12.45
CA TYR A 117 -6.93 35.57 12.36
C TYR A 117 -5.95 34.71 11.59
N LEU A 118 -5.49 33.62 12.24
CA LEU A 118 -4.56 32.64 11.68
C LEU A 118 -5.14 31.25 11.68
N PRO A 119 -5.82 30.85 10.62
CA PRO A 119 -6.17 29.45 10.47
C PRO A 119 -5.05 28.69 9.78
N PRO A 120 -4.35 27.81 10.50
CA PRO A 120 -3.38 26.93 9.85
C PRO A 120 -4.06 25.73 9.21
N GLY A 121 -3.38 24.99 8.36
CA GLY A 121 -3.99 23.76 7.83
C GLY A 121 -3.11 23.04 6.84
N ILE A 122 -3.44 21.79 6.52
CA ILE A 122 -2.76 21.02 5.44
C ILE A 122 -3.73 21.14 4.26
N PHE A 123 -3.45 21.99 3.28
CA PHE A 123 -4.38 22.27 2.17
C PHE A 123 -4.03 21.41 0.95
N LYS A 124 -5.00 20.75 0.31
CA LYS A 124 -4.75 19.99 -0.94
C LYS A 124 -5.41 20.77 -2.06
N SER A 125 -4.68 21.21 -3.08
CA SER A 125 -5.27 22.02 -4.17
C SER A 125 -5.03 21.31 -5.50
N SER A 126 -5.84 21.62 -6.50
CA SER A 126 -5.77 21.04 -7.83
C SER A 126 -4.79 21.83 -8.69
N CYS A 127 -3.78 21.16 -9.23
CA CYS A 127 -2.85 21.81 -10.13
C CYS A 127 -2.40 20.81 -11.19
N TYR A 128 -2.48 21.24 -12.45
CA TYR A 128 -2.04 20.42 -13.57
C TYR A 128 -0.53 20.23 -13.54
N ILE A 129 -0.10 18.97 -13.55
CA ILE A 129 1.32 18.62 -13.59
C ILE A 129 1.67 18.18 -15.01
N ASP A 130 2.80 18.67 -15.52
CA ASP A 130 3.33 18.26 -16.81
C ASP A 130 4.61 17.49 -16.58
N VAL A 131 4.60 16.20 -16.92
CA VAL A 131 5.74 15.32 -16.74
C VAL A 131 6.45 15.03 -18.07
N ARG A 132 6.25 15.90 -19.06
CA ARG A 132 6.86 15.68 -20.36
C ARG A 132 8.38 15.71 -20.26
N TRP A 133 8.93 16.59 -19.43
CA TRP A 133 10.41 16.76 -19.32
C TRP A 133 10.90 16.06 -18.06
N PHE A 134 10.19 15.05 -17.56
CA PHE A 134 10.61 14.31 -16.39
C PHE A 134 12.02 13.77 -16.59
N PRO A 135 12.90 13.84 -15.58
CA PRO A 135 12.74 14.46 -14.26
C PRO A 135 13.18 15.92 -14.22
N PHE A 136 13.48 16.53 -15.35
CA PHE A 136 13.96 17.93 -15.44
C PHE A 136 12.72 18.82 -15.62
N ASP A 137 11.73 18.78 -14.72
CA ASP A 137 10.44 19.50 -14.91
C ASP A 137 10.20 20.56 -13.85
N VAL A 138 9.71 21.75 -14.23
CA VAL A 138 9.34 22.85 -13.30
C VAL A 138 7.81 22.96 -13.31
N GLN A 139 7.15 23.00 -12.15
CA GLN A 139 5.71 23.09 -11.99
C GLN A 139 5.32 24.43 -11.40
N HIS A 140 4.19 24.95 -11.87
CA HIS A 140 3.60 26.21 -11.46
C HIS A 140 2.21 25.90 -10.95
N CYS A 141 2.11 25.54 -9.67
CA CYS A 141 0.84 25.12 -9.09
C CYS A 141 0.29 26.29 -8.27
N LYS A 142 -0.95 26.68 -8.56
CA LYS A 142 -1.52 27.87 -7.97
C LYS A 142 -2.59 27.57 -6.94
N LEU A 143 -2.79 28.57 -6.08
CA LEU A 143 -3.74 28.52 -4.99
C LEU A 143 -4.59 29.77 -5.09
N LYS A 144 -5.88 29.60 -5.33
CA LYS A 144 -6.79 30.70 -5.56
C LYS A 144 -7.71 30.87 -4.35
N PHE A 145 -7.64 32.01 -3.70
CA PHE A 145 -8.44 32.33 -2.54
C PHE A 145 -9.39 33.46 -2.89
N GLY A 146 -10.59 33.39 -2.34
CA GLY A 146 -11.54 34.47 -2.50
C GLY A 146 -12.75 34.22 -1.64
N SER A 147 -13.52 35.28 -1.47
CA SER A 147 -14.78 35.14 -0.75
C SER A 147 -15.76 34.31 -1.56
N TRP A 148 -16.73 33.76 -0.83
CA TRP A 148 -17.71 32.84 -1.40
C TRP A 148 -19.04 33.50 -1.70
N SER A 149 -19.36 34.60 -1.01
CA SER A 149 -20.67 35.22 -1.15
C SER A 149 -20.61 36.74 -1.14
N TYR A 150 -19.43 37.34 -1.13
CA TYR A 150 -19.27 38.77 -1.00
C TYR A 150 -18.58 39.34 -2.22
N GLY A 151 -18.97 40.55 -2.60
CA GLY A 151 -18.35 41.27 -3.70
C GLY A 151 -17.31 42.27 -3.22
N GLY A 152 -16.73 42.96 -4.19
CA GLY A 152 -15.70 43.94 -3.91
C GLY A 152 -16.19 45.22 -3.29
N TRP A 153 -17.50 45.45 -3.31
CA TRP A 153 -18.12 46.58 -2.66
C TRP A 153 -18.60 46.24 -1.26
N SER A 154 -18.35 45.03 -0.79
CA SER A 154 -18.73 44.62 0.54
C SER A 154 -17.54 44.01 1.26
N LEU A 155 -16.64 43.40 0.49
CA LEU A 155 -15.42 42.81 1.03
C LEU A 155 -14.28 43.16 0.08
N ASP A 156 -13.59 44.25 0.37
CA ASP A 156 -12.47 44.73 -0.44
C ASP A 156 -11.21 43.97 -0.02
N LEU A 157 -10.95 42.86 -0.69
CA LEU A 157 -9.75 42.11 -0.43
C LEU A 157 -8.51 42.92 -0.81
N GLN A 158 -7.42 42.74 -0.08
CA GLN A 158 -6.17 43.46 -0.32
C GLN A 158 -5.12 42.38 -0.22
N MET A 159 -4.28 42.19 -1.20
CA MET A 159 -3.27 41.14 -1.07
C MET A 159 -2.01 41.76 -0.51
N GLN A 160 -1.59 41.38 0.68
CA GLN A 160 -0.20 41.66 1.10
C GLN A 160 0.62 40.42 0.75
N GLU A 161 1.95 40.51 0.79
CA GLU A 161 2.95 39.49 0.36
C GLU A 161 3.02 38.23 1.24
N ALA A 162 3.47 37.10 0.67
CA ALA A 162 3.64 35.79 1.33
C ALA A 162 4.89 35.78 2.21
N ASP A 163 5.01 34.79 3.09
CA ASP A 163 6.10 34.66 4.10
C ASP A 163 6.85 33.34 3.93
N ILE A 164 8.18 33.32 3.80
CA ILE A 164 8.93 32.08 3.67
C ILE A 164 9.93 31.91 4.81
N SER A 165 9.87 32.77 5.83
CA SER A 165 10.80 32.67 6.94
C SER A 165 10.74 31.31 7.62
N GLY A 166 9.61 30.62 7.52
CA GLY A 166 9.42 29.32 8.13
C GLY A 166 9.53 28.14 7.19
N TYR A 167 9.96 28.36 5.95
CA TYR A 167 10.01 27.28 4.99
C TYR A 167 10.98 26.20 5.43
N ILE A 168 10.60 24.95 5.13
CA ILE A 168 11.39 23.77 5.49
C ILE A 168 11.59 22.94 4.22
N PRO A 169 12.77 23.00 3.59
CA PRO A 169 12.97 22.22 2.37
C PRO A 169 12.75 20.73 2.62
N ASN A 170 12.19 20.06 1.63
CA ASN A 170 11.74 18.69 1.80
C ASN A 170 12.67 17.65 1.17
N GLY A 171 13.45 18.04 0.18
CA GLY A 171 14.43 17.15 -0.42
C GLY A 171 14.05 16.53 -1.74
N GLU A 172 12.92 16.94 -2.32
CA GLU A 172 12.56 16.53 -3.67
C GLU A 172 12.11 17.68 -4.54
N TRP A 173 11.94 18.88 -4.00
CA TRP A 173 11.50 20.03 -4.75
C TRP A 173 12.20 21.27 -4.21
N ASP A 174 12.65 22.13 -5.12
CA ASP A 174 13.28 23.39 -4.79
C ASP A 174 12.31 24.52 -5.07
N LEU A 175 12.10 25.38 -4.08
CA LEU A 175 11.11 26.44 -4.19
C LEU A 175 11.74 27.63 -4.91
N VAL A 176 11.29 27.88 -6.13
CA VAL A 176 11.69 29.07 -6.86
C VAL A 176 11.06 30.31 -6.24
N GLY A 177 9.75 30.27 -6.04
CA GLY A 177 9.07 31.41 -5.44
C GLY A 177 7.60 31.12 -5.25
N ILE A 178 6.92 32.10 -4.66
CA ILE A 178 5.49 32.03 -4.41
C ILE A 178 4.92 33.43 -4.53
N PRO A 179 4.87 34.00 -5.73
CA PRO A 179 4.33 35.35 -5.90
C PRO A 179 2.81 35.36 -5.95
N GLY A 180 2.27 36.51 -5.61
CA GLY A 180 0.83 36.68 -5.57
C GLY A 180 0.30 37.70 -6.55
N LYS A 181 -0.99 37.60 -6.84
CA LYS A 181 -1.64 38.49 -7.78
C LYS A 181 -3.10 38.64 -7.38
N ARG A 182 -3.53 39.88 -7.22
CA ARG A 182 -4.93 40.20 -7.00
C ARG A 182 -5.60 40.44 -8.35
N SER A 183 -6.72 39.75 -8.56
CA SER A 183 -7.44 39.82 -9.82
C SER A 183 -8.92 40.05 -9.52
N GLU A 184 -9.65 40.46 -10.56
CA GLU A 184 -11.03 40.87 -10.39
C GLU A 184 -11.83 40.32 -11.56
N ARG A 185 -13.08 39.94 -11.30
CA ARG A 185 -13.94 39.34 -12.29
C ARG A 185 -15.30 40.04 -12.29
N PHE A 186 -15.78 40.46 -13.48
CA PHE A 186 -17.03 41.22 -13.64
C PHE A 186 -18.10 40.26 -14.15
N TYR A 187 -19.36 40.57 -13.91
CA TYR A 187 -20.50 39.70 -14.26
C TYR A 187 -21.61 40.54 -14.87
N GLU A 188 -22.53 39.91 -15.58
CA GLU A 188 -23.67 40.56 -16.27
C GLU A 188 -24.60 41.28 -15.28
N CYS A 189 -24.81 40.73 -14.09
CA CYS A 189 -25.82 41.32 -13.16
C CYS A 189 -25.53 42.78 -12.84
N CYS A 190 -24.28 43.15 -12.57
CA CYS A 190 -24.03 44.56 -12.18
C CYS A 190 -22.56 44.92 -12.40
N LYS A 191 -22.25 46.21 -12.28
CA LYS A 191 -20.93 46.87 -12.42
C LYS A 191 -19.93 46.48 -11.32
N GLU A 192 -20.39 46.02 -10.14
CA GLU A 192 -19.53 45.68 -8.98
C GLU A 192 -18.57 44.54 -9.33
N PRO A 193 -17.27 44.62 -9.00
CA PRO A 193 -16.32 43.53 -9.31
C PRO A 193 -16.08 42.51 -8.20
N TYR A 194 -15.70 41.27 -8.53
CA TYR A 194 -15.53 40.22 -7.54
C TYR A 194 -14.05 39.86 -7.47
N PRO A 195 -13.36 40.16 -6.38
CA PRO A 195 -11.91 39.99 -6.35
C PRO A 195 -11.46 38.61 -5.88
N ASP A 196 -10.17 38.37 -6.06
CA ASP A 196 -9.55 37.11 -5.69
C ASP A 196 -8.05 37.33 -5.60
N VAL A 197 -7.40 36.42 -4.88
CA VAL A 197 -5.96 36.48 -4.62
C VAL A 197 -5.38 35.12 -4.97
N THR A 198 -4.41 35.12 -5.88
CA THR A 198 -3.82 33.89 -6.37
C THR A 198 -2.34 33.87 -6.06
N PHE A 199 -1.88 32.80 -5.42
CA PHE A 199 -0.49 32.60 -5.09
C PHE A 199 0.03 31.44 -5.93
N THR A 200 1.10 31.67 -6.68
CA THR A 200 1.59 30.71 -7.66
C THR A 200 2.89 30.11 -7.14
N VAL A 201 2.79 28.90 -6.58
CA VAL A 201 3.96 28.18 -6.08
C VAL A 201 4.71 27.62 -7.27
N THR A 202 5.95 28.05 -7.44
CA THR A 202 6.81 27.58 -8.52
C THR A 202 7.92 26.72 -7.93
N MET A 203 8.13 25.54 -8.51
CA MET A 203 9.14 24.65 -7.95
C MET A 203 9.72 23.77 -9.04
N ARG A 204 10.99 23.41 -8.84
CA ARG A 204 11.72 22.57 -9.77
C ARG A 204 12.21 21.32 -9.05
N ARG A 205 12.18 20.19 -9.76
CA ARG A 205 12.54 18.92 -9.16
C ARG A 205 14.05 18.83 -8.98
N ARG A 206 14.45 17.94 -8.07
CA ARG A 206 15.85 17.67 -7.75
C ARG A 206 16.20 16.30 -8.31
N THR A 207 17.26 16.25 -9.12
CA THR A 207 17.58 15.09 -9.94
C THR A 207 18.71 14.23 -9.37
N LEU A 208 19.23 14.57 -8.20
CA LEU A 208 20.35 13.81 -7.65
C LEU A 208 19.96 12.38 -7.31
N TYR A 209 18.68 12.09 -7.18
CA TYR A 209 18.22 10.73 -6.87
C TYR A 209 18.04 9.92 -8.15
N TYR A 210 17.22 10.41 -9.07
CA TYR A 210 16.99 9.68 -10.31
C TYR A 210 18.25 9.61 -11.15
N GLY A 211 19.11 10.61 -11.05
CA GLY A 211 20.32 10.62 -11.87
C GLY A 211 21.21 9.41 -11.62
N LEU A 212 21.43 9.07 -10.35
CA LEU A 212 22.36 8.01 -10.00
C LEU A 212 21.67 6.80 -9.36
N ASN A 213 20.36 6.67 -9.54
CA ASN A 213 19.65 5.44 -9.18
C ASN A 213 18.78 4.90 -10.32
N LEU A 214 18.54 5.69 -11.37
CA LEU A 214 17.78 5.24 -12.53
C LEU A 214 18.57 5.28 -13.83
N LEU A 215 19.61 6.11 -13.92
CA LEU A 215 20.31 6.33 -15.17
C LEU A 215 21.72 5.76 -15.19
N ILE A 216 22.30 5.45 -14.03
CA ILE A 216 23.60 4.78 -13.97
C ILE A 216 23.39 3.30 -14.25
N PRO A 217 22.47 2.62 -13.55
CA PRO A 217 22.24 1.20 -13.86
C PRO A 217 21.84 0.98 -15.32
N CYS A 218 21.00 1.85 -15.88
CA CYS A 218 20.60 1.67 -17.27
C CYS A 218 21.79 1.80 -18.21
N VAL A 219 22.66 2.77 -17.97
CA VAL A 219 23.83 2.96 -18.82
C VAL A 219 24.76 1.76 -18.71
N LEU A 220 24.99 1.27 -17.49
CA LEU A 220 25.84 0.10 -17.32
C LEU A 220 25.25 -1.11 -18.02
N ILE A 221 23.93 -1.30 -17.91
CA ILE A 221 23.27 -2.41 -18.57
C ILE A 221 23.42 -2.31 -20.08
N SER A 222 23.22 -1.12 -20.63
CA SER A 222 23.36 -0.93 -22.07
C SER A 222 24.78 -1.20 -22.52
N ALA A 223 25.76 -0.74 -21.76
CA ALA A 223 27.16 -1.01 -22.09
C ALA A 223 27.44 -2.50 -22.11
N LEU A 224 26.98 -3.20 -21.08
CA LEU A 224 27.18 -4.65 -21.03
C LEU A 224 26.50 -5.33 -22.22
N ALA A 225 25.33 -4.82 -22.63
CA ALA A 225 24.68 -5.38 -23.81
C ALA A 225 25.54 -5.18 -25.06
N LEU A 226 26.12 -4.00 -25.22
CA LEU A 226 27.04 -3.79 -26.33
C LEU A 226 28.26 -4.69 -26.24
N LEU A 227 28.59 -5.09 -25.01
CA LEU A 227 29.80 -5.89 -24.79
C LEU A 227 29.77 -7.24 -25.49
N VAL A 228 28.58 -7.74 -25.86
CA VAL A 228 28.48 -9.09 -26.39
C VAL A 228 29.28 -9.23 -27.67
N PHE A 229 29.37 -8.17 -28.47
CA PHE A 229 30.00 -8.29 -29.77
C PHE A 229 31.48 -8.64 -29.65
N LEU A 230 32.18 -8.05 -28.68
CA LEU A 230 33.59 -8.36 -28.48
C LEU A 230 33.79 -9.83 -28.19
N LEU A 231 32.81 -10.46 -27.57
CA LEU A 231 32.96 -11.82 -27.10
C LEU A 231 33.10 -12.76 -28.30
N PRO A 232 34.10 -13.65 -28.32
CA PRO A 232 34.22 -14.59 -29.43
C PRO A 232 33.09 -15.60 -29.45
N ALA A 233 32.77 -16.07 -30.65
CA ALA A 233 31.68 -17.03 -30.82
C ALA A 233 32.05 -18.41 -30.29
N ASP A 234 33.33 -18.77 -30.32
CA ASP A 234 33.74 -20.07 -29.79
C ASP A 234 33.21 -20.27 -28.38
N SER A 235 33.27 -19.23 -27.56
CA SER A 235 32.65 -19.25 -26.24
C SER A 235 31.13 -19.19 -26.39
N GLY A 236 30.45 -20.25 -25.97
CA GLY A 236 29.01 -20.28 -26.07
C GLY A 236 28.35 -19.43 -25.00
N GLU A 237 28.65 -18.13 -25.03
CA GLU A 237 28.20 -17.22 -23.99
C GLU A 237 27.63 -15.91 -24.52
N LYS A 238 27.60 -15.70 -25.83
CA LYS A 238 27.10 -14.43 -26.37
C LYS A 238 25.60 -14.31 -26.18
N ILE A 239 24.86 -15.35 -26.58
CA ILE A 239 23.42 -15.36 -26.36
C ILE A 239 23.11 -15.30 -24.88
N SER A 240 23.84 -16.08 -24.09
CA SER A 240 23.67 -16.05 -22.64
C SER A 240 23.77 -14.63 -22.12
N LEU A 241 24.85 -13.94 -22.47
CA LEU A 241 25.06 -12.59 -21.97
C LEU A 241 23.95 -11.65 -22.43
N GLY A 242 23.65 -11.66 -23.73
CA GLY A 242 22.65 -10.72 -24.24
C GLY A 242 21.29 -10.91 -23.61
N ILE A 243 20.83 -12.17 -23.55
CA ILE A 243 19.50 -12.43 -23.02
C ILE A 243 19.45 -12.17 -21.52
N THR A 244 20.53 -12.50 -20.80
CA THR A 244 20.57 -12.19 -19.37
C THR A 244 20.54 -10.69 -19.13
N VAL A 245 21.22 -9.92 -19.98
CA VAL A 245 21.17 -8.46 -19.85
C VAL A 245 19.76 -7.95 -20.09
N LEU A 246 19.08 -8.51 -21.10
CA LEU A 246 17.70 -8.10 -21.33
C LEU A 246 16.83 -8.44 -20.12
N LEU A 247 17.06 -9.61 -19.50
CA LEU A 247 16.31 -9.97 -18.31
C LEU A 247 16.57 -9.00 -17.17
N SER A 248 17.83 -8.58 -17.00
CA SER A 248 18.15 -7.61 -15.96
C SER A 248 17.44 -6.29 -16.22
N LEU A 249 17.38 -5.87 -17.49
CA LEU A 249 16.62 -4.67 -17.83
C LEU A 249 15.14 -4.84 -17.52
N THR A 250 14.58 -6.01 -17.83
CA THR A 250 13.20 -6.29 -17.50
C THR A 250 12.95 -6.13 -16.01
N VAL A 251 13.88 -6.63 -15.18
CA VAL A 251 13.75 -6.46 -13.73
C VAL A 251 13.84 -4.98 -13.37
N PHE A 252 14.80 -4.27 -13.95
CA PHE A 252 14.96 -2.84 -13.69
C PHE A 252 13.66 -2.08 -13.97
N MET A 253 12.88 -2.59 -14.93
CA MET A 253 11.60 -1.95 -15.23
C MET A 253 10.67 -1.92 -14.03
N LEU A 254 10.85 -2.78 -13.05
CA LEU A 254 9.99 -2.75 -11.86
C LEU A 254 10.23 -1.49 -11.03
N LEU A 255 11.49 -1.24 -10.67
CA LEU A 255 11.85 0.02 -10.02
C LEU A 255 11.38 1.18 -10.88
N VAL A 256 11.70 1.11 -12.17
CA VAL A 256 11.38 2.20 -13.09
C VAL A 256 9.89 2.51 -13.03
N ALA A 257 9.05 1.48 -13.07
CA ALA A 257 7.60 1.68 -13.03
C ALA A 257 7.17 2.28 -11.69
N GLU A 258 7.62 1.71 -10.58
CA GLU A 258 7.17 2.21 -9.28
C GLU A 258 7.63 3.65 -9.06
N ILE A 259 8.59 4.14 -9.83
CA ILE A 259 9.13 5.48 -9.62
C ILE A 259 8.58 6.53 -10.59
N MET A 260 7.93 6.12 -11.67
CA MET A 260 7.49 7.05 -12.70
C MET A 260 6.02 7.40 -12.56
N PRO A 261 5.55 8.36 -13.35
CA PRO A 261 4.12 8.63 -13.44
C PRO A 261 3.45 7.82 -14.55
N ALA A 262 2.16 7.58 -14.36
CA ALA A 262 1.34 6.88 -15.35
C ALA A 262 0.40 7.92 -15.96
N THR A 263 0.87 8.57 -17.01
CA THR A 263 0.11 9.59 -17.72
C THR A 263 0.10 9.28 -19.20
N SER A 264 -1.05 9.52 -19.83
CA SER A 264 -1.22 9.34 -21.26
C SER A 264 -1.31 10.66 -22.01
N ASP A 265 -1.17 11.79 -21.32
CA ASP A 265 -1.18 13.09 -21.98
C ASP A 265 0.15 13.39 -22.68
N SER A 266 1.23 12.73 -22.28
CA SER A 266 2.53 12.98 -22.87
C SER A 266 3.44 11.80 -22.56
N VAL A 267 4.62 11.82 -23.18
CA VAL A 267 5.61 10.77 -23.02
C VAL A 267 6.76 11.32 -22.17
N PRO A 268 6.93 10.86 -20.94
CA PRO A 268 8.08 11.31 -20.15
C PRO A 268 9.39 10.97 -20.85
N LEU A 269 10.40 11.80 -20.57
CA LEU A 269 11.68 11.66 -21.25
C LEU A 269 12.30 10.29 -21.02
N ILE A 270 12.42 9.89 -19.76
CA ILE A 270 13.11 8.64 -19.46
C ILE A 270 12.33 7.44 -19.97
N ALA A 271 11.03 7.58 -20.23
CA ALA A 271 10.32 6.52 -20.93
C ALA A 271 10.91 6.31 -22.32
N GLN A 272 11.17 7.40 -23.04
CA GLN A 272 11.84 7.30 -24.33
C GLN A 272 13.25 6.77 -24.18
N TYR A 273 13.95 7.21 -23.13
CA TYR A 273 15.29 6.72 -22.86
C TYR A 273 15.31 5.20 -22.73
N PHE A 274 14.42 4.68 -21.89
CA PHE A 274 14.36 3.24 -21.64
C PHE A 274 13.87 2.49 -22.88
N ALA A 275 12.94 3.08 -23.63
CA ALA A 275 12.52 2.44 -24.88
C ALA A 275 13.69 2.31 -25.85
N SER A 276 14.48 3.37 -25.99
CA SER A 276 15.64 3.32 -26.87
C SER A 276 16.63 2.26 -26.39
N THR A 277 16.87 2.21 -25.08
CA THR A 277 17.77 1.19 -24.54
C THR A 277 17.26 -0.21 -24.84
N MET A 278 15.96 -0.43 -24.64
CA MET A 278 15.37 -1.74 -24.90
C MET A 278 15.53 -2.15 -26.36
N ILE A 279 15.23 -1.22 -27.27
CA ILE A 279 15.34 -1.52 -28.69
C ILE A 279 16.78 -1.84 -29.05
N ILE A 280 17.72 -1.05 -28.51
CA ILE A 280 19.13 -1.28 -28.82
C ILE A 280 19.56 -2.67 -28.35
N VAL A 281 19.18 -3.05 -27.13
CA VAL A 281 19.57 -4.36 -26.60
C VAL A 281 18.96 -5.47 -27.46
N GLY A 282 17.68 -5.35 -27.79
CA GLY A 282 17.04 -6.39 -28.57
C GLY A 282 17.67 -6.57 -29.94
N LEU A 283 17.96 -5.46 -30.61
CA LEU A 283 18.60 -5.56 -31.92
C LEU A 283 20.02 -6.09 -31.80
N SER A 284 20.70 -5.82 -30.67
CA SER A 284 21.99 -6.45 -30.42
C SER A 284 21.85 -7.97 -30.38
N VAL A 285 20.83 -8.45 -29.68
CA VAL A 285 20.58 -9.89 -29.62
C VAL A 285 20.35 -10.44 -31.03
N VAL A 286 19.54 -9.75 -31.82
CA VAL A 286 19.25 -10.21 -33.18
C VAL A 286 20.53 -10.30 -34.00
N VAL A 287 21.36 -9.25 -33.94
CA VAL A 287 22.56 -9.21 -34.76
C VAL A 287 23.54 -10.30 -34.35
N THR A 288 23.70 -10.53 -33.04
CA THR A 288 24.59 -11.60 -32.63
C THR A 288 24.05 -12.95 -33.07
N VAL A 289 22.73 -13.13 -33.10
CA VAL A 289 22.16 -14.37 -33.65
C VAL A 289 22.56 -14.52 -35.11
N ILE A 290 22.48 -13.43 -35.87
CA ILE A 290 22.86 -13.45 -37.29
C ILE A 290 24.31 -13.91 -37.46
N VAL A 291 25.23 -13.21 -36.82
CA VAL A 291 26.64 -13.54 -37.02
C VAL A 291 26.95 -14.92 -36.47
N LEU A 292 26.20 -15.35 -35.45
CA LEU A 292 26.32 -16.70 -34.95
C LEU A 292 25.91 -17.71 -36.01
N GLN A 293 24.82 -17.42 -36.74
CA GLN A 293 24.46 -18.22 -37.91
C GLN A 293 25.63 -18.34 -38.86
N TYR A 294 26.39 -17.25 -39.02
CA TYR A 294 27.56 -17.31 -39.88
C TYR A 294 28.64 -18.22 -39.29
N HIS A 295 28.98 -18.04 -38.01
CA HIS A 295 30.11 -18.78 -37.45
C HIS A 295 29.88 -20.28 -37.53
N HIS A 296 28.69 -20.74 -37.15
CA HIS A 296 28.35 -22.16 -37.20
C HIS A 296 27.76 -22.44 -38.58
N HIS A 297 28.61 -22.96 -39.48
CA HIS A 297 28.17 -23.25 -40.83
C HIS A 297 29.03 -24.37 -41.40
N ASP A 298 28.43 -25.17 -42.29
CA ASP A 298 29.12 -26.29 -42.92
C ASP A 298 29.56 -25.90 -44.31
N PRO A 299 30.86 -25.85 -44.61
CA PRO A 299 31.29 -25.35 -45.93
C PRO A 299 30.76 -26.16 -47.11
N ASP A 300 30.68 -27.49 -46.95
CA ASP A 300 30.18 -28.31 -48.05
C ASP A 300 28.71 -27.99 -48.34
N GLY A 301 27.94 -27.60 -47.32
CA GLY A 301 26.51 -27.28 -47.48
C GLY A 301 26.24 -26.02 -48.27
N GLY A 302 26.97 -24.92 -48.04
CA GLY A 302 26.68 -23.62 -48.69
C GLY A 302 27.90 -22.75 -48.93
N LYS A 303 27.75 -21.65 -49.69
CA LYS A 303 28.85 -20.69 -49.99
C LYS A 303 28.46 -19.28 -49.55
N MET A 304 29.40 -18.48 -49.04
CA MET A 304 29.14 -17.07 -48.61
C MET A 304 28.85 -16.20 -49.85
N PRO A 305 27.96 -15.19 -49.80
CA PRO A 305 27.75 -14.29 -50.97
C PRO A 305 29.03 -13.56 -51.39
N LYS A 306 29.06 -13.01 -52.62
CA LYS A 306 30.25 -12.36 -53.16
C LYS A 306 30.34 -10.90 -52.74
N TRP A 307 29.31 -10.11 -53.08
CA TRP A 307 29.36 -8.67 -52.85
C TRP A 307 29.62 -8.35 -51.37
N THR A 308 28.81 -8.96 -50.49
CA THR A 308 29.00 -8.77 -49.06
C THR A 308 30.43 -9.13 -48.66
N ARG A 309 30.93 -10.26 -49.17
CA ARG A 309 32.26 -10.71 -48.80
C ARG A 309 33.30 -9.66 -49.15
N VAL A 310 33.30 -9.19 -50.39
CA VAL A 310 34.39 -8.32 -50.82
C VAL A 310 34.30 -6.98 -50.12
N ILE A 311 33.08 -6.44 -49.97
CA ILE A 311 32.93 -5.18 -49.25
C ILE A 311 33.44 -5.32 -47.83
N LEU A 312 33.02 -6.39 -47.15
CA LEU A 312 33.43 -6.60 -45.77
C LEU A 312 34.93 -6.80 -45.65
N LEU A 313 35.53 -7.55 -46.57
CA LEU A 313 36.96 -7.78 -46.53
C LEU A 313 37.74 -6.48 -46.70
N ASN A 314 37.32 -5.64 -47.64
CA ASN A 314 38.01 -4.37 -47.85
C ASN A 314 37.86 -3.48 -46.63
N TRP A 315 36.65 -3.39 -46.07
CA TRP A 315 36.44 -2.55 -44.90
C TRP A 315 37.26 -3.05 -43.71
N CYS A 316 37.34 -4.38 -43.54
CA CYS A 316 38.16 -4.93 -42.47
C CYS A 316 39.63 -4.61 -42.67
N ALA A 317 40.14 -4.83 -43.89
CA ALA A 317 41.55 -4.60 -44.15
C ALA A 317 41.92 -3.15 -43.86
N TRP A 318 41.06 -2.21 -44.26
CA TRP A 318 41.36 -0.81 -43.99
C TRP A 318 41.23 -0.49 -42.51
N PHE A 319 40.22 -1.04 -41.83
CA PHE A 319 40.03 -0.73 -40.43
C PHE A 319 41.17 -1.28 -39.56
N LEU A 320 41.67 -2.47 -39.88
CA LEU A 320 42.71 -3.12 -39.10
C LEU A 320 44.12 -2.82 -39.61
N ARG A 321 44.24 -2.00 -40.65
CA ARG A 321 45.54 -1.64 -41.21
C ARG A 321 46.44 -2.87 -41.38
N PRO A 483 53.26 -55.38 -56.44
CA PRO A 483 52.81 -56.33 -55.42
C PRO A 483 51.92 -55.67 -54.36
N ASP A 484 51.72 -56.35 -53.23
CA ASP A 484 50.82 -55.83 -52.19
C ASP A 484 51.28 -54.49 -51.66
N LEU A 485 52.57 -54.16 -51.79
CA LEU A 485 53.05 -52.83 -51.44
C LEU A 485 52.31 -51.76 -52.22
N ALA A 486 52.07 -52.01 -53.51
CA ALA A 486 51.27 -51.11 -54.32
C ALA A 486 49.88 -50.95 -53.73
N LYS A 487 49.34 -52.01 -53.12
CA LYS A 487 48.03 -51.92 -52.50
C LYS A 487 48.08 -51.12 -51.19
N ILE A 488 49.22 -51.17 -50.49
CA ILE A 488 49.40 -50.34 -49.30
C ILE A 488 49.36 -48.86 -49.68
N LEU A 489 50.02 -48.52 -50.78
CA LEU A 489 50.10 -47.11 -51.16
C LEU A 489 48.73 -46.51 -51.42
N GLU A 490 47.79 -47.30 -51.96
CA GLU A 490 46.45 -46.78 -52.21
C GLU A 490 45.75 -46.39 -50.91
N GLU A 491 45.86 -47.24 -49.90
CA GLU A 491 45.29 -46.95 -48.59
C GLU A 491 45.87 -45.65 -48.02
N VAL A 492 47.19 -45.54 -48.06
CA VAL A 492 47.82 -44.35 -47.50
C VAL A 492 47.38 -43.12 -48.30
N ARG A 493 47.23 -43.25 -49.62
CA ARG A 493 46.66 -42.18 -50.42
C ARG A 493 45.30 -41.78 -49.89
N TYR A 494 44.45 -42.76 -49.62
CA TYR A 494 43.09 -42.45 -49.17
C TYR A 494 43.13 -41.61 -47.89
N ILE A 495 43.90 -42.06 -46.90
CA ILE A 495 43.88 -41.35 -45.62
C ILE A 495 44.48 -39.95 -45.78
N ALA A 496 45.57 -39.85 -46.55
CA ALA A 496 46.20 -38.54 -46.73
C ALA A 496 45.25 -37.56 -47.43
N ASN A 497 44.54 -38.01 -48.46
CA ASN A 497 43.60 -37.13 -49.15
C ASN A 497 42.42 -36.78 -48.27
N ARG A 498 42.00 -37.70 -47.40
CA ARG A 498 40.97 -37.38 -46.42
C ARG A 498 41.42 -36.22 -45.54
N PHE A 499 42.66 -36.30 -45.03
CA PHE A 499 43.19 -35.21 -44.21
C PHE A 499 43.25 -33.91 -45.00
N ARG A 500 43.68 -33.98 -46.27
CA ARG A 500 43.75 -32.76 -47.08
C ARG A 500 42.38 -32.12 -47.24
N CYS A 501 41.36 -32.94 -47.52
CA CYS A 501 40.01 -32.41 -47.71
C CYS A 501 39.50 -31.74 -46.44
N GLN A 502 39.71 -32.38 -45.28
CA GLN A 502 39.22 -31.79 -44.05
C GLN A 502 39.99 -30.53 -43.69
N ASP A 503 41.28 -30.47 -44.00
CA ASP A 503 42.03 -29.22 -43.82
C ASP A 503 41.48 -28.12 -44.71
N GLU A 504 41.15 -28.44 -45.95
CA GLU A 504 40.57 -27.44 -46.85
C GLU A 504 39.24 -26.92 -46.30
N SER A 505 38.39 -27.83 -45.81
CA SER A 505 37.13 -27.39 -45.22
C SER A 505 37.39 -26.48 -44.03
N GLU A 506 38.40 -26.79 -43.23
CA GLU A 506 38.74 -25.94 -42.09
C GLU A 506 39.17 -24.56 -42.55
N ALA A 507 39.93 -24.48 -43.65
CA ALA A 507 40.34 -23.18 -44.17
C ALA A 507 39.12 -22.35 -44.60
N VAL A 508 38.18 -22.99 -45.29
CA VAL A 508 36.97 -22.29 -45.70
C VAL A 508 36.23 -21.78 -44.47
N CYS A 509 36.11 -22.63 -43.45
CA CYS A 509 35.44 -22.23 -42.21
C CYS A 509 36.15 -21.05 -41.57
N SER A 510 37.48 -21.06 -41.58
CA SER A 510 38.23 -19.95 -40.99
C SER A 510 37.96 -18.65 -41.73
N GLU A 511 37.81 -18.73 -43.06
CA GLU A 511 37.40 -17.55 -43.80
C GLU A 511 36.05 -17.04 -43.30
N TRP A 512 35.08 -17.96 -43.16
CA TRP A 512 33.79 -17.56 -42.61
C TRP A 512 33.98 -16.85 -41.28
N LYS A 513 34.81 -17.42 -40.42
CA LYS A 513 34.94 -16.92 -39.07
C LYS A 513 35.56 -15.53 -39.03
N PHE A 514 36.57 -15.28 -39.86
CA PHE A 514 37.16 -13.95 -39.91
C PHE A 514 36.12 -12.93 -40.39
N ALA A 515 35.36 -13.29 -41.42
CA ALA A 515 34.32 -12.38 -41.88
C ALA A 515 33.32 -12.09 -40.77
N ALA A 516 32.89 -13.13 -40.05
CA ALA A 516 31.89 -12.94 -39.01
C ALA A 516 32.45 -12.09 -37.87
N CYS A 517 33.70 -12.31 -37.49
CA CYS A 517 34.29 -11.52 -36.41
C CYS A 517 34.35 -10.04 -36.79
N VAL A 518 34.75 -9.75 -38.02
CA VAL A 518 34.94 -8.35 -38.38
C VAL A 518 33.59 -7.66 -38.56
N VAL A 519 32.60 -8.35 -39.12
CA VAL A 519 31.27 -7.77 -39.18
C VAL A 519 30.70 -7.57 -37.78
N ASP A 520 31.04 -8.48 -36.86
CA ASP A 520 30.63 -8.30 -35.46
C ASP A 520 31.22 -7.03 -34.89
N ARG A 521 32.49 -6.77 -35.15
CA ARG A 521 33.12 -5.54 -34.66
C ARG A 521 32.48 -4.31 -35.29
N LEU A 522 32.16 -4.38 -36.58
CA LEU A 522 31.51 -3.27 -37.25
C LEU A 522 30.14 -2.97 -36.63
N CYS A 523 29.36 -4.02 -36.34
CA CYS A 523 28.08 -3.86 -35.68
C CYS A 523 28.25 -3.28 -34.29
N LEU A 524 29.25 -3.77 -33.56
CA LEU A 524 29.59 -3.19 -32.26
C LEU A 524 29.74 -1.69 -32.37
N MET A 525 30.47 -1.24 -33.40
CA MET A 525 30.65 0.20 -33.61
C MET A 525 29.33 0.91 -33.82
N ALA A 526 28.58 0.43 -34.78
CA ALA A 526 27.37 1.13 -35.14
C ALA A 526 26.49 1.30 -33.92
N PHE A 527 26.40 0.25 -33.09
CA PHE A 527 25.60 0.40 -31.88
C PHE A 527 26.26 1.35 -30.89
N SER A 528 27.59 1.35 -30.81
CA SER A 528 28.25 2.25 -29.87
C SER A 528 27.91 3.70 -30.19
N VAL A 529 28.06 4.08 -31.46
CA VAL A 529 27.80 5.47 -31.85
C VAL A 529 26.32 5.78 -31.66
N PHE A 530 25.44 4.89 -32.11
CA PHE A 530 24.01 5.12 -31.94
C PHE A 530 23.65 5.32 -30.48
N THR A 531 24.23 4.50 -29.61
CA THR A 531 23.88 4.55 -28.19
C THR A 531 24.36 5.85 -27.55
N ILE A 532 25.61 6.23 -27.80
CA ILE A 532 26.11 7.46 -27.17
C ILE A 532 25.30 8.65 -27.68
N ILE A 533 25.07 8.73 -28.98
CA ILE A 533 24.36 9.88 -29.53
C ILE A 533 22.94 9.92 -28.97
N CYS A 534 22.29 8.76 -28.85
CA CYS A 534 20.92 8.72 -28.34
C CYS A 534 20.85 9.20 -26.89
N THR A 535 21.67 8.61 -26.02
CA THR A 535 21.61 9.00 -24.61
C THR A 535 21.92 10.48 -24.45
N ILE A 536 22.97 10.96 -25.11
CA ILE A 536 23.36 12.36 -24.98
C ILE A 536 22.22 13.26 -25.43
N GLY A 537 21.67 13.00 -26.62
CA GLY A 537 20.63 13.87 -27.14
C GLY A 537 19.39 13.89 -26.27
N ILE A 538 18.96 12.73 -25.77
CA ILE A 538 17.74 12.70 -24.99
C ILE A 538 17.93 13.43 -23.67
N LEU A 539 19.10 13.31 -23.04
CA LEU A 539 19.36 13.95 -21.72
C LEU A 539 19.83 15.40 -21.90
N MET A 540 20.10 15.87 -23.11
CA MET A 540 20.46 17.28 -23.41
C MET A 540 19.26 18.02 -24.01
N SER A 541 18.10 17.36 -24.18
CA SER A 541 16.88 17.96 -24.80
C SER A 541 16.08 18.75 -23.76
N ALA A 542 15.94 18.17 -22.55
CA ALA A 542 15.21 18.79 -21.42
C ALA A 542 15.60 20.27 -21.34
N PRO A 543 14.65 21.23 -21.30
CA PRO A 543 15.01 22.65 -21.33
C PRO A 543 15.81 23.09 -20.10
N ASN A 544 15.50 22.58 -18.91
CA ASN A 544 16.18 22.98 -17.64
C ASN A 544 17.18 21.91 -17.21
N PHE A 545 17.52 20.95 -18.07
CA PHE A 545 18.47 19.86 -17.75
C PHE A 545 19.84 20.44 -17.40
N VAL A 546 20.31 21.42 -18.17
CA VAL A 546 21.68 21.99 -17.98
C VAL A 546 21.70 22.65 -16.60
N GLU A 547 20.67 23.39 -16.23
CA GLU A 547 20.57 24.07 -14.91
C GLU A 547 20.45 23.05 -13.78
N ALA A 548 19.73 21.94 -13.98
CA ALA A 548 19.47 20.92 -12.94
C ALA A 548 20.75 20.20 -12.48
N VAL A 549 21.75 20.00 -13.34
CA VAL A 549 23.02 19.38 -12.99
C VAL A 549 23.92 20.37 -12.27
N SER A 550 23.93 21.63 -12.72
CA SER A 550 24.76 22.63 -12.07
C SER A 550 24.35 22.86 -10.62
N LYS A 551 23.07 22.68 -10.32
CA LYS A 551 22.59 22.89 -8.96
C LYS A 551 22.71 21.63 -8.09
N ASP A 552 22.24 20.49 -8.59
CA ASP A 552 22.20 19.28 -7.78
C ASP A 552 23.58 18.65 -7.64
N PHE A 553 24.34 18.58 -8.73
CA PHE A 553 25.70 18.05 -8.67
C PHE A 553 26.68 19.18 -8.38
N GLU B 1 -25.98 48.94 10.89
CA GLU B 1 -27.23 49.53 11.46
C GLU B 1 -28.48 48.82 10.93
N PHE B 2 -28.70 48.97 9.62
CA PHE B 2 -29.89 48.40 8.99
C PHE B 2 -29.80 46.89 8.92
N GLN B 3 -28.58 46.36 8.84
CA GLN B 3 -28.36 44.92 8.83
C GLN B 3 -28.89 44.25 10.09
N ARG B 4 -28.57 44.83 11.25
CA ARG B 4 -29.07 44.28 12.50
C ARG B 4 -30.58 44.19 12.49
N LYS B 5 -31.23 45.28 12.11
CA LYS B 5 -32.68 45.31 12.11
C LYS B 5 -33.25 44.28 11.15
N LEU B 6 -32.66 44.17 9.96
CA LEU B 6 -33.14 43.23 8.97
C LEU B 6 -33.00 41.79 9.46
N TYR B 7 -31.81 41.44 9.95
CA TYR B 7 -31.59 40.09 10.44
C TYR B 7 -32.52 39.76 11.60
N LYS B 8 -32.81 40.73 12.47
CA LYS B 8 -33.79 40.49 13.52
C LYS B 8 -35.17 40.21 12.93
N GLU B 9 -35.60 41.03 11.98
CA GLU B 9 -36.96 40.89 11.44
C GLU B 9 -37.12 39.56 10.73
N LEU B 10 -36.10 39.12 10.00
CA LEU B 10 -36.25 37.95 9.14
C LEU B 10 -36.39 36.66 9.93
N VAL B 11 -35.79 36.58 11.11
CA VAL B 11 -35.81 35.36 11.93
C VAL B 11 -36.79 35.49 13.10
N LYS B 12 -37.75 36.41 13.01
CA LYS B 12 -38.63 36.67 14.14
C LYS B 12 -39.47 35.44 14.49
N ASN B 13 -40.02 34.78 13.47
CA ASN B 13 -40.82 33.57 13.66
C ASN B 13 -40.45 32.47 12.68
N TYR B 14 -39.27 32.57 12.06
CA TYR B 14 -38.89 31.64 11.01
C TYR B 14 -38.65 30.24 11.57
N ASN B 15 -39.13 29.25 10.83
CA ASN B 15 -38.94 27.85 11.16
C ASN B 15 -38.19 27.16 10.03
N PRO B 16 -37.03 26.54 10.30
CA PRO B 16 -36.27 25.92 9.23
C PRO B 16 -36.79 24.57 8.77
N LEU B 17 -37.83 24.03 9.41
CA LEU B 17 -38.46 22.80 8.98
C LEU B 17 -39.62 23.03 8.02
N GLU B 18 -40.00 24.29 7.80
CA GLU B 18 -41.19 24.63 7.03
C GLU B 18 -40.78 24.94 5.61
N ARG B 19 -41.35 24.23 4.65
CA ARG B 19 -41.13 24.54 3.26
C ARG B 19 -41.65 25.94 2.96
N PRO B 20 -40.83 26.84 2.42
CA PRO B 20 -41.21 28.26 2.32
C PRO B 20 -42.08 28.60 1.10
N VAL B 21 -43.37 28.30 1.23
CA VAL B 21 -44.35 28.62 0.21
C VAL B 21 -45.50 29.36 0.88
N ALA B 22 -46.10 30.30 0.14
CA ALA B 22 -47.26 31.00 0.65
C ALA B 22 -48.45 30.07 0.79
N ASN B 23 -48.71 29.25 -0.24
CA ASN B 23 -49.78 28.27 -0.23
C ASN B 23 -49.16 26.88 -0.11
N ASP B 24 -49.48 26.20 0.99
CA ASP B 24 -48.86 24.91 1.27
C ASP B 24 -49.22 23.85 0.23
N SER B 25 -50.33 24.04 -0.49
CA SER B 25 -50.72 23.09 -1.51
C SER B 25 -49.88 23.22 -2.78
N GLN B 26 -49.46 24.43 -3.13
CA GLN B 26 -48.69 24.60 -4.34
C GLN B 26 -47.25 24.14 -4.13
N PRO B 27 -46.56 23.73 -5.18
CA PRO B 27 -45.20 23.23 -5.03
C PRO B 27 -44.17 24.35 -5.00
N LEU B 28 -42.99 23.99 -4.52
CA LEU B 28 -41.82 24.86 -4.53
C LEU B 28 -40.90 24.41 -5.64
N THR B 29 -40.55 25.33 -6.52
CA THR B 29 -39.70 25.04 -7.66
C THR B 29 -38.23 25.18 -7.25
N VAL B 30 -37.44 24.16 -7.58
CA VAL B 30 -36.02 24.12 -7.29
C VAL B 30 -35.27 23.82 -8.57
N TYR B 31 -34.38 24.74 -8.95
CA TYR B 31 -33.54 24.59 -10.12
C TYR B 31 -32.22 23.96 -9.65
N PHE B 32 -31.93 22.78 -10.17
CA PHE B 32 -30.77 22.01 -9.77
C PHE B 32 -29.87 21.83 -10.97
N SER B 33 -28.59 22.14 -10.79
CA SER B 33 -27.61 22.02 -11.86
C SER B 33 -26.33 21.48 -11.26
N LEU B 34 -25.24 21.59 -12.01
CA LEU B 34 -24.00 20.95 -11.62
C LEU B 34 -22.83 21.67 -12.25
N SER B 35 -21.62 21.52 -11.65
CA SER B 35 -20.35 22.06 -12.18
C SER B 35 -19.20 21.07 -11.94
N LEU B 36 -18.80 20.26 -12.92
CA LEU B 36 -17.71 19.30 -12.80
C LEU B 36 -16.38 20.02 -12.88
N LEU B 37 -15.43 19.60 -12.04
CA LEU B 37 -14.11 20.20 -12.08
C LEU B 37 -13.03 19.22 -12.49
N GLN B 38 -13.12 17.96 -12.10
CA GLN B 38 -12.20 16.96 -12.63
C GLN B 38 -12.65 15.57 -12.22
N ILE B 39 -12.15 14.59 -12.95
CA ILE B 39 -12.26 13.20 -12.58
C ILE B 39 -11.06 12.82 -11.72
N MET B 40 -11.36 12.21 -10.60
CA MET B 40 -10.42 11.96 -9.51
C MET B 40 -10.01 10.51 -9.42
N ASP B 41 -10.93 9.59 -9.69
CA ASP B 41 -10.57 8.18 -9.70
C ASP B 41 -11.68 7.37 -10.31
N VAL B 42 -11.37 6.28 -11.04
CA VAL B 42 -12.38 5.39 -11.68
C VAL B 42 -12.02 3.94 -11.31
N ASP B 43 -12.25 3.54 -10.05
CA ASP B 43 -11.89 2.19 -9.55
C ASP B 43 -12.78 1.14 -10.20
N GLU B 44 -12.24 -0.03 -10.54
CA GLU B 44 -13.02 -1.18 -11.11
C GLU B 44 -13.09 -2.29 -10.05
N LYS B 45 -12.27 -2.24 -9.00
CA LYS B 45 -12.25 -3.24 -7.89
C LYS B 45 -13.49 -3.09 -7.01
N ASN B 46 -13.81 -1.85 -6.61
CA ASN B 46 -14.98 -1.46 -5.77
C ASN B 46 -16.15 -0.89 -6.58
N GLN B 47 -15.99 -0.68 -7.89
CA GLN B 47 -16.92 -0.07 -8.83
C GLN B 47 -17.39 1.28 -8.30
N VAL B 48 -16.44 2.20 -8.17
CA VAL B 48 -16.67 3.52 -7.59
C VAL B 48 -16.03 4.58 -8.47
N LEU B 49 -16.77 5.64 -8.74
CA LEU B 49 -16.29 6.80 -9.48
C LEU B 49 -16.16 7.95 -8.50
N THR B 50 -14.96 8.54 -8.44
CA THR B 50 -14.65 9.65 -7.56
C THR B 50 -14.48 10.91 -8.41
N THR B 51 -15.34 11.90 -8.15
CA THR B 51 -15.42 13.15 -8.88
C THR B 51 -15.30 14.33 -7.92
N ASN B 52 -15.01 15.49 -8.49
CA ASN B 52 -15.10 16.76 -7.79
C ASN B 52 -16.15 17.62 -8.46
N ILE B 53 -17.17 18.03 -7.71
CA ILE B 53 -18.29 18.76 -8.30
C ILE B 53 -18.83 19.75 -7.29
N TRP B 54 -19.37 20.84 -7.83
CA TRP B 54 -20.11 21.83 -7.07
C TRP B 54 -21.57 21.77 -7.51
N LEU B 55 -22.45 21.52 -6.56
CA LEU B 55 -23.87 21.56 -6.83
C LEU B 55 -24.33 23.00 -6.98
N GLN B 56 -25.52 23.16 -7.54
CA GLN B 56 -26.13 24.47 -7.69
C GLN B 56 -27.62 24.32 -7.49
N MET B 57 -28.12 24.81 -6.37
CA MET B 57 -29.55 24.86 -6.11
C MET B 57 -30.01 26.30 -6.06
N SER B 58 -31.17 26.54 -6.66
CA SER B 58 -31.77 27.86 -6.68
C SER B 58 -33.25 27.70 -6.41
N TRP B 59 -33.75 28.40 -5.40
CA TRP B 59 -35.17 28.37 -5.09
C TRP B 59 -35.61 29.76 -4.67
N THR B 60 -36.85 29.86 -4.23
CA THR B 60 -37.45 31.12 -3.81
C THR B 60 -38.07 30.94 -2.43
N ASP B 61 -37.76 31.87 -1.52
CA ASP B 61 -38.28 31.86 -0.16
C ASP B 61 -39.23 33.03 0.01
N HIS B 62 -40.46 32.73 0.42
CA HIS B 62 -41.49 33.75 0.57
C HIS B 62 -41.29 34.59 1.81
N TYR B 63 -40.72 34.00 2.87
CA TYR B 63 -40.62 34.66 4.15
C TYR B 63 -39.37 35.52 4.27
N LEU B 64 -38.39 35.33 3.39
CA LEU B 64 -37.18 36.14 3.37
C LEU B 64 -37.29 37.18 2.26
N GLN B 65 -38.10 38.20 2.53
CA GLN B 65 -38.29 39.31 1.61
C GLN B 65 -38.24 40.61 2.37
N TRP B 66 -37.73 41.65 1.71
CA TRP B 66 -37.68 42.95 2.35
C TRP B 66 -37.60 44.03 1.28
N ASN B 67 -37.85 45.26 1.73
CA ASN B 67 -37.85 46.44 0.89
C ASN B 67 -36.47 47.07 0.92
N VAL B 68 -35.85 47.24 -0.25
CA VAL B 68 -34.52 47.82 -0.30
C VAL B 68 -34.55 49.27 0.16
N SER B 69 -35.60 49.99 -0.18
CA SER B 69 -35.65 51.41 0.14
C SER B 69 -35.66 51.66 1.64
N GLU B 70 -36.23 50.72 2.40
CA GLU B 70 -36.23 50.83 3.86
C GLU B 70 -34.95 50.33 4.51
N TYR B 71 -34.10 49.61 3.78
CA TYR B 71 -32.82 49.13 4.29
C TYR B 71 -31.73 49.47 3.28
N PRO B 72 -31.35 50.75 3.20
CA PRO B 72 -30.41 51.17 2.15
C PRO B 72 -29.04 50.51 2.33
N GLY B 73 -28.56 49.89 1.25
CA GLY B 73 -27.27 49.26 1.21
C GLY B 73 -27.31 47.76 1.43
N VAL B 74 -28.33 47.28 2.13
CA VAL B 74 -28.46 45.85 2.40
C VAL B 74 -29.19 45.18 1.27
N LYS B 75 -28.44 44.74 0.27
CA LYS B 75 -29.01 44.05 -0.89
C LYS B 75 -28.99 42.54 -0.77
N THR B 76 -28.24 41.99 0.18
CA THR B 76 -28.20 40.55 0.35
C THR B 76 -27.99 40.21 1.81
N VAL B 77 -28.37 38.99 2.14
CA VAL B 77 -28.09 38.41 3.45
C VAL B 77 -27.59 36.98 3.24
N ARG B 78 -26.91 36.46 4.25
CA ARG B 78 -26.35 35.13 4.21
C ARG B 78 -26.72 34.40 5.48
N PHE B 79 -27.16 33.16 5.32
CA PHE B 79 -27.59 32.38 6.45
C PHE B 79 -26.86 31.04 6.49
N PRO B 80 -26.41 30.61 7.67
CA PRO B 80 -25.75 29.30 7.77
C PRO B 80 -26.69 28.13 7.57
N ASP B 81 -26.17 26.93 7.80
CA ASP B 81 -26.90 25.72 7.48
C ASP B 81 -28.26 25.67 8.17
N GLY B 82 -28.26 25.65 9.49
CA GLY B 82 -29.47 25.30 10.23
C GLY B 82 -30.37 26.44 10.60
N GLN B 83 -30.20 27.59 9.96
CA GLN B 83 -31.01 28.76 10.27
C GLN B 83 -32.14 28.99 9.27
N ILE B 84 -32.06 28.40 8.09
CA ILE B 84 -33.14 28.47 7.12
C ILE B 84 -33.26 27.14 6.40
N TRP B 85 -34.36 27.02 5.64
CA TRP B 85 -34.70 25.78 4.97
C TRP B 85 -33.82 25.56 3.75
N LYS B 86 -33.28 24.35 3.64
CA LYS B 86 -32.63 23.87 2.44
C LYS B 86 -33.28 22.57 2.00
N PRO B 87 -33.33 22.31 0.70
CA PRO B 87 -33.92 21.06 0.24
C PRO B 87 -33.02 19.87 0.48
N ASP B 88 -33.64 18.71 0.63
CA ASP B 88 -32.95 17.45 0.91
C ASP B 88 -32.53 16.74 -0.37
N ILE B 89 -31.82 17.47 -1.22
CA ILE B 89 -31.28 16.90 -2.45
C ILE B 89 -29.97 16.21 -2.12
N LEU B 90 -29.88 14.93 -2.46
CA LEU B 90 -28.65 14.20 -2.21
C LEU B 90 -28.57 13.01 -3.12
N LEU B 91 -27.36 12.48 -3.24
CA LEU B 91 -27.03 11.44 -4.22
C LEU B 91 -27.57 10.10 -3.76
N TYR B 92 -28.48 9.53 -4.56
CA TYR B 92 -29.04 8.22 -4.24
C TYR B 92 -27.98 7.14 -4.27
N ASN B 93 -27.07 7.23 -5.24
CA ASN B 93 -26.09 6.18 -5.53
C ASN B 93 -24.72 6.50 -4.97
N SER B 94 -24.71 7.05 -3.76
CA SER B 94 -23.50 7.47 -3.00
C SER B 94 -22.84 6.25 -2.35
N ALA B 95 -21.43 6.19 -2.37
CA ALA B 95 -20.65 5.17 -1.71
C ALA B 95 -19.54 5.80 -0.87
N ASP B 96 -19.88 6.85 -0.10
CA ASP B 96 -18.86 7.73 0.45
C ASP B 96 -18.38 7.28 1.84
N GLU B 97 -19.26 6.62 2.60
CA GLU B 97 -19.07 6.28 4.02
C GLU B 97 -19.48 7.40 4.97
N ARG B 98 -19.90 8.54 4.45
CA ARG B 98 -20.62 9.54 5.23
C ARG B 98 -21.90 9.97 4.52
N PHE B 99 -22.06 9.52 3.27
CA PHE B 99 -23.26 9.60 2.44
C PHE B 99 -23.64 11.00 2.01
N ASP B 100 -23.11 12.01 2.66
CA ASP B 100 -23.25 13.38 2.19
C ASP B 100 -21.86 13.99 2.13
N ALA B 101 -21.32 14.05 0.93
CA ALA B 101 -19.95 14.49 0.71
C ALA B 101 -19.85 15.99 0.58
N THR B 102 -20.90 16.61 0.79
CA THR B 102 -20.95 18.07 0.59
C THR B 102 -20.46 18.89 1.79
N PHE B 103 -19.91 20.07 1.52
CA PHE B 103 -19.47 21.06 2.51
C PHE B 103 -20.56 22.11 2.59
N HIS B 104 -21.13 22.28 3.78
CA HIS B 104 -22.31 23.12 3.95
C HIS B 104 -21.88 24.57 4.01
N THR B 105 -21.92 25.24 2.87
CA THR B 105 -21.63 26.66 2.79
C THR B 105 -22.85 27.45 3.25
N ASN B 106 -22.81 28.76 3.05
CA ASN B 106 -23.89 29.64 3.44
C ASN B 106 -24.83 29.89 2.26
N VAL B 107 -26.06 30.25 2.59
CA VAL B 107 -27.11 30.48 1.62
C VAL B 107 -27.31 31.97 1.46
N LEU B 108 -27.29 32.44 0.22
CA LEU B 108 -27.35 33.85 -0.11
C LEU B 108 -28.75 34.21 -0.59
N VAL B 109 -29.27 35.32 -0.08
CA VAL B 109 -30.65 35.73 -0.34
C VAL B 109 -30.66 37.20 -0.73
N ASN B 110 -31.38 37.52 -1.79
CA ASN B 110 -31.60 38.88 -2.25
C ASN B 110 -33.05 39.29 -2.01
N SER B 111 -33.33 40.60 -2.05
CA SER B 111 -34.65 41.16 -1.66
C SER B 111 -35.87 40.37 -2.13
N SER B 112 -35.91 39.76 -3.38
CA SER B 112 -37.06 39.00 -3.84
C SER B 112 -37.21 37.66 -3.13
N GLY B 113 -36.20 37.23 -2.40
CA GLY B 113 -36.21 35.94 -1.74
C GLY B 113 -35.50 34.85 -2.49
N HIS B 114 -34.90 35.14 -3.63
CA HIS B 114 -34.22 34.12 -4.40
C HIS B 114 -32.98 33.65 -3.66
N CYS B 115 -32.89 32.34 -3.46
CA CYS B 115 -31.87 31.73 -2.64
C CYS B 115 -31.01 30.81 -3.48
N GLN B 116 -29.72 30.82 -3.19
CA GLN B 116 -28.67 30.32 -4.07
C GLN B 116 -27.65 29.56 -3.24
N TYR B 117 -27.45 28.28 -3.55
CA TYR B 117 -26.73 27.37 -2.67
C TYR B 117 -25.75 26.52 -3.46
N LEU B 118 -24.47 26.57 -3.07
CA LEU B 118 -23.37 25.82 -3.67
C LEU B 118 -22.67 24.93 -2.64
N PRO B 119 -23.09 23.70 -2.50
CA PRO B 119 -22.31 22.75 -1.75
C PRO B 119 -21.30 22.06 -2.64
N PRO B 120 -20.01 22.35 -2.47
CA PRO B 120 -18.99 21.59 -3.19
C PRO B 120 -18.69 20.27 -2.50
N GLY B 121 -18.00 19.35 -3.15
CA GLY B 121 -17.61 18.11 -2.44
C GLY B 121 -16.87 17.14 -3.32
N ILE B 122 -16.24 16.13 -2.73
CA ILE B 122 -15.60 15.02 -3.46
C ILE B 122 -16.63 13.89 -3.36
N PHE B 123 -17.40 13.62 -4.40
CA PHE B 123 -18.51 12.63 -4.35
C PHE B 123 -18.04 11.28 -4.87
N LYS B 124 -18.32 10.18 -4.19
CA LYS B 124 -18.00 8.82 -4.68
C LYS B 124 -19.32 8.16 -5.05
N SER B 125 -19.54 7.75 -6.29
CA SER B 125 -20.82 7.15 -6.70
C SER B 125 -20.57 5.76 -7.26
N SER B 126 -21.59 4.91 -7.26
CA SER B 126 -21.53 3.54 -7.73
C SER B 126 -21.82 3.50 -9.23
N CYS B 127 -20.89 2.95 -10.00
CA CYS B 127 -21.10 2.79 -11.43
C CYS B 127 -20.43 1.52 -11.90
N TYR B 128 -21.19 0.71 -12.64
CA TYR B 128 -20.67 -0.54 -13.20
C TYR B 128 -19.63 -0.25 -14.26
N ILE B 129 -18.44 -0.82 -14.11
CA ILE B 129 -17.37 -0.70 -15.09
C ILE B 129 -17.27 -1.99 -15.87
N ASP B 130 -17.13 -1.88 -17.19
CA ASP B 130 -16.92 -3.01 -18.07
C ASP B 130 -15.51 -2.93 -18.64
N VAL B 131 -14.67 -3.89 -18.29
CA VAL B 131 -13.28 -3.93 -18.72
C VAL B 131 -13.07 -4.99 -19.80
N ARG B 132 -14.14 -5.38 -20.49
CA ARG B 132 -14.03 -6.40 -21.51
C ARG B 132 -13.13 -5.94 -22.65
N TRP B 133 -13.19 -4.67 -23.02
CA TRP B 133 -12.42 -4.12 -24.17
C TRP B 133 -11.21 -3.35 -23.65
N PHE B 134 -10.73 -3.66 -22.44
CA PHE B 134 -9.55 -3.01 -21.89
C PHE B 134 -8.38 -3.11 -22.86
N PRO B 135 -7.60 -2.03 -23.07
CA PRO B 135 -7.76 -0.67 -22.54
C PRO B 135 -8.57 0.24 -23.44
N PHE B 136 -9.20 -0.28 -24.48
CA PHE B 136 -9.99 0.51 -25.45
C PHE B 136 -11.43 0.54 -24.96
N ASP B 137 -11.70 1.00 -23.73
CA ASP B 137 -13.05 0.91 -23.11
C ASP B 137 -13.66 2.28 -22.82
N VAL B 138 -14.95 2.49 -23.12
CA VAL B 138 -15.70 3.75 -22.80
C VAL B 138 -16.69 3.41 -21.68
N GLN B 139 -16.74 4.22 -20.62
CA GLN B 139 -17.60 4.05 -19.46
C GLN B 139 -18.65 5.14 -19.40
N HIS B 140 -19.85 4.75 -18.97
CA HIS B 140 -21.01 5.62 -18.83
C HIS B 140 -21.43 5.54 -17.38
N CYS B 141 -20.83 6.35 -16.53
CA CYS B 141 -21.08 6.30 -15.08
C CYS B 141 -22.02 7.44 -14.73
N LYS B 142 -23.13 7.12 -14.07
CA LYS B 142 -24.16 8.10 -13.82
C LYS B 142 -24.26 8.51 -12.36
N LEU B 143 -24.84 9.69 -12.18
CA LEU B 143 -25.03 10.32 -10.90
C LEU B 143 -26.49 10.70 -10.79
N LYS B 144 -27.20 10.10 -9.84
CA LYS B 144 -28.63 10.28 -9.69
C LYS B 144 -28.91 11.12 -8.46
N PHE B 145 -29.53 12.27 -8.66
CA PHE B 145 -29.87 13.20 -7.59
C PHE B 145 -31.37 13.28 -7.48
N GLY B 146 -31.85 13.40 -6.25
CA GLY B 146 -33.26 13.61 -6.02
C GLY B 146 -33.53 13.88 -4.57
N SER B 147 -34.72 14.39 -4.31
CA SER B 147 -35.14 14.60 -2.94
C SER B 147 -35.33 13.26 -2.25
N TRP B 148 -35.27 13.31 -0.92
CA TRP B 148 -35.34 12.13 -0.09
C TRP B 148 -36.72 11.92 0.53
N SER B 149 -37.51 12.98 0.69
CA SER B 149 -38.79 12.88 1.37
C SER B 149 -39.88 13.71 0.72
N TYR B 150 -39.63 14.33 -0.42
CA TYR B 150 -40.56 15.24 -1.06
C TYR B 150 -40.97 14.71 -2.42
N GLY B 151 -42.22 14.96 -2.80
CA GLY B 151 -42.72 14.61 -4.10
C GLY B 151 -42.71 15.78 -5.07
N GLY B 152 -43.18 15.50 -6.28
CA GLY B 152 -43.21 16.50 -7.32
C GLY B 152 -44.27 17.56 -7.14
N TRP B 153 -45.21 17.34 -6.24
CA TRP B 153 -46.22 18.33 -5.90
C TRP B 153 -45.82 19.18 -4.70
N SER B 154 -44.62 18.96 -4.17
CA SER B 154 -44.12 19.73 -3.04
C SER B 154 -42.74 20.28 -3.37
N LEU B 155 -42.00 19.55 -4.20
CA LEU B 155 -40.66 19.97 -4.64
C LEU B 155 -40.55 19.67 -6.13
N ASP B 156 -40.87 20.66 -6.96
CA ASP B 156 -40.82 20.51 -8.40
C ASP B 156 -39.39 20.75 -8.87
N LEU B 157 -38.61 19.68 -8.95
CA LEU B 157 -37.25 19.79 -9.46
C LEU B 157 -37.26 20.21 -10.92
N GLN B 158 -36.25 20.97 -11.33
CA GLN B 158 -36.13 21.46 -12.70
C GLN B 158 -34.68 21.23 -13.02
N MET B 159 -34.34 20.55 -14.09
CA MET B 159 -32.93 20.32 -14.37
C MET B 159 -32.47 21.42 -15.33
N GLN B 160 -31.57 22.28 -14.90
CA GLN B 160 -30.83 23.11 -15.87
C GLN B 160 -29.54 22.37 -16.18
N GLU B 161 -28.81 22.78 -17.22
CA GLU B 161 -27.58 22.12 -17.80
C GLU B 161 -26.33 22.18 -16.92
N ALA B 162 -25.41 21.22 -17.10
CA ALA B 162 -24.12 21.11 -16.37
C ALA B 162 -23.10 22.12 -16.89
N ASP B 163 -22.01 22.34 -16.15
CA ASP B 163 -20.96 23.34 -16.44
C ASP B 163 -19.59 22.69 -16.56
N ILE B 164 -18.84 22.89 -17.66
CA ILE B 164 -17.50 22.32 -17.79
C ILE B 164 -16.43 23.39 -17.94
N SER B 165 -16.79 24.66 -17.73
CA SER B 165 -15.83 25.74 -17.86
C SER B 165 -14.63 25.55 -16.92
N GLY B 166 -14.82 24.82 -15.83
CA GLY B 166 -13.77 24.58 -14.87
C GLY B 166 -13.12 23.22 -14.94
N TYR B 167 -13.41 22.44 -15.97
CA TYR B 167 -12.89 21.09 -16.05
C TYR B 167 -11.37 21.10 -16.15
N ILE B 168 -10.76 20.11 -15.51
CA ILE B 168 -9.31 19.96 -15.46
C ILE B 168 -8.97 18.54 -15.91
N PRO B 169 -8.50 18.35 -17.15
CA PRO B 169 -8.19 17.00 -17.61
C PRO B 169 -7.14 16.36 -16.72
N ASN B 170 -7.27 15.04 -16.51
CA ASN B 170 -6.45 14.35 -15.52
C ASN B 170 -5.34 13.52 -16.13
N GLY B 171 -5.47 13.09 -17.38
CA GLY B 171 -4.42 12.39 -18.08
C GLY B 171 -4.60 10.90 -18.19
N GLU B 172 -5.75 10.37 -17.77
CA GLU B 172 -6.08 8.97 -17.99
C GLU B 172 -7.47 8.76 -18.55
N TRP B 173 -8.29 9.80 -18.62
CA TRP B 173 -9.65 9.71 -19.12
C TRP B 173 -10.00 10.97 -19.89
N ASP B 174 -10.66 10.80 -21.02
CA ASP B 174 -11.11 11.89 -21.85
C ASP B 174 -12.62 12.03 -21.70
N LEU B 175 -13.07 13.24 -21.39
CA LEU B 175 -14.49 13.46 -21.11
C LEU B 175 -15.24 13.67 -22.43
N VAL B 176 -16.06 12.70 -22.78
CA VAL B 176 -16.93 12.85 -23.93
C VAL B 176 -18.03 13.86 -23.63
N GLY B 177 -18.71 13.69 -22.51
CA GLY B 177 -19.78 14.61 -22.15
C GLY B 177 -20.36 14.25 -20.81
N ILE B 178 -21.31 15.08 -20.38
CA ILE B 178 -22.02 14.90 -19.13
C ILE B 178 -23.45 15.41 -19.31
N PRO B 179 -24.27 14.73 -20.10
CA PRO B 179 -25.65 15.19 -20.30
C PRO B 179 -26.56 14.78 -19.16
N GLY B 180 -27.64 15.54 -19.03
CA GLY B 180 -28.60 15.31 -17.97
C GLY B 180 -29.97 14.93 -18.47
N LYS B 181 -30.75 14.32 -17.57
CA LYS B 181 -32.09 13.87 -17.88
C LYS B 181 -32.94 13.92 -16.62
N ARG B 182 -34.08 14.61 -16.71
CA ARG B 182 -35.06 14.63 -15.66
C ARG B 182 -36.05 13.49 -15.90
N SER B 183 -36.27 12.68 -14.87
CA SER B 183 -37.13 11.52 -14.95
C SER B 183 -38.08 11.53 -13.77
N GLU B 184 -39.15 10.73 -13.89
CA GLU B 184 -40.21 10.74 -12.90
C GLU B 184 -40.64 9.30 -12.65
N ARG B 185 -41.01 9.02 -11.40
CA ARG B 185 -41.38 7.68 -10.98
C ARG B 185 -42.70 7.72 -10.23
N PHE B 186 -43.67 6.87 -10.60
CA PHE B 186 -45.03 6.84 -10.02
C PHE B 186 -45.09 5.66 -9.06
N TYR B 187 -45.99 5.71 -8.09
CA TYR B 187 -46.13 4.67 -7.04
C TYR B 187 -47.60 4.36 -6.82
N GLU B 188 -47.90 3.22 -6.21
CA GLU B 188 -49.27 2.74 -5.93
C GLU B 188 -50.03 3.69 -5.02
N CYS B 189 -49.38 4.32 -4.04
CA CYS B 189 -50.11 5.14 -3.04
C CYS B 189 -50.94 6.25 -3.70
N CYS B 190 -50.40 6.96 -4.68
CA CYS B 190 -51.18 8.09 -5.25
C CYS B 190 -50.65 8.47 -6.63
N LYS B 191 -51.39 9.32 -7.33
CA LYS B 191 -51.14 9.88 -8.68
C LYS B 191 -49.92 10.82 -8.74
N GLU B 192 -49.49 11.42 -7.62
CA GLU B 192 -48.35 12.37 -7.58
C GLU B 192 -47.05 11.72 -8.03
N PRO B 193 -46.25 12.34 -8.91
CA PRO B 193 -44.98 11.76 -9.35
C PRO B 193 -43.72 12.16 -8.58
N TYR B 194 -42.67 11.34 -8.54
CA TYR B 194 -41.48 11.62 -7.76
C TYR B 194 -40.33 11.84 -8.72
N PRO B 195 -39.79 13.05 -8.83
CA PRO B 195 -38.81 13.33 -9.88
C PRO B 195 -37.37 13.10 -9.43
N ASP B 196 -36.49 13.13 -10.42
CA ASP B 196 -35.07 12.92 -10.20
C ASP B 196 -34.31 13.48 -11.40
N VAL B 197 -33.03 13.73 -11.18
CA VAL B 197 -32.15 14.32 -12.19
C VAL B 197 -30.91 13.46 -12.27
N THR B 198 -30.61 12.95 -13.47
CA THR B 198 -29.50 12.04 -13.66
C THR B 198 -28.52 12.64 -14.65
N PHE B 199 -27.26 12.71 -14.24
CA PHE B 199 -26.19 13.20 -15.09
C PHE B 199 -25.28 12.03 -15.44
N THR B 200 -25.06 11.81 -16.72
CA THR B 200 -24.36 10.62 -17.19
C THR B 200 -22.98 11.03 -17.70
N VAL B 201 -21.96 10.82 -16.86
CA VAL B 201 -20.59 11.12 -17.23
C VAL B 201 -20.09 10.05 -18.18
N THR B 202 -19.73 10.43 -19.39
CA THR B 202 -19.21 9.52 -20.40
C THR B 202 -17.74 9.81 -20.61
N MET B 203 -16.92 8.77 -20.59
CA MET B 203 -15.49 8.99 -20.73
C MET B 203 -14.82 7.78 -21.37
N ARG B 204 -13.76 8.05 -22.10
CA ARG B 204 -12.98 7.02 -22.79
C ARG B 204 -11.54 7.08 -22.31
N ARG B 205 -10.94 5.90 -22.18
CA ARG B 205 -9.59 5.79 -21.66
C ARG B 205 -8.57 6.24 -22.70
N ARG B 206 -7.40 6.61 -22.19
CA ARG B 206 -6.27 7.06 -23.00
C ARG B 206 -5.21 5.97 -23.01
N THR B 207 -4.81 5.55 -24.21
CA THR B 207 -4.02 4.34 -24.39
C THR B 207 -2.54 4.61 -24.62
N LEU B 208 -2.11 5.88 -24.59
CA LEU B 208 -0.72 6.19 -24.87
C LEU B 208 0.23 5.61 -23.84
N TYR B 209 -0.27 5.25 -22.65
CA TYR B 209 0.57 4.67 -21.62
C TYR B 209 0.67 3.15 -21.78
N TYR B 210 -0.47 2.46 -21.80
CA TYR B 210 -0.45 1.01 -21.94
C TYR B 210 0.09 0.60 -23.30
N GLY B 211 -0.12 1.43 -24.33
CA GLY B 211 0.32 1.06 -25.66
C GLY B 211 1.82 0.84 -25.74
N LEU B 212 2.61 1.74 -25.14
CA LEU B 212 4.06 1.68 -25.25
C LEU B 212 4.76 1.39 -23.93
N ASN B 213 4.03 0.85 -22.95
CA ASN B 213 4.63 0.31 -21.74
C ASN B 213 4.17 -1.10 -21.41
N LEU B 214 3.11 -1.59 -22.07
CA LEU B 214 2.64 -2.96 -21.88
C LEU B 214 2.66 -3.79 -23.14
N LEU B 215 2.62 -3.18 -24.32
CA LEU B 215 2.48 -3.90 -25.56
C LEU B 215 3.73 -3.88 -26.43
N ILE B 216 4.67 -2.97 -26.18
CA ILE B 216 5.95 -2.96 -26.88
C ILE B 216 6.85 -4.02 -26.27
N PRO B 217 7.02 -4.04 -24.94
CA PRO B 217 7.84 -5.11 -24.35
C PRO B 217 7.33 -6.50 -24.66
N CYS B 218 6.01 -6.70 -24.66
CA CYS B 218 5.46 -8.01 -24.96
C CYS B 218 5.78 -8.43 -26.39
N VAL B 219 5.65 -7.49 -27.33
CA VAL B 219 5.92 -7.80 -28.73
C VAL B 219 7.41 -8.12 -28.92
N LEU B 220 8.28 -7.34 -28.29
CA LEU B 220 9.71 -7.62 -28.39
C LEU B 220 10.05 -8.97 -27.79
N ILE B 221 9.44 -9.31 -26.66
CA ILE B 221 9.69 -10.60 -26.02
C ILE B 221 9.22 -11.73 -26.93
N SER B 222 8.04 -11.58 -27.53
CA SER B 222 7.53 -12.62 -28.41
C SER B 222 8.43 -12.79 -29.64
N ALA B 223 8.90 -11.68 -30.20
CA ALA B 223 9.81 -11.76 -31.34
C ALA B 223 11.10 -12.49 -30.95
N LEU B 224 11.67 -12.14 -29.80
CA LEU B 224 12.88 -12.84 -29.36
C LEU B 224 12.61 -14.32 -29.15
N ALA B 225 11.42 -14.66 -28.66
CA ALA B 225 11.08 -16.08 -28.52
C ALA B 225 11.06 -16.78 -29.87
N LEU B 226 10.47 -16.14 -30.87
CA LEU B 226 10.49 -16.71 -32.22
C LEU B 226 11.91 -16.81 -32.74
N LEU B 227 12.79 -15.95 -32.24
CA LEU B 227 14.17 -15.90 -32.73
C LEU B 227 14.93 -17.19 -32.52
N VAL B 228 14.49 -18.04 -31.58
CA VAL B 228 15.27 -19.22 -31.23
C VAL B 228 15.45 -20.14 -32.43
N PHE B 229 14.46 -20.20 -33.32
CA PHE B 229 14.52 -21.18 -34.40
C PHE B 229 15.69 -20.90 -35.34
N LEU B 230 15.96 -19.62 -35.64
CA LEU B 230 17.08 -19.29 -36.50
C LEU B 230 18.40 -19.79 -35.91
N LEU B 231 18.48 -19.85 -34.60
CA LEU B 231 19.73 -20.16 -33.94
C LEU B 231 20.14 -21.60 -34.26
N PRO B 232 21.38 -21.84 -34.69
CA PRO B 232 21.81 -23.22 -34.96
C PRO B 232 21.89 -24.05 -33.68
N ALA B 233 21.66 -25.35 -33.84
CA ALA B 233 21.69 -26.26 -32.70
C ALA B 233 23.10 -26.48 -32.17
N ASP B 234 24.11 -26.38 -33.03
CA ASP B 234 25.50 -26.55 -32.57
C ASP B 234 25.77 -25.65 -31.38
N SER B 235 25.28 -24.41 -31.43
CA SER B 235 25.35 -23.50 -30.30
C SER B 235 24.37 -23.96 -29.23
N GLY B 236 24.88 -24.34 -28.07
CA GLY B 236 24.02 -24.80 -26.99
C GLY B 236 23.34 -23.63 -26.31
N GLU B 237 22.54 -22.89 -27.06
CA GLU B 237 21.92 -21.67 -26.56
C GLU B 237 20.44 -21.54 -26.91
N LYS B 238 19.86 -22.51 -27.62
CA LYS B 238 18.46 -22.39 -28.01
C LYS B 238 17.54 -22.54 -26.81
N ILE B 239 17.75 -23.59 -26.01
CA ILE B 239 16.98 -23.77 -24.80
C ILE B 239 17.22 -22.62 -23.84
N SER B 240 18.48 -22.20 -23.72
CA SER B 240 18.81 -21.06 -22.87
C SER B 240 17.97 -19.85 -23.26
N LEU B 241 17.98 -19.51 -24.55
CA LEU B 241 17.25 -18.34 -25.00
C LEU B 241 15.75 -18.48 -24.76
N GLY B 242 15.17 -19.61 -25.15
CA GLY B 242 13.73 -19.77 -25.03
C GLY B 242 13.27 -19.69 -23.57
N ILE B 243 13.96 -20.41 -22.69
CA ILE B 243 13.53 -20.45 -21.30
C ILE B 243 13.78 -19.11 -20.62
N THR B 244 14.88 -18.43 -20.98
CA THR B 244 15.12 -17.11 -20.42
C THR B 244 14.06 -16.13 -20.87
N VAL B 245 13.62 -16.23 -22.13
CA VAL B 245 12.55 -15.37 -22.61
C VAL B 245 11.27 -15.63 -21.85
N LEU B 246 10.96 -16.91 -21.60
CA LEU B 246 9.78 -17.22 -20.80
C LEU B 246 9.89 -16.63 -19.40
N LEU B 247 11.08 -16.69 -18.81
CA LEU B 247 11.29 -16.10 -17.49
C LEU B 247 11.09 -14.59 -17.52
N SER B 248 11.56 -13.93 -18.58
CA SER B 248 11.36 -12.49 -18.70
C SER B 248 9.87 -12.17 -18.82
N LEU B 249 9.12 -13.00 -19.56
CA LEU B 249 7.68 -12.82 -19.63
C LEU B 249 7.03 -13.01 -18.27
N THR B 250 7.48 -14.03 -17.53
CA THR B 250 6.97 -14.24 -16.18
C THR B 250 7.18 -13.01 -15.31
N VAL B 251 8.35 -12.38 -15.42
CA VAL B 251 8.60 -11.15 -14.67
C VAL B 251 7.66 -10.04 -15.15
N PHE B 252 7.51 -9.90 -16.47
CA PHE B 252 6.63 -8.89 -17.03
C PHE B 252 5.22 -9.03 -16.47
N MET B 253 4.82 -10.26 -16.14
CA MET B 253 3.50 -10.48 -15.56
C MET B 253 3.30 -9.72 -14.26
N LEU B 254 4.37 -9.34 -13.57
CA LEU B 254 4.20 -8.57 -12.33
C LEU B 254 3.68 -7.17 -12.61
N LEU B 255 4.34 -6.44 -13.50
CA LEU B 255 3.82 -5.16 -13.97
C LEU B 255 2.41 -5.34 -14.49
N VAL B 256 2.24 -6.35 -15.35
CA VAL B 256 0.96 -6.58 -15.99
C VAL B 256 -0.14 -6.74 -14.95
N ALA B 257 0.13 -7.52 -13.90
CA ALA B 257 -0.86 -7.73 -12.85
C ALA B 257 -1.14 -6.44 -12.09
N GLU B 258 -0.10 -5.73 -11.66
CA GLU B 258 -0.34 -4.53 -10.88
C GLU B 258 -1.08 -3.46 -11.69
N ILE B 259 -1.11 -3.59 -13.02
CA ILE B 259 -1.73 -2.56 -13.85
C ILE B 259 -3.13 -2.94 -14.34
N MET B 260 -3.56 -4.19 -14.20
CA MET B 260 -4.82 -4.64 -14.75
C MET B 260 -5.90 -4.70 -13.69
N PRO B 261 -7.15 -4.93 -14.10
CA PRO B 261 -8.21 -5.21 -13.15
C PRO B 261 -8.36 -6.70 -12.86
N ALA B 262 -8.87 -6.99 -11.67
CA ALA B 262 -9.16 -8.37 -11.24
C ALA B 262 -10.67 -8.54 -11.24
N THR B 263 -11.21 -8.93 -12.39
CA THR B 263 -12.63 -9.14 -12.57
C THR B 263 -12.88 -10.52 -13.17
N SER B 264 -13.93 -11.18 -12.68
CA SER B 264 -14.34 -12.48 -13.19
C SER B 264 -15.61 -12.41 -14.03
N ASP B 265 -16.16 -11.20 -14.23
CA ASP B 265 -17.33 -11.05 -15.08
C ASP B 265 -17.01 -11.13 -16.56
N SER B 266 -15.75 -10.90 -16.94
CA SER B 266 -15.35 -10.93 -18.34
C SER B 266 -13.84 -11.09 -18.41
N VAL B 267 -13.35 -11.28 -19.63
CA VAL B 267 -11.94 -11.48 -19.90
C VAL B 267 -11.41 -10.22 -20.59
N PRO B 268 -10.58 -9.42 -19.92
CA PRO B 268 -9.99 -8.27 -20.61
C PRO B 268 -9.17 -8.69 -21.82
N LEU B 269 -9.12 -7.78 -22.79
CA LEU B 269 -8.48 -8.10 -24.07
C LEU B 269 -7.01 -8.49 -23.88
N ILE B 270 -6.25 -7.64 -23.18
CA ILE B 270 -4.82 -7.90 -23.07
C ILE B 270 -4.54 -9.15 -22.24
N ALA B 271 -5.49 -9.60 -21.43
CA ALA B 271 -5.34 -10.90 -20.80
C ALA B 271 -5.27 -12.00 -21.85
N GLN B 272 -6.16 -11.93 -22.85
CA GLN B 272 -6.09 -12.87 -23.96
C GLN B 272 -4.82 -12.69 -24.76
N TYR B 273 -4.41 -11.43 -24.96
CA TYR B 273 -3.16 -11.16 -25.67
C TYR B 273 -1.98 -11.85 -25.00
N PHE B 274 -1.85 -11.66 -23.68
CA PHE B 274 -0.74 -12.25 -22.95
C PHE B 274 -0.86 -13.76 -22.87
N ALA B 275 -2.08 -14.29 -22.77
CA ALA B 275 -2.24 -15.74 -22.80
C ALA B 275 -1.75 -16.31 -24.13
N SER B 276 -2.13 -15.67 -25.24
CA SER B 276 -1.68 -16.13 -26.55
C SER B 276 -0.17 -16.06 -26.65
N THR B 277 0.43 -14.97 -26.16
CA THR B 277 1.89 -14.85 -26.18
C THR B 277 2.54 -15.96 -25.38
N MET B 278 2.01 -16.24 -24.18
CA MET B 278 2.56 -17.29 -23.34
C MET B 278 2.48 -18.65 -24.02
N ILE B 279 1.33 -18.96 -24.60
CA ILE B 279 1.18 -20.25 -25.28
C ILE B 279 2.15 -20.36 -26.43
N ILE B 280 2.29 -19.28 -27.22
CA ILE B 280 3.19 -19.31 -28.35
C ILE B 280 4.62 -19.57 -27.89
N VAL B 281 5.06 -18.87 -26.85
CA VAL B 281 6.43 -19.04 -26.36
C VAL B 281 6.65 -20.47 -25.87
N GLY B 282 5.69 -20.99 -25.10
CA GLY B 282 5.85 -22.34 -24.57
C GLY B 282 5.92 -23.38 -25.66
N LEU B 283 5.05 -23.27 -26.67
CA LEU B 283 5.10 -24.23 -27.77
C LEU B 283 6.37 -24.07 -28.59
N SER B 284 6.92 -22.85 -28.66
CA SER B 284 8.22 -22.67 -29.29
C SER B 284 9.29 -23.47 -28.54
N VAL B 285 9.26 -23.41 -27.22
CA VAL B 285 10.20 -24.19 -26.41
C VAL B 285 10.04 -25.68 -26.72
N VAL B 286 8.80 -26.15 -26.76
CA VAL B 286 8.55 -27.57 -27.02
C VAL B 286 9.11 -27.97 -28.38
N VAL B 287 8.85 -27.16 -29.40
CA VAL B 287 9.25 -27.50 -30.76
C VAL B 287 10.77 -27.53 -30.87
N THR B 288 11.45 -26.55 -30.26
CA THR B 288 12.90 -26.57 -30.32
C THR B 288 13.46 -27.78 -29.58
N VAL B 289 12.80 -28.21 -28.50
CA VAL B 289 13.21 -29.45 -27.84
C VAL B 289 13.11 -30.62 -28.81
N ILE B 290 12.01 -30.68 -29.56
CA ILE B 290 11.80 -31.75 -30.54
C ILE B 290 12.95 -31.78 -31.55
N VAL B 291 13.17 -30.66 -32.24
CA VAL B 291 14.18 -30.66 -33.29
C VAL B 291 15.56 -30.87 -32.70
N LEU B 292 15.76 -30.46 -31.45
CA LEU B 292 17.00 -30.75 -30.75
C LEU B 292 17.18 -32.25 -30.56
N GLN B 293 16.10 -32.94 -30.19
CA GLN B 293 16.12 -34.40 -30.16
C GLN B 293 16.58 -34.94 -31.49
N TYR B 294 16.17 -34.31 -32.59
CA TYR B 294 16.65 -34.76 -33.90
C TYR B 294 18.14 -34.50 -34.08
N HIS B 295 18.60 -33.29 -33.77
CA HIS B 295 19.99 -32.95 -34.07
C HIS B 295 20.95 -33.87 -33.33
N HIS B 296 20.72 -34.09 -32.04
CA HIS B 296 21.55 -34.98 -31.24
C HIS B 296 20.99 -36.40 -31.36
N HIS B 297 21.59 -37.19 -32.24
CA HIS B 297 21.13 -38.55 -32.45
C HIS B 297 22.29 -39.40 -32.95
N ASP B 298 22.25 -40.69 -32.61
CA ASP B 298 23.29 -41.63 -33.00
C ASP B 298 22.83 -42.44 -34.20
N PRO B 299 23.47 -42.34 -35.36
CA PRO B 299 22.93 -43.04 -36.55
C PRO B 299 22.86 -44.55 -36.39
N ASP B 300 23.84 -45.16 -35.72
CA ASP B 300 23.81 -46.61 -35.54
C ASP B 300 22.62 -47.04 -34.69
N GLY B 301 22.21 -46.18 -33.75
CA GLY B 301 21.08 -46.48 -32.85
C GLY B 301 19.73 -46.52 -33.54
N GLY B 302 19.40 -45.57 -34.43
CA GLY B 302 18.07 -45.48 -35.05
C GLY B 302 18.06 -44.91 -36.46
N LYS B 303 16.92 -44.98 -37.16
CA LYS B 303 16.75 -44.45 -38.55
C LYS B 303 15.60 -43.43 -38.58
N MET B 304 15.73 -42.36 -39.38
CA MET B 304 14.66 -41.33 -39.54
C MET B 304 13.46 -41.94 -40.27
N PRO B 305 12.18 -41.58 -39.97
CA PRO B 305 11.03 -42.09 -40.74
C PRO B 305 11.10 -41.74 -42.24
N LYS B 306 10.33 -42.43 -43.08
CA LYS B 306 10.38 -42.23 -44.53
C LYS B 306 9.48 -41.09 -44.98
N TRP B 307 8.17 -41.20 -44.66
CA TRP B 307 7.21 -40.23 -45.16
C TRP B 307 7.58 -38.81 -44.76
N THR B 308 7.83 -38.61 -43.46
CA THR B 308 8.25 -37.31 -42.98
C THR B 308 9.48 -36.83 -43.74
N ARG B 309 10.45 -37.72 -43.92
CA ARG B 309 11.69 -37.34 -44.58
C ARG B 309 11.43 -36.81 -45.98
N VAL B 310 10.68 -37.56 -46.77
CA VAL B 310 10.53 -37.19 -48.18
C VAL B 310 9.70 -35.92 -48.30
N ILE B 311 8.64 -35.80 -47.51
CA ILE B 311 7.82 -34.59 -47.55
C ILE B 311 8.67 -33.39 -47.17
N LEU B 312 9.44 -33.51 -46.09
CA LEU B 312 10.27 -32.40 -45.62
C LEU B 312 11.33 -32.04 -46.65
N LEU B 313 11.96 -33.05 -47.26
CA LEU B 313 12.99 -32.79 -48.26
C LEU B 313 12.43 -32.05 -49.47
N ASN B 314 11.26 -32.47 -49.95
CA ASN B 314 10.65 -31.79 -51.08
C ASN B 314 10.29 -30.36 -50.73
N TRP B 315 9.68 -30.15 -49.55
CA TRP B 315 9.30 -28.81 -49.14
C TRP B 315 10.52 -27.91 -49.00
N CYS B 316 11.61 -28.46 -48.44
CA CYS B 316 12.84 -27.69 -48.32
C CYS B 316 13.40 -27.33 -49.68
N ALA B 317 13.49 -28.31 -50.58
CA ALA B 317 14.07 -28.04 -51.89
C ALA B 317 13.30 -26.95 -52.62
N TRP B 318 11.97 -26.99 -52.52
CA TRP B 318 11.18 -25.96 -53.19
C TRP B 318 11.31 -24.61 -52.49
N PHE B 319 11.35 -24.60 -51.15
CA PHE B 319 11.46 -23.34 -50.44
C PHE B 319 12.80 -22.65 -50.66
N LEU B 320 13.88 -23.43 -50.73
CA LEU B 320 15.22 -22.88 -50.88
C LEU B 320 15.68 -22.80 -52.33
N ARG B 321 14.82 -23.17 -53.28
CA ARG B 321 15.14 -23.12 -54.70
C ARG B 321 16.52 -23.69 -54.99
N PRO B 483 54.96 -62.21 -46.64
CA PRO B 483 55.71 -61.99 -45.40
C PRO B 483 55.03 -61.00 -44.46
N ASP B 484 55.77 -60.50 -43.47
CA ASP B 484 55.19 -59.60 -42.47
C ASP B 484 54.61 -58.33 -43.10
N LEU B 485 55.10 -57.96 -44.29
CA LEU B 485 54.50 -56.85 -45.02
C LEU B 485 53.01 -57.10 -45.26
N ALA B 486 52.67 -58.33 -45.63
CA ALA B 486 51.27 -58.71 -45.76
C ALA B 486 50.51 -58.48 -44.46
N LYS B 487 51.17 -58.67 -43.32
CA LYS B 487 50.53 -58.44 -42.04
C LYS B 487 50.38 -56.94 -41.75
N ILE B 488 51.30 -56.13 -42.26
CA ILE B 488 51.17 -54.68 -42.14
C ILE B 488 49.93 -54.21 -42.90
N LEU B 489 49.72 -54.76 -44.09
CA LEU B 489 48.60 -54.29 -44.91
C LEU B 489 47.26 -54.52 -44.21
N GLU B 490 47.11 -55.60 -43.44
CA GLU B 490 45.86 -55.86 -42.74
C GLU B 490 45.57 -54.77 -41.73
N GLU B 491 46.58 -54.37 -40.96
CA GLU B 491 46.43 -53.29 -39.99
C GLU B 491 45.99 -52.01 -40.68
N VAL B 492 46.67 -51.65 -41.76
CA VAL B 492 46.32 -50.42 -42.44
C VAL B 492 44.91 -50.51 -42.99
N ARG B 493 44.51 -51.69 -43.47
CA ARG B 493 43.12 -51.90 -43.87
C ARG B 493 42.19 -51.59 -42.71
N TYR B 494 42.50 -52.10 -41.52
CA TYR B 494 41.60 -51.90 -40.39
C TYR B 494 41.40 -50.41 -40.13
N ILE B 495 42.50 -49.66 -40.03
CA ILE B 495 42.37 -48.25 -39.67
C ILE B 495 41.63 -47.49 -40.77
N ALA B 496 41.94 -47.79 -42.05
CA ALA B 496 41.28 -47.09 -43.14
C ALA B 496 39.78 -47.36 -43.13
N ASN B 497 39.39 -48.61 -42.93
CA ASN B 497 37.96 -48.93 -42.91
C ASN B 497 37.27 -48.32 -41.69
N ARG B 498 37.98 -48.21 -40.56
CA ARG B 498 37.44 -47.48 -39.42
C ARG B 498 37.12 -46.05 -39.80
N PHE B 499 38.07 -45.38 -40.46
CA PHE B 499 37.82 -44.01 -40.91
C PHE B 499 36.64 -43.94 -41.87
N ARG B 500 36.55 -44.89 -42.80
CA ARG B 500 35.43 -44.88 -43.74
C ARG B 500 34.10 -45.02 -43.02
N CYS B 501 34.03 -45.92 -42.04
CA CYS B 501 32.78 -46.13 -41.32
C CYS B 501 32.37 -44.88 -40.55
N GLN B 502 33.33 -44.22 -39.89
CA GLN B 502 33.00 -43.03 -39.14
C GLN B 502 32.62 -41.87 -40.05
N ASP B 503 33.24 -41.78 -41.24
CA ASP B 503 32.81 -40.77 -42.22
C ASP B 503 31.37 -41.04 -42.69
N GLU B 504 31.04 -42.30 -42.92
CA GLU B 504 29.67 -42.65 -43.31
C GLU B 504 28.66 -42.24 -42.23
N SER B 505 28.98 -42.54 -40.97
CA SER B 505 28.12 -42.13 -39.88
C SER B 505 27.96 -40.62 -39.85
N GLU B 506 29.05 -39.88 -40.11
CA GLU B 506 28.97 -38.43 -40.15
C GLU B 506 28.03 -37.96 -41.27
N ALA B 507 28.08 -38.63 -42.42
CA ALA B 507 27.19 -38.27 -43.52
C ALA B 507 25.73 -38.46 -43.13
N VAL B 508 25.44 -39.59 -42.48
CA VAL B 508 24.07 -39.85 -42.03
C VAL B 508 23.63 -38.76 -41.06
N CYS B 509 24.51 -38.42 -40.12
CA CYS B 509 24.21 -37.36 -39.15
C CYS B 509 23.95 -36.03 -39.85
N SER B 510 24.74 -35.73 -40.88
CA SER B 510 24.55 -34.48 -41.61
C SER B 510 23.18 -34.44 -42.29
N GLU B 511 22.74 -35.60 -42.81
CA GLU B 511 21.38 -35.67 -43.33
C GLU B 511 20.36 -35.32 -42.24
N TRP B 512 20.53 -35.93 -41.06
CA TRP B 512 19.64 -35.60 -39.94
C TRP B 512 19.63 -34.09 -39.72
N LYS B 513 20.82 -33.49 -39.71
CA LYS B 513 20.95 -32.10 -39.34
C LYS B 513 20.30 -31.18 -40.36
N PHE B 514 20.44 -31.48 -41.65
CA PHE B 514 19.78 -30.65 -42.65
C PHE B 514 18.26 -30.75 -42.51
N ALA B 515 17.75 -31.97 -42.29
CA ALA B 515 16.32 -32.11 -42.08
C ALA B 515 15.86 -31.30 -40.87
N ALA B 516 16.60 -31.38 -39.77
CA ALA B 516 16.21 -30.67 -38.56
C ALA B 516 16.25 -29.17 -38.77
N CYS B 517 17.28 -28.67 -39.44
CA CYS B 517 17.37 -27.23 -39.69
C CYS B 517 16.18 -26.74 -40.52
N VAL B 518 15.82 -27.47 -41.56
CA VAL B 518 14.77 -26.98 -42.44
C VAL B 518 13.40 -27.08 -41.77
N VAL B 519 13.17 -28.15 -41.00
CA VAL B 519 11.92 -28.21 -40.25
C VAL B 519 11.89 -27.11 -39.19
N ASP B 520 13.05 -26.76 -38.63
CA ASP B 520 13.11 -25.64 -37.69
C ASP B 520 12.69 -24.34 -38.38
N ARG B 521 13.16 -24.11 -39.59
CA ARG B 521 12.78 -22.91 -40.33
C ARG B 521 11.28 -22.92 -40.63
N LEU B 522 10.74 -24.08 -41.01
CA LEU B 522 9.31 -24.20 -41.28
C LEU B 522 8.49 -23.86 -40.03
N CYS B 523 8.90 -24.38 -38.88
CA CYS B 523 8.23 -24.07 -37.62
C CYS B 523 8.34 -22.59 -37.29
N LEU B 524 9.52 -22.01 -37.50
CA LEU B 524 9.69 -20.57 -37.36
C LEU B 524 8.63 -19.83 -38.13
N MET B 525 8.41 -20.24 -39.38
CA MET B 525 7.37 -19.60 -40.20
C MET B 525 6.01 -19.71 -39.57
N ALA B 526 5.61 -20.94 -39.28
CA ALA B 526 4.27 -21.14 -38.81
C ALA B 526 4.01 -20.28 -37.60
N PHE B 527 4.99 -20.18 -36.70
CA PHE B 527 4.78 -19.32 -35.53
C PHE B 527 4.78 -17.86 -35.94
N SER B 528 5.59 -17.47 -36.92
CA SER B 528 5.60 -16.06 -37.31
C SER B 528 4.22 -15.63 -37.80
N VAL B 529 3.62 -16.42 -38.70
CA VAL B 529 2.32 -16.06 -39.24
C VAL B 529 1.27 -16.10 -38.14
N PHE B 530 1.28 -17.15 -37.33
CA PHE B 530 0.31 -17.24 -36.23
C PHE B 530 0.41 -16.04 -35.31
N THR B 531 1.63 -15.63 -34.99
CA THR B 531 1.84 -14.54 -34.05
C THR B 531 1.35 -13.21 -34.62
N ILE B 532 1.72 -12.90 -35.87
CA ILE B 532 1.30 -11.61 -36.43
C ILE B 532 -0.22 -11.58 -36.54
N ILE B 533 -0.82 -12.66 -37.04
CA ILE B 533 -2.27 -12.66 -37.21
C ILE B 533 -2.97 -12.53 -35.86
N CYS B 534 -2.45 -13.21 -34.84
CA CYS B 534 -3.06 -13.16 -33.51
C CYS B 534 -3.01 -11.74 -32.94
N THR B 535 -1.81 -11.15 -32.89
CA THR B 535 -1.69 -9.82 -32.31
C THR B 535 -2.58 -8.83 -33.06
N ILE B 536 -2.51 -8.85 -34.40
CA ILE B 536 -3.28 -7.90 -35.19
C ILE B 536 -4.76 -8.06 -34.90
N GLY B 537 -5.27 -9.29 -34.96
CA GLY B 537 -6.69 -9.51 -34.76
C GLY B 537 -7.16 -9.10 -33.38
N ILE B 538 -6.39 -9.42 -32.35
CA ILE B 538 -6.84 -9.10 -31.00
C ILE B 538 -6.86 -7.59 -30.78
N LEU B 539 -5.89 -6.85 -31.33
CA LEU B 539 -5.81 -5.39 -31.13
C LEU B 539 -6.67 -4.64 -32.16
N MET B 540 -7.23 -5.32 -33.16
CA MET B 540 -8.16 -4.72 -34.15
C MET B 540 -9.61 -5.10 -33.82
N SER B 541 -9.86 -5.87 -32.74
CA SER B 541 -11.21 -6.35 -32.35
C SER B 541 -11.94 -5.29 -31.53
N ALA B 542 -11.23 -4.64 -30.61
CA ALA B 542 -11.76 -3.57 -29.72
C ALA B 542 -12.61 -2.62 -30.56
N PRO B 543 -13.87 -2.31 -30.21
CA PRO B 543 -14.73 -1.49 -31.06
C PRO B 543 -14.20 -0.07 -31.27
N ASN B 544 -13.64 0.56 -30.22
CA ASN B 544 -13.14 1.97 -30.28
C ASN B 544 -11.61 1.98 -30.42
N PHE B 545 -10.96 0.85 -30.71
CA PHE B 545 -9.49 0.77 -30.85
C PHE B 545 -9.01 1.70 -31.97
N VAL B 546 -9.70 1.70 -33.11
CA VAL B 546 -9.25 2.49 -34.29
C VAL B 546 -9.30 3.97 -33.89
N GLU B 547 -10.35 4.41 -33.20
CA GLU B 547 -10.51 5.82 -32.75
C GLU B 547 -9.45 6.17 -31.69
N ALA B 548 -9.12 5.23 -30.79
CA ALA B 548 -8.18 5.47 -29.66
C ALA B 548 -6.75 5.77 -30.14
N VAL B 549 -6.28 5.21 -31.25
CA VAL B 549 -4.96 5.48 -31.80
C VAL B 549 -4.94 6.81 -32.55
N SER B 550 -6.02 7.12 -33.28
CA SER B 550 -6.07 8.38 -34.01
C SER B 550 -6.03 9.56 -33.07
N LYS B 551 -6.55 9.42 -31.85
CA LYS B 551 -6.57 10.51 -30.89
C LYS B 551 -5.29 10.57 -30.06
N ASP B 552 -4.87 9.44 -29.48
CA ASP B 552 -3.74 9.44 -28.56
C ASP B 552 -2.42 9.57 -29.30
N PHE B 553 -2.26 8.82 -30.40
CA PHE B 553 -1.04 8.93 -31.20
C PHE B 553 -1.22 9.99 -32.28
N GLU C 1 -48.05 28.78 6.10
CA GLU C 1 -49.05 29.25 7.11
C GLU C 1 -49.44 28.14 8.08
N PHE C 2 -50.10 27.11 7.54
CA PHE C 2 -50.57 26.01 8.36
C PHE C 2 -49.43 25.15 8.86
N GLN C 3 -48.34 25.10 8.09
CA GLN C 3 -47.15 24.36 8.49
C GLN C 3 -46.57 24.89 9.80
N ARG C 4 -46.44 26.21 9.91
CA ARG C 4 -45.91 26.79 11.13
C ARG C 4 -46.75 26.36 12.33
N LYS C 5 -48.07 26.48 12.20
CA LYS C 5 -48.96 26.15 13.30
C LYS C 5 -48.83 24.68 13.66
N LEU C 6 -48.78 23.82 12.65
CA LEU C 6 -48.68 22.39 12.90
C LEU C 6 -47.39 22.04 13.61
N TYR C 7 -46.27 22.53 13.09
CA TYR C 7 -44.98 22.24 13.69
C TYR C 7 -44.91 22.75 15.13
N LYS C 8 -45.52 23.91 15.40
CA LYS C 8 -45.59 24.39 16.77
C LYS C 8 -46.39 23.43 17.65
N GLU C 9 -47.56 23.01 17.18
CA GLU C 9 -48.43 22.17 18.00
C GLU C 9 -47.76 20.83 18.31
N LEU C 10 -47.07 20.26 17.32
CA LEU C 10 -46.57 18.90 17.47
C LEU C 10 -45.45 18.80 18.49
N VAL C 11 -44.65 19.84 18.66
CA VAL C 11 -43.51 19.83 19.57
C VAL C 11 -43.81 20.61 20.84
N LYS C 12 -45.09 20.79 21.18
CA LYS C 12 -45.44 21.63 22.32
C LYS C 12 -44.91 21.03 23.62
N ASN C 13 -45.07 19.71 23.80
CA ASN C 13 -44.60 19.03 25.00
C ASN C 13 -43.86 17.73 24.64
N TYR C 14 -43.45 17.57 23.40
CA TYR C 14 -42.88 16.32 22.94
C TYR C 14 -41.51 16.06 23.60
N ASN C 15 -41.29 14.82 23.99
CA ASN C 15 -40.05 14.36 24.57
C ASN C 15 -39.45 13.27 23.69
N PRO C 16 -38.23 13.43 23.19
CA PRO C 16 -37.65 12.42 22.30
C PRO C 16 -37.11 11.19 23.02
N LEU C 17 -37.14 11.16 24.35
CA LEU C 17 -36.73 9.98 25.10
C LEU C 17 -37.89 9.06 25.42
N GLU C 18 -39.12 9.47 25.11
CA GLU C 18 -40.32 8.75 25.49
C GLU C 18 -40.77 7.88 24.33
N ARG C 19 -40.88 6.58 24.58
CA ARG C 19 -41.43 5.69 23.58
C ARG C 19 -42.87 6.09 23.28
N PRO C 20 -43.22 6.34 22.02
CA PRO C 20 -44.52 6.93 21.70
C PRO C 20 -45.67 5.94 21.62
N VAL C 21 -46.18 5.55 22.79
CA VAL C 21 -47.33 4.67 22.91
C VAL C 21 -48.35 5.33 23.83
N ALA C 22 -49.62 5.09 23.55
CA ALA C 22 -50.67 5.61 24.41
C ALA C 22 -50.64 4.92 25.77
N ASN C 23 -50.51 3.59 25.77
CA ASN C 23 -50.44 2.80 26.98
C ASN C 23 -49.00 2.29 27.12
N ASP C 24 -48.33 2.73 28.20
CA ASP C 24 -46.92 2.40 28.37
C ASP C 24 -46.69 0.91 28.55
N SER C 25 -47.71 0.16 28.95
CA SER C 25 -47.56 -1.28 29.13
C SER C 25 -47.57 -2.02 27.80
N GLN C 26 -48.32 -1.54 26.82
CA GLN C 26 -48.39 -2.23 25.54
C GLN C 26 -47.13 -1.96 24.73
N PRO C 27 -46.75 -2.86 23.83
CA PRO C 27 -45.53 -2.68 23.06
C PRO C 27 -45.74 -1.80 21.84
N LEU C 28 -44.62 -1.31 21.33
CA LEU C 28 -44.57 -0.57 20.08
C LEU C 28 -44.04 -1.47 18.98
N THR C 29 -44.81 -1.60 17.90
CA THR C 29 -44.44 -2.46 16.80
C THR C 29 -43.55 -1.71 15.82
N VAL C 30 -42.43 -2.32 15.46
CA VAL C 30 -41.47 -1.75 14.52
C VAL C 30 -41.21 -2.76 13.42
N TYR C 31 -41.48 -2.36 12.19
CA TYR C 31 -41.24 -3.16 11.01
C TYR C 31 -39.86 -2.81 10.49
N PHE C 32 -38.97 -3.80 10.47
CA PHE C 32 -37.59 -3.61 10.09
C PHE C 32 -37.32 -4.45 8.86
N SER C 33 -36.72 -3.83 7.85
CA SER C 33 -36.41 -4.51 6.61
C SER C 33 -35.04 -4.01 6.14
N LEU C 34 -34.73 -4.28 4.88
CA LEU C 34 -33.39 -4.02 4.39
C LEU C 34 -33.43 -3.85 2.87
N SER C 35 -32.41 -3.16 2.31
CA SER C 35 -32.23 -2.97 0.85
C SER C 35 -30.73 -3.04 0.50
N LEU C 36 -30.22 -4.17 0.00
CA LEU C 36 -28.83 -4.33 -0.38
C LEU C 36 -28.59 -3.67 -1.74
N LEU C 37 -27.46 -2.99 -1.87
CA LEU C 37 -27.11 -2.37 -3.14
C LEU C 37 -25.88 -2.97 -3.79
N GLN C 38 -24.88 -3.37 -3.02
CA GLN C 38 -23.78 -4.11 -3.60
C GLN C 38 -22.87 -4.64 -2.51
N ILE C 39 -22.09 -5.65 -2.87
CA ILE C 39 -21.01 -6.13 -2.03
C ILE C 39 -19.75 -5.35 -2.38
N MET C 40 -19.11 -4.85 -1.34
CA MET C 40 -18.03 -3.88 -1.41
C MET C 40 -16.68 -4.51 -1.10
N ASP C 41 -16.63 -5.44 -0.16
CA ASP C 41 -15.38 -6.12 0.11
C ASP C 41 -15.62 -7.33 0.98
N VAL C 42 -14.87 -8.43 0.81
CA VAL C 42 -15.02 -9.68 1.62
C VAL C 42 -13.62 -10.08 2.09
N ASP C 43 -13.05 -9.35 3.06
CA ASP C 43 -11.68 -9.59 3.58
C ASP C 43 -11.63 -10.90 4.35
N GLU C 44 -10.55 -11.68 4.24
CA GLU C 44 -10.35 -12.94 5.00
C GLU C 44 -9.25 -12.72 6.03
N LYS C 45 -8.46 -11.65 5.91
CA LYS C 45 -7.35 -11.30 6.84
C LYS C 45 -7.92 -10.81 8.18
N ASN C 46 -8.90 -9.90 8.14
CA ASN C 46 -9.60 -9.30 9.30
C ASN C 46 -10.98 -9.92 9.58
N GLN C 47 -11.46 -10.82 8.70
CA GLN C 47 -12.76 -11.47 8.69
C GLN C 47 -13.87 -10.43 8.79
N VAL C 48 -13.95 -9.59 7.76
CA VAL C 48 -14.87 -8.47 7.71
C VAL C 48 -15.56 -8.43 6.35
N LEU C 49 -16.87 -8.26 6.37
CA LEU C 49 -17.68 -8.10 5.17
C LEU C 49 -18.13 -6.65 5.09
N THR C 50 -17.84 -6.00 3.96
CA THR C 50 -18.20 -4.61 3.74
C THR C 50 -19.29 -4.57 2.68
N THR C 51 -20.46 -4.03 3.08
CA THR C 51 -21.66 -3.96 2.27
C THR C 51 -22.16 -2.53 2.20
N ASN C 52 -23.03 -2.28 1.22
CA ASN C 52 -23.79 -1.04 1.14
C ASN C 52 -25.27 -1.37 1.26
N ILE C 53 -25.94 -0.80 2.26
CA ILE C 53 -27.32 -1.15 2.54
C ILE C 53 -28.06 0.07 3.06
N TRP C 54 -29.35 0.10 2.77
CA TRP C 54 -30.28 1.07 3.34
C TRP C 54 -31.24 0.32 4.25
N LEU C 55 -31.27 0.74 5.51
CA LEU C 55 -32.23 0.19 6.44
C LEU C 55 -33.61 0.74 6.16
N GLN C 56 -34.61 0.09 6.73
CA GLN C 56 -36.00 0.53 6.59
C GLN C 56 -36.71 0.24 7.90
N MET C 57 -37.00 1.29 8.65
CA MET C 57 -37.81 1.17 9.86
C MET C 57 -39.13 1.88 9.66
N SER C 58 -40.19 1.24 10.15
CA SER C 58 -41.52 1.80 10.07
C SER C 58 -42.20 1.56 11.42
N TRP C 59 -42.67 2.64 12.03
CA TRP C 59 -43.41 2.51 13.29
C TRP C 59 -44.55 3.51 13.29
N THR C 60 -45.22 3.62 14.43
CA THR C 60 -46.37 4.49 14.59
C THR C 60 -46.17 5.35 15.83
N ASP C 61 -46.38 6.65 15.68
CA ASP C 61 -46.24 7.61 16.77
C ASP C 61 -47.62 8.16 17.12
N HIS C 62 -48.00 8.03 18.39
CA HIS C 62 -49.32 8.44 18.85
C HIS C 62 -49.42 9.95 18.98
N TYR C 63 -48.31 10.61 19.32
CA TYR C 63 -48.32 12.03 19.62
C TYR C 63 -48.19 12.90 18.38
N LEU C 64 -47.74 12.33 17.26
CA LEU C 64 -47.64 13.05 16.00
C LEU C 64 -48.81 12.70 15.11
N GLN C 65 -49.97 13.27 15.46
CA GLN C 65 -51.20 13.08 14.71
C GLN C 65 -51.88 14.43 14.53
N TRP C 66 -52.56 14.58 13.40
CA TRP C 66 -53.29 15.81 13.15
C TRP C 66 -54.39 15.56 12.14
N ASN C 67 -55.29 16.53 12.07
CA ASN C 67 -56.43 16.50 11.17
C ASN C 67 -56.07 17.20 9.88
N VAL C 68 -56.21 16.50 8.75
CA VAL C 68 -55.86 17.10 7.47
C VAL C 68 -56.80 18.25 7.16
N SER C 69 -58.08 18.11 7.50
CA SER C 69 -59.05 19.13 7.13
C SER C 69 -58.75 20.46 7.81
N GLU C 70 -58.15 20.43 8.99
CA GLU C 70 -57.78 21.65 9.68
C GLU C 70 -56.44 22.23 9.22
N TYR C 71 -55.64 21.45 8.49
CA TYR C 71 -54.36 21.91 7.95
C TYR C 71 -54.29 21.56 6.48
N PRO C 72 -55.04 22.28 5.64
CA PRO C 72 -55.12 21.90 4.22
C PRO C 72 -53.77 22.01 3.53
N GLY C 73 -53.37 20.93 2.86
CA GLY C 73 -52.15 20.87 2.09
C GLY C 73 -51.00 20.23 2.83
N VAL C 74 -51.01 20.27 4.15
CA VAL C 74 -49.95 19.69 4.97
C VAL C 74 -50.26 18.23 5.23
N LYS C 75 -49.80 17.36 4.32
CA LYS C 75 -50.01 15.93 4.44
C LYS C 75 -48.83 15.21 5.09
N THR C 76 -47.69 15.86 5.21
CA THR C 76 -46.54 15.22 5.83
C THR C 76 -45.70 16.25 6.54
N VAL C 77 -44.90 15.77 7.49
CA VAL C 77 -43.89 16.56 8.16
C VAL C 77 -42.62 15.74 8.24
N ARG C 78 -41.51 16.44 8.44
CA ARG C 78 -40.20 15.83 8.51
C ARG C 78 -39.47 16.35 9.72
N PHE C 79 -38.87 15.44 10.47
CA PHE C 79 -38.18 15.82 11.68
C PHE C 79 -36.75 15.31 11.67
N PRO C 80 -35.79 16.14 12.09
CA PRO C 80 -34.40 15.67 12.16
C PRO C 80 -34.15 14.63 13.24
N ASP C 81 -32.89 14.29 13.44
CA ASP C 81 -32.52 13.19 14.32
C ASP C 81 -33.07 13.39 15.73
N GLY C 82 -32.62 14.44 16.41
CA GLY C 82 -32.85 14.56 17.84
C GLY C 82 -34.11 15.25 18.26
N GLN C 83 -35.07 15.41 17.35
CA GLN C 83 -36.32 16.09 17.67
C GLN C 83 -37.47 15.14 17.94
N ILE C 84 -37.37 13.88 17.52
CA ILE C 84 -38.38 12.88 17.83
C ILE C 84 -37.70 11.55 18.09
N TRP C 85 -38.49 10.61 18.60
CA TRP C 85 -37.99 9.31 19.02
C TRP C 85 -37.69 8.42 17.82
N LYS C 86 -36.51 7.80 17.83
CA LYS C 86 -36.16 6.75 16.91
C LYS C 86 -35.73 5.52 17.71
N PRO C 87 -35.97 4.33 17.20
CA PRO C 87 -35.55 3.13 17.92
C PRO C 87 -34.06 2.91 17.81
N ASP C 88 -33.52 2.24 18.84
CA ASP C 88 -32.10 1.95 18.94
C ASP C 88 -31.73 0.64 18.26
N ILE C 89 -32.11 0.52 17.00
CA ILE C 89 -31.78 -0.64 16.18
C ILE C 89 -30.38 -0.44 15.62
N LEU C 90 -29.50 -1.38 15.90
CA LEU C 90 -28.15 -1.27 15.36
C LEU C 90 -27.50 -2.64 15.31
N LEU C 91 -26.43 -2.72 14.54
CA LEU C 91 -25.80 -3.98 14.20
C LEU C 91 -24.97 -4.48 15.38
N TYR C 92 -25.34 -5.65 15.90
CA TYR C 92 -24.60 -6.24 17.02
C TYR C 92 -23.19 -6.60 16.62
N ASN C 93 -23.02 -7.10 15.40
CA ASN C 93 -21.76 -7.67 14.92
C ASN C 93 -21.00 -6.71 14.02
N SER C 94 -21.02 -5.44 14.40
CA SER C 94 -20.37 -4.31 13.69
C SER C 94 -18.88 -4.29 13.99
N ALA C 95 -18.00 -4.00 12.93
CA ALA C 95 -16.56 -3.82 13.06
C ALA C 95 -16.10 -2.53 12.38
N ASP C 96 -16.83 -1.43 12.61
CA ASP C 96 -16.71 -0.25 11.76
C ASP C 96 -15.65 0.74 12.27
N GLU C 97 -15.42 0.77 13.58
CA GLU C 97 -14.62 1.78 14.29
C GLU C 97 -15.38 3.04 14.64
N ARG C 98 -16.64 3.15 14.24
CA ARG C 98 -17.55 4.13 14.79
C ARG C 98 -18.85 3.49 15.25
N PHE C 99 -19.03 2.21 14.92
CA PHE C 99 -20.05 1.28 15.39
C PHE C 99 -21.46 1.61 14.91
N ASP C 100 -21.68 2.82 14.44
CA ASP C 100 -22.93 3.13 13.76
C ASP C 100 -22.57 3.76 12.43
N ALA C 101 -22.68 2.96 11.38
CA ALA C 101 -22.26 3.36 10.05
C ALA C 101 -23.36 4.09 9.30
N THR C 102 -24.37 4.35 9.97
CA THR C 102 -25.54 4.96 9.32
C THR C 102 -25.47 6.49 9.22
N PHE C 103 -26.10 7.06 8.20
CA PHE C 103 -26.27 8.48 7.96
C PHE C 103 -27.66 8.87 8.42
N HIS C 104 -27.74 9.77 9.39
CA HIS C 104 -29.00 10.07 10.05
C HIS C 104 -29.81 11.02 9.18
N THR C 105 -30.69 10.45 8.37
CA THR C 105 -31.59 11.23 7.54
C THR C 105 -32.75 11.73 8.40
N ASN C 106 -33.77 12.29 7.74
CA ASN C 106 -34.93 12.82 8.41
C ASN C 106 -36.04 11.78 8.45
N VAL C 107 -36.94 11.94 9.42
CA VAL C 107 -38.05 11.02 9.63
C VAL C 107 -39.32 11.67 9.12
N LEU C 108 -40.05 10.93 8.30
CA LEU C 108 -41.23 11.41 7.61
C LEU C 108 -42.48 10.89 8.30
N VAL C 109 -43.44 11.77 8.52
CA VAL C 109 -44.65 11.46 9.29
C VAL C 109 -45.87 11.93 8.50
N ASN C 110 -46.87 11.08 8.41
CA ASN C 110 -48.15 11.39 7.81
C ASN C 110 -49.24 11.45 8.87
N SER C 111 -50.38 12.06 8.55
CA SER C 111 -51.45 12.36 9.53
C SER C 111 -51.74 11.25 10.55
N SER C 112 -51.72 9.91 10.20
CA SER C 112 -51.98 8.84 11.15
C SER C 112 -50.86 8.66 12.15
N GLY C 113 -49.69 9.25 11.91
CA GLY C 113 -48.55 9.08 12.77
C GLY C 113 -47.56 8.05 12.29
N HIS C 114 -47.78 7.45 11.13
CA HIS C 114 -46.87 6.43 10.63
C HIS C 114 -45.56 7.07 10.22
N CYS C 115 -44.47 6.56 10.78
CA CYS C 115 -43.14 7.13 10.66
C CYS C 115 -42.23 6.15 9.94
N GLN C 116 -41.38 6.71 9.08
CA GLN C 116 -40.67 6.00 8.03
C GLN C 116 -39.24 6.50 7.97
N TYR C 117 -38.27 5.61 8.18
CA TYR C 117 -36.89 5.99 8.43
C TYR C 117 -35.93 5.13 7.61
N LEU C 118 -35.09 5.79 6.81
CA LEU C 118 -34.07 5.17 5.95
C LEU C 118 -32.68 5.68 6.29
N PRO C 119 -31.98 5.03 7.18
CA PRO C 119 -30.56 5.30 7.33
C PRO C 119 -29.73 4.46 6.38
N PRO C 120 -29.13 5.07 5.36
CA PRO C 120 -28.20 4.33 4.51
C PRO C 120 -26.82 4.24 5.16
N GLY C 121 -25.94 3.38 4.67
CA GLY C 121 -24.57 3.37 5.22
C GLY C 121 -23.70 2.32 4.60
N ILE C 122 -22.39 2.41 4.80
CA ILE C 122 -21.41 1.36 4.38
C ILE C 122 -21.16 0.59 5.68
N PHE C 123 -21.74 -0.59 5.86
CA PHE C 123 -21.66 -1.36 7.12
C PHE C 123 -20.55 -2.40 7.04
N LYS C 124 -19.68 -2.52 8.04
CA LYS C 124 -18.64 -3.57 8.08
C LYS C 124 -19.05 -4.55 9.17
N SER C 125 -19.28 -5.82 8.87
CA SER C 125 -19.73 -6.79 9.90
C SER C 125 -18.72 -7.94 9.98
N SER C 126 -18.71 -8.64 11.10
CA SER C 126 -17.80 -9.76 11.36
C SER C 126 -18.43 -11.05 10.85
N CYS C 127 -17.72 -11.74 9.95
CA CYS C 127 -18.19 -13.03 9.47
C CYS C 127 -16.99 -13.94 9.22
N TYR C 128 -17.07 -15.16 9.75
CA TYR C 128 -16.04 -16.15 9.57
C TYR C 128 -15.98 -16.60 8.11
N ILE C 129 -14.79 -16.49 7.52
CA ILE C 129 -14.56 -16.94 6.15
C ILE C 129 -13.80 -18.25 6.19
N ASP C 130 -14.22 -19.21 5.37
CA ASP C 130 -13.54 -20.49 5.22
C ASP C 130 -12.95 -20.55 3.82
N VAL C 131 -11.63 -20.59 3.73
CA VAL C 131 -10.92 -20.62 2.47
C VAL C 131 -10.36 -22.02 2.18
N ARG C 132 -10.92 -23.04 2.81
CA ARG C 132 -10.43 -24.39 2.62
C ARG C 132 -10.60 -24.83 1.17
N TRP C 133 -11.71 -24.45 0.53
CA TRP C 133 -12.01 -24.88 -0.86
C TRP C 133 -11.70 -23.76 -1.84
N PHE C 134 -10.80 -22.85 -1.48
CA PHE C 134 -10.41 -21.76 -2.35
C PHE C 134 -9.95 -22.31 -3.71
N PRO C 135 -10.35 -21.70 -4.83
CA PRO C 135 -11.27 -20.56 -4.99
C PRO C 135 -12.72 -20.99 -5.20
N PHE C 136 -13.05 -22.26 -5.02
CA PHE C 136 -14.41 -22.80 -5.22
C PHE C 136 -15.12 -22.74 -3.86
N ASP C 137 -15.23 -21.57 -3.23
CA ASP C 137 -15.77 -21.46 -1.84
C ASP C 137 -17.05 -20.62 -1.78
N VAL C 138 -18.06 -21.07 -1.01
CA VAL C 138 -19.34 -20.32 -0.78
C VAL C 138 -19.31 -19.83 0.67
N GLN C 139 -19.60 -18.56 0.93
CA GLN C 139 -19.61 -17.94 2.24
C GLN C 139 -21.03 -17.55 2.64
N HIS C 140 -21.31 -17.70 3.93
CA HIS C 140 -22.60 -17.41 4.55
C HIS C 140 -22.31 -16.38 5.64
N CYS C 141 -22.29 -15.11 5.28
CA CYS C 141 -21.95 -14.05 6.21
C CYS C 141 -23.23 -13.37 6.67
N LYS C 142 -23.43 -13.29 7.97
CA LYS C 142 -24.69 -12.81 8.50
C LYS C 142 -24.58 -11.44 9.14
N LEU C 143 -25.74 -10.79 9.22
CA LEU C 143 -25.90 -9.46 9.76
C LEU C 143 -27.02 -9.54 10.78
N LYS C 144 -26.70 -9.27 12.04
CA LYS C 144 -27.63 -9.40 13.15
C LYS C 144 -28.01 -8.02 13.65
N PHE C 145 -29.30 -7.71 13.55
CA PHE C 145 -29.84 -6.44 14.00
C PHE C 145 -30.76 -6.66 15.18
N GLY C 146 -30.74 -5.74 16.11
CA GLY C 146 -31.66 -5.79 17.22
C GLY C 146 -31.55 -4.54 18.04
N SER C 147 -32.55 -4.35 18.89
CA SER C 147 -32.51 -3.24 19.81
C SER C 147 -31.42 -3.45 20.85
N TRP C 148 -31.00 -2.34 21.45
CA TRP C 148 -29.90 -2.33 22.39
C TRP C 148 -30.36 -2.28 23.84
N SER C 149 -31.56 -1.78 24.10
CA SER C 149 -32.02 -1.59 25.47
C SER C 149 -33.49 -1.94 25.66
N TYR C 150 -34.17 -2.46 24.63
CA TYR C 150 -35.61 -2.69 24.67
C TYR C 150 -35.88 -4.17 24.51
N GLY C 151 -36.93 -4.65 25.18
CA GLY C 151 -37.38 -6.01 25.06
C GLY C 151 -38.55 -6.15 24.10
N GLY C 152 -39.01 -7.40 23.96
CA GLY C 152 -40.10 -7.69 23.05
C GLY C 152 -41.46 -7.22 23.53
N TRP C 153 -41.57 -6.86 24.80
CA TRP C 153 -42.79 -6.28 25.36
C TRP C 153 -42.79 -4.77 25.32
N SER C 154 -41.75 -4.16 24.74
CA SER C 154 -41.66 -2.73 24.62
C SER C 154 -41.35 -2.35 23.18
N LEU C 155 -40.63 -3.22 22.48
CA LEU C 155 -40.31 -3.03 21.08
C LEU C 155 -40.49 -4.35 20.36
N ASP C 156 -41.68 -4.56 19.79
CA ASP C 156 -42.00 -5.80 19.08
C ASP C 156 -41.49 -5.68 17.65
N LEU C 157 -40.25 -6.14 17.44
CA LEU C 157 -39.70 -6.15 16.11
C LEU C 157 -40.46 -7.10 15.20
N GLN C 158 -40.57 -6.77 13.92
CA GLN C 158 -41.31 -7.58 12.95
C GLN C 158 -40.37 -7.61 11.75
N MET C 159 -40.01 -8.75 11.24
CA MET C 159 -39.10 -8.74 10.09
C MET C 159 -39.94 -8.81 8.83
N GLN C 160 -39.91 -7.78 8.01
CA GLN C 160 -40.40 -7.93 6.63
C GLN C 160 -39.18 -8.26 5.76
N GLU C 161 -39.38 -8.71 4.52
CA GLU C 161 -38.36 -9.22 3.55
C GLU C 161 -37.37 -8.17 3.02
N ALA C 162 -36.18 -8.61 2.59
CA ALA C 162 -35.10 -7.77 2.03
C ALA C 162 -35.41 -7.40 0.58
N ASP C 163 -34.69 -6.42 0.03
CA ASP C 163 -34.91 -5.85 -1.33
C ASP C 163 -33.64 -5.97 -2.19
N ILE C 164 -33.70 -6.55 -3.39
CA ILE C 164 -32.54 -6.64 -4.26
C ILE C 164 -32.73 -5.90 -5.58
N SER C 165 -33.82 -5.14 -5.70
CA SER C 165 -34.09 -4.42 -6.94
C SER C 165 -32.94 -3.48 -7.31
N GLY C 166 -32.16 -3.05 -6.33
CA GLY C 166 -31.05 -2.15 -6.56
C GLY C 166 -29.69 -2.79 -6.54
N TYR C 167 -29.62 -4.11 -6.52
CA TYR C 167 -28.33 -4.78 -6.43
C TYR C 167 -27.48 -4.47 -7.65
N ILE C 168 -26.17 -4.36 -7.41
CA ILE C 168 -25.18 -4.05 -8.44
C ILE C 168 -24.08 -5.09 -8.37
N PRO C 169 -24.06 -6.07 -9.26
CA PRO C 169 -23.01 -7.10 -9.19
C PRO C 169 -21.63 -6.47 -9.30
N ASN C 170 -20.68 -7.06 -8.57
CA ASN C 170 -19.36 -6.44 -8.43
C ASN C 170 -18.29 -7.11 -9.26
N GLY C 171 -18.45 -8.38 -9.62
CA GLY C 171 -17.53 -9.06 -10.50
C GLY C 171 -16.57 -10.01 -9.82
N GLU C 172 -16.72 -10.24 -8.52
CA GLU C 172 -15.95 -11.26 -7.82
C GLU C 172 -16.80 -12.15 -6.94
N TRP C 173 -18.08 -11.85 -6.77
CA TRP C 173 -18.98 -12.64 -5.93
C TRP C 173 -20.36 -12.66 -6.56
N ASP C 174 -20.98 -13.82 -6.55
CA ASP C 174 -22.34 -14.01 -7.06
C ASP C 174 -23.27 -14.17 -5.88
N LEU C 175 -24.34 -13.38 -5.86
CA LEU C 175 -25.27 -13.38 -4.72
C LEU C 175 -26.27 -14.50 -4.90
N VAL C 176 -26.16 -15.53 -4.05
CA VAL C 176 -27.16 -16.58 -4.02
C VAL C 176 -28.46 -16.06 -3.43
N GLY C 177 -28.38 -15.42 -2.27
CA GLY C 177 -29.56 -14.88 -1.64
C GLY C 177 -29.22 -14.15 -0.37
N ILE C 178 -30.26 -13.59 0.24
CA ILE C 178 -30.15 -12.85 1.48
C ILE C 178 -31.43 -13.07 2.29
N PRO C 179 -31.67 -14.27 2.79
CA PRO C 179 -32.88 -14.52 3.57
C PRO C 179 -32.75 -14.06 5.00
N GLY C 180 -33.91 -13.80 5.60
CA GLY C 180 -33.98 -13.31 6.96
C GLY C 180 -34.67 -14.25 7.92
N LYS C 181 -34.39 -14.05 9.20
CA LYS C 181 -34.96 -14.87 10.25
C LYS C 181 -35.10 -14.03 11.51
N ARG C 182 -36.30 -14.02 12.06
CA ARG C 182 -36.56 -13.40 13.36
C ARG C 182 -36.38 -14.45 14.45
N SER C 183 -35.57 -14.12 15.45
CA SER C 183 -35.27 -15.04 16.53
C SER C 183 -35.45 -14.32 17.86
N GLU C 184 -35.53 -15.09 18.92
CA GLU C 184 -35.85 -14.56 20.24
C GLU C 184 -34.96 -15.24 21.26
N ARG C 185 -34.57 -14.48 22.29
CA ARG C 185 -33.68 -14.97 23.32
C ARG C 185 -34.25 -14.66 24.69
N PHE C 186 -34.30 -15.66 25.59
CA PHE C 186 -34.91 -15.54 26.94
C PHE C 186 -33.76 -15.44 27.93
N TYR C 187 -34.03 -14.85 29.09
CA TYR C 187 -33.00 -14.61 30.13
C TYR C 187 -33.57 -14.96 31.50
N GLU C 188 -32.71 -15.16 32.49
CA GLU C 188 -33.07 -15.54 33.87
C GLU C 188 -33.94 -14.47 34.54
N CYS C 189 -33.70 -13.19 34.28
CA CYS C 189 -34.43 -12.12 35.02
C CYS C 189 -35.95 -12.24 34.88
N CYS C 190 -36.47 -12.51 33.69
CA CYS C 190 -37.94 -12.54 33.55
C CYS C 190 -38.35 -13.32 32.30
N LYS C 191 -39.65 -13.59 32.18
CA LYS C 191 -40.34 -14.33 31.09
C LYS C 191 -40.33 -13.56 29.75
N GLU C 192 -40.15 -12.24 29.74
CA GLU C 192 -40.19 -11.40 28.51
C GLU C 192 -39.07 -11.79 27.56
N PRO C 193 -39.34 -11.96 26.24
CA PRO C 193 -38.29 -12.33 25.28
C PRO C 193 -37.60 -11.18 24.54
N TYR C 194 -36.36 -11.34 24.09
CA TYR C 194 -35.60 -10.27 23.45
C TYR C 194 -35.40 -10.64 21.99
N PRO C 195 -36.01 -9.94 21.04
CA PRO C 195 -35.97 -10.38 19.66
C PRO C 195 -34.80 -9.80 18.87
N ASP C 196 -34.62 -10.35 17.67
CA ASP C 196 -33.55 -9.97 16.78
C ASP C 196 -33.90 -10.43 15.38
N VAL C 197 -33.26 -9.80 14.40
CA VAL C 197 -33.50 -10.08 12.99
C VAL C 197 -32.15 -10.31 12.33
N THR C 198 -31.98 -11.46 11.70
CA THR C 198 -30.71 -11.85 11.12
C THR C 198 -30.89 -12.07 9.63
N PHE C 199 -30.06 -11.41 8.83
CA PHE C 199 -30.07 -11.55 7.38
C PHE C 199 -28.78 -12.24 6.99
N THR C 200 -28.88 -13.34 6.26
CA THR C 200 -27.75 -14.20 5.95
C THR C 200 -27.39 -14.04 4.48
N VAL C 201 -26.37 -13.24 4.20
CA VAL C 201 -25.90 -13.02 2.85
C VAL C 201 -25.11 -14.25 2.42
N THR C 202 -25.57 -14.92 1.38
CA THR C 202 -24.92 -16.11 0.83
C THR C 202 -24.32 -15.75 -0.51
N MET C 203 -23.06 -16.10 -0.72
CA MET C 203 -22.42 -15.75 -1.98
C MET C 203 -21.33 -16.76 -2.33
N ARG C 204 -21.13 -16.93 -3.63
CA ARG C 204 -20.14 -17.85 -4.17
C ARG C 204 -19.17 -17.09 -5.04
N ARG C 205 -17.90 -17.48 -4.97
CA ARG C 205 -16.86 -16.80 -5.71
C ARG C 205 -16.92 -17.13 -7.19
N ARG C 206 -16.34 -16.23 -7.99
CA ARG C 206 -16.26 -16.37 -9.43
C ARG C 206 -14.83 -16.71 -9.81
N THR C 207 -14.66 -17.81 -10.56
CA THR C 207 -13.35 -18.41 -10.78
C THR C 207 -12.77 -18.09 -12.15
N LEU C 208 -13.43 -17.27 -12.96
CA LEU C 208 -12.93 -16.99 -14.29
C LEU C 208 -11.60 -16.24 -14.27
N TYR C 209 -11.25 -15.61 -13.15
CA TYR C 209 -9.99 -14.89 -13.04
C TYR C 209 -8.87 -15.82 -12.60
N TYR C 210 -9.04 -16.48 -11.45
CA TYR C 210 -8.01 -17.38 -10.96
C TYR C 210 -7.81 -18.56 -11.91
N GLY C 211 -8.87 -18.98 -12.58
CA GLY C 211 -8.76 -20.14 -13.45
C GLY C 211 -7.74 -19.96 -14.55
N LEU C 212 -7.74 -18.81 -15.21
CA LEU C 212 -6.88 -18.58 -16.36
C LEU C 212 -5.84 -17.49 -16.11
N ASN C 213 -5.56 -17.17 -14.85
CA ASN C 213 -4.40 -16.35 -14.48
C ASN C 213 -3.53 -16.97 -13.41
N LEU C 214 -4.00 -18.02 -12.73
CA LEU C 214 -3.21 -18.73 -11.72
C LEU C 214 -2.98 -20.19 -12.04
N LEU C 215 -3.84 -20.82 -12.86
CA LEU C 215 -3.79 -22.25 -13.09
C LEU C 215 -3.34 -22.62 -14.50
N ILE C 216 -3.39 -21.70 -15.45
CA ILE C 216 -2.86 -21.94 -16.79
C ILE C 216 -1.34 -21.80 -16.74
N PRO C 217 -0.80 -20.71 -16.20
CA PRO C 217 0.67 -20.61 -16.11
C PRO C 217 1.29 -21.75 -15.32
N CYS C 218 0.66 -22.17 -14.23
CA CYS C 218 1.21 -23.27 -13.44
C CYS C 218 1.25 -24.56 -14.23
N VAL C 219 0.18 -24.84 -14.98
CA VAL C 219 0.12 -26.06 -15.77
C VAL C 219 1.17 -26.02 -16.88
N LEU C 220 1.31 -24.87 -17.55
CA LEU C 220 2.33 -24.76 -18.59
C LEU C 220 3.73 -24.94 -18.00
N ILE C 221 3.98 -24.35 -16.83
CA ILE C 221 5.27 -24.49 -16.18
C ILE C 221 5.56 -25.94 -15.83
N SER C 222 4.56 -26.63 -15.29
CA SER C 222 4.74 -28.03 -14.93
C SER C 222 5.00 -28.89 -16.16
N ALA C 223 4.28 -28.62 -17.26
CA ALA C 223 4.52 -29.35 -18.50
C ALA C 223 5.93 -29.13 -19.00
N LEU C 224 6.39 -27.87 -19.00
CA LEU C 224 7.76 -27.59 -19.42
C LEU C 224 8.76 -28.30 -18.52
N ALA C 225 8.48 -28.40 -17.23
CA ALA C 225 9.36 -29.13 -16.33
C ALA C 225 9.43 -30.60 -16.71
N LEU C 226 8.28 -31.20 -17.03
CA LEU C 226 8.29 -32.58 -17.49
C LEU C 226 9.04 -32.71 -18.81
N LEU C 227 9.09 -31.64 -19.58
CA LEU C 227 9.71 -31.66 -20.90
C LEU C 227 11.19 -32.00 -20.85
N VAL C 228 11.86 -31.82 -19.72
CA VAL C 228 13.30 -31.99 -19.67
C VAL C 228 13.71 -33.40 -20.04
N PHE C 229 12.88 -34.40 -19.70
CA PHE C 229 13.28 -35.78 -19.91
C PHE C 229 13.47 -36.10 -21.39
N LEU C 230 12.59 -35.58 -22.25
CA LEU C 230 12.74 -35.82 -23.68
C LEU C 230 14.07 -35.30 -24.20
N LEU C 231 14.59 -34.26 -23.57
CA LEU C 231 15.77 -33.60 -24.07
C LEU C 231 16.97 -34.53 -23.98
N PRO C 232 17.75 -34.71 -25.05
CA PRO C 232 18.94 -35.55 -24.97
C PRO C 232 20.00 -34.96 -24.06
N ALA C 233 20.79 -35.85 -23.45
CA ALA C 233 21.84 -35.42 -22.54
C ALA C 233 23.01 -34.77 -23.27
N ASP C 234 23.26 -35.16 -24.52
CA ASP C 234 24.34 -34.54 -25.28
C ASP C 234 24.22 -33.03 -25.25
N SER C 235 23.00 -32.52 -25.39
CA SER C 235 22.74 -31.10 -25.24
C SER C 235 22.83 -30.73 -23.76
N GLY C 236 23.79 -29.89 -23.42
CA GLY C 236 23.96 -29.47 -22.03
C GLY C 236 22.92 -28.46 -21.63
N GLU C 237 21.65 -28.86 -21.68
CA GLU C 237 20.54 -27.94 -21.44
C GLU C 237 19.46 -28.52 -20.55
N LYS C 238 19.60 -29.76 -20.07
CA LYS C 238 18.55 -30.35 -19.23
C LYS C 238 18.51 -29.68 -17.86
N ILE C 239 19.67 -29.57 -17.21
CA ILE C 239 19.73 -28.88 -15.93
C ILE C 239 19.33 -27.43 -16.10
N SER C 240 19.81 -26.79 -17.16
CA SER C 240 19.43 -25.41 -17.45
C SER C 240 17.92 -25.27 -17.48
N LEU C 241 17.25 -26.12 -18.27
CA LEU C 241 15.81 -26.02 -18.40
C LEU C 241 15.11 -26.27 -17.07
N GLY C 242 15.47 -27.35 -16.39
CA GLY C 242 14.78 -27.68 -15.14
C GLY C 242 14.91 -26.59 -14.09
N ILE C 243 16.13 -26.10 -13.89
CA ILE C 243 16.36 -25.11 -12.85
C ILE C 243 15.73 -23.78 -13.24
N THR C 244 15.78 -23.42 -14.52
CA THR C 244 15.11 -22.19 -14.95
C THR C 244 13.61 -22.28 -14.76
N VAL C 245 13.02 -23.46 -15.01
CA VAL C 245 11.60 -23.64 -14.77
C VAL C 245 11.28 -23.48 -13.29
N LEU C 246 12.12 -24.05 -12.43
CA LEU C 246 11.90 -23.87 -11.00
C LEU C 246 11.99 -22.40 -10.62
N LEU C 247 12.93 -21.67 -11.21
CA LEU C 247 13.03 -20.24 -10.95
C LEU C 247 11.79 -19.50 -11.39
N SER C 248 11.24 -19.86 -12.56
CA SER C 248 10.02 -19.24 -13.03
C SER C 248 8.86 -19.52 -12.08
N LEU C 249 8.80 -20.74 -11.55
CA LEU C 249 7.78 -21.06 -10.55
C LEU C 249 7.97 -20.22 -9.30
N THR C 250 9.22 -20.07 -8.86
CA THR C 250 9.52 -19.23 -7.70
C THR C 250 9.01 -17.81 -7.92
N VAL C 251 9.20 -17.26 -9.13
CA VAL C 251 8.67 -15.94 -9.43
C VAL C 251 7.16 -15.95 -9.39
N PHE C 252 6.54 -16.97 -10.00
CA PHE C 252 5.09 -17.08 -9.99
C PHE C 252 4.53 -17.06 -8.57
N MET C 253 5.32 -17.56 -7.63
CA MET C 253 4.89 -17.54 -6.23
C MET C 253 4.62 -16.13 -5.72
N LEU C 254 5.19 -15.09 -6.34
CA LEU C 254 4.92 -13.73 -5.90
C LEU C 254 3.48 -13.33 -6.19
N LEU C 255 3.05 -13.48 -7.44
CA LEU C 255 1.64 -13.29 -7.78
C LEU C 255 0.78 -14.15 -6.89
N VAL C 256 1.15 -15.43 -6.79
CA VAL C 256 0.36 -16.39 -6.04
C VAL C 256 0.16 -15.90 -4.60
N ALA C 257 1.23 -15.42 -3.98
CA ALA C 257 1.13 -14.93 -2.60
C ALA C 257 0.25 -13.69 -2.52
N GLU C 258 0.49 -12.70 -3.38
CA GLU C 258 -0.31 -11.48 -3.29
C GLU C 258 -1.77 -11.73 -3.56
N ILE C 259 -2.13 -12.88 -4.14
CA ILE C 259 -3.52 -13.15 -4.49
C ILE C 259 -4.23 -14.07 -3.51
N MET C 260 -3.52 -14.75 -2.63
CA MET C 260 -4.11 -15.75 -1.74
C MET C 260 -4.37 -15.20 -0.36
N PRO C 261 -5.06 -15.95 0.48
CA PRO C 261 -5.18 -15.60 1.89
C PRO C 261 -4.08 -16.22 2.74
N ALA C 262 -3.78 -15.55 3.84
CA ALA C 262 -2.80 -16.02 4.82
C ALA C 262 -3.57 -16.48 6.05
N THR C 263 -3.97 -17.76 6.04
CA THR C 263 -4.71 -18.35 7.14
C THR C 263 -4.03 -19.64 7.57
N SER C 264 -4.01 -19.87 8.89
CA SER C 264 -3.45 -21.09 9.45
C SER C 264 -4.53 -22.02 9.98
N ASP C 265 -5.81 -21.69 9.82
CA ASP C 265 -6.89 -22.56 10.24
C ASP C 265 -7.11 -23.71 9.27
N SER C 266 -6.65 -23.59 8.03
CA SER C 266 -6.84 -24.63 7.02
C SER C 266 -5.86 -24.40 5.89
N VAL C 267 -5.81 -25.37 4.98
CA VAL C 267 -4.91 -25.34 3.83
C VAL C 267 -5.75 -25.08 2.58
N PRO C 268 -5.64 -23.91 1.96
CA PRO C 268 -6.36 -23.68 0.72
C PRO C 268 -5.96 -24.69 -0.35
N LEU C 269 -6.90 -24.97 -1.25
CA LEU C 269 -6.70 -26.00 -2.26
C LEU C 269 -5.49 -25.70 -3.12
N ILE C 270 -5.43 -24.50 -3.70
CA ILE C 270 -4.36 -24.20 -4.64
C ILE C 270 -3.01 -24.15 -3.94
N ALA C 271 -2.98 -23.96 -2.62
CA ALA C 271 -1.72 -24.13 -1.91
C ALA C 271 -1.21 -25.56 -2.05
N GLN C 272 -2.10 -26.54 -1.90
CA GLN C 272 -1.72 -27.93 -2.13
C GLN C 272 -1.36 -28.16 -3.59
N TYR C 273 -2.11 -27.53 -4.50
CA TYR C 273 -1.80 -27.64 -5.93
C TYR C 273 -0.38 -27.20 -6.21
N PHE C 274 -0.01 -26.01 -5.73
CA PHE C 274 1.31 -25.46 -5.97
C PHE C 274 2.38 -26.26 -5.25
N ALA C 275 2.09 -26.77 -4.05
CA ALA C 275 3.04 -27.62 -3.37
C ALA C 275 3.33 -28.87 -4.18
N SER C 276 2.28 -29.51 -4.72
CA SER C 276 2.47 -30.69 -5.53
C SER C 276 3.29 -30.37 -6.78
N THR C 277 2.99 -29.24 -7.42
CA THR C 277 3.75 -28.83 -8.59
C THR C 277 5.22 -28.64 -8.24
N MET C 278 5.50 -27.96 -7.12
CA MET C 278 6.86 -27.71 -6.70
C MET C 278 7.61 -29.02 -6.45
N ILE C 279 6.97 -29.95 -5.73
CA ILE C 279 7.62 -31.22 -5.44
C ILE C 279 7.91 -31.96 -6.73
N ILE C 280 6.94 -31.98 -7.66
CA ILE C 280 7.12 -32.68 -8.92
C ILE C 280 8.31 -32.10 -9.68
N VAL C 281 8.39 -30.79 -9.77
CA VAL C 281 9.49 -30.15 -10.50
C VAL C 281 10.83 -30.48 -9.85
N GLY C 282 10.90 -30.37 -8.53
CA GLY C 282 12.16 -30.64 -7.84
C GLY C 282 12.63 -32.07 -8.03
N LEU C 283 11.70 -33.02 -7.92
CA LEU C 283 12.08 -34.42 -8.13
C LEU C 283 12.45 -34.68 -9.58
N SER C 284 11.86 -33.95 -10.52
CA SER C 284 12.30 -34.04 -11.90
C SER C 284 13.76 -33.60 -12.03
N VAL C 285 14.12 -32.50 -11.37
CA VAL C 285 15.52 -32.06 -11.39
C VAL C 285 16.42 -33.16 -10.82
N VAL C 286 16.02 -33.75 -9.70
CA VAL C 286 16.84 -34.79 -9.08
C VAL C 286 17.03 -35.97 -10.03
N VAL C 287 15.94 -36.41 -10.66
CA VAL C 287 16.01 -37.58 -11.52
C VAL C 287 16.89 -37.32 -12.73
N THR C 288 16.76 -36.13 -13.33
CA THR C 288 17.62 -35.82 -14.47
C THR C 288 19.09 -35.76 -14.04
N VAL C 289 19.36 -35.29 -12.83
CA VAL C 289 20.73 -35.33 -12.31
C VAL C 289 21.23 -36.77 -12.26
N ILE C 290 20.37 -37.67 -11.77
CA ILE C 290 20.72 -39.09 -11.68
C ILE C 290 21.11 -39.65 -13.06
N VAL C 291 20.19 -39.53 -14.01
CA VAL C 291 20.45 -40.13 -15.32
C VAL C 291 21.61 -39.43 -15.99
N LEU C 292 21.83 -38.15 -15.69
CA LEU C 292 22.99 -37.44 -16.18
C LEU C 292 24.27 -38.06 -15.61
N GLN C 293 24.27 -38.41 -14.32
CA GLN C 293 25.36 -39.17 -13.75
C GLN C 293 25.61 -40.43 -14.56
N TYR C 294 24.56 -41.07 -15.05
CA TYR C 294 24.75 -42.24 -15.89
C TYR C 294 25.39 -41.88 -17.23
N HIS C 295 24.86 -40.86 -17.91
CA HIS C 295 25.33 -40.57 -19.26
C HIS C 295 26.82 -40.25 -19.27
N HIS C 296 27.26 -39.39 -18.35
CA HIS C 296 28.67 -39.03 -18.23
C HIS C 296 29.35 -40.02 -17.30
N HIS C 297 30.01 -41.02 -17.88
CA HIS C 297 30.67 -42.04 -17.10
C HIS C 297 31.82 -42.62 -17.90
N ASP C 298 32.87 -43.05 -17.19
CA ASP C 298 34.06 -43.63 -17.82
C ASP C 298 33.99 -45.15 -17.73
N PRO C 299 33.93 -45.87 -18.85
CA PRO C 299 33.75 -47.33 -18.75
C PRO C 299 34.87 -48.04 -18.02
N ASP C 300 36.11 -47.60 -18.19
CA ASP C 300 37.24 -48.25 -17.51
C ASP C 300 37.12 -48.09 -16.00
N GLY C 301 36.53 -46.97 -15.54
CA GLY C 301 36.38 -46.69 -14.10
C GLY C 301 35.39 -47.60 -13.40
N GLY C 302 34.21 -47.87 -13.98
CA GLY C 302 33.14 -48.65 -13.30
C GLY C 302 32.27 -49.47 -14.23
N LYS C 303 31.42 -50.35 -13.68
CA LYS C 303 30.49 -51.21 -14.46
C LYS C 303 29.04 -50.98 -14.00
N MET C 304 28.07 -51.00 -14.91
CA MET C 304 26.62 -50.83 -14.60
C MET C 304 26.13 -52.04 -13.79
N PRO C 305 25.21 -51.92 -12.81
CA PRO C 305 24.65 -53.10 -12.12
C PRO C 305 23.96 -54.08 -13.05
N LYS C 306 23.74 -55.33 -12.62
CA LYS C 306 23.16 -56.37 -13.46
C LYS C 306 21.63 -56.34 -13.44
N TRP C 307 21.05 -56.46 -12.25
CA TRP C 307 19.60 -56.58 -12.14
C TRP C 307 18.89 -55.39 -12.79
N THR C 308 19.31 -54.17 -12.40
CA THR C 308 18.75 -52.98 -13.00
C THR C 308 18.88 -53.01 -14.51
N ARG C 309 20.06 -53.41 -15.00
CA ARG C 309 20.30 -53.43 -16.44
C ARG C 309 19.31 -54.33 -17.14
N VAL C 310 19.17 -55.57 -16.68
CA VAL C 310 18.35 -56.52 -17.42
C VAL C 310 16.88 -56.14 -17.34
N ILE C 311 16.42 -55.70 -16.17
CA ILE C 311 15.03 -55.27 -16.05
C ILE C 311 14.76 -54.10 -16.99
N LEU C 312 15.66 -53.12 -16.99
CA LEU C 312 15.48 -51.94 -17.83
C LEU C 312 15.51 -52.31 -19.31
N LEU C 313 16.43 -53.19 -19.70
CA LEU C 313 16.53 -53.59 -21.09
C LEU C 313 15.26 -54.30 -21.56
N ASN C 314 14.73 -55.20 -20.73
CA ASN C 314 13.50 -55.90 -21.11
C ASN C 314 12.34 -54.92 -21.22
N TRP C 315 12.21 -54.01 -20.25
CA TRP C 315 11.12 -53.04 -20.28
C TRP C 315 11.23 -52.14 -21.50
N CYS C 316 12.45 -51.72 -21.84
CA CYS C 316 12.66 -50.90 -23.03
C CYS C 316 12.28 -51.66 -24.29
N ALA C 317 12.77 -52.90 -24.43
CA ALA C 317 12.51 -53.67 -25.63
C ALA C 317 11.01 -53.85 -25.84
N TRP C 318 10.27 -54.11 -24.75
CA TRP C 318 8.83 -54.27 -24.89
C TRP C 318 8.14 -52.95 -25.19
N PHE C 319 8.59 -51.87 -24.54
CA PHE C 319 7.94 -50.58 -24.76
C PHE C 319 8.16 -50.06 -26.18
N LEU C 320 9.35 -50.27 -26.74
CA LEU C 320 9.69 -49.76 -28.06
C LEU C 320 9.43 -50.77 -29.17
N ARG C 321 8.89 -51.95 -28.84
CA ARG C 321 8.58 -52.99 -29.82
C ARG C 321 9.75 -53.19 -30.80
N PRO C 483 63.66 -58.02 -40.80
CA PRO C 483 64.36 -56.72 -40.84
C PRO C 483 63.52 -55.59 -40.24
N ASP C 484 63.90 -54.33 -40.51
CA ASP C 484 63.21 -53.19 -39.92
C ASP C 484 61.73 -53.15 -40.30
N LEU C 485 61.36 -53.78 -41.41
CA LEU C 485 59.94 -53.91 -41.76
C LEU C 485 59.18 -54.60 -40.65
N ALA C 486 59.77 -55.65 -40.07
CA ALA C 486 59.17 -56.31 -38.92
C ALA C 486 58.97 -55.33 -37.77
N LYS C 487 59.87 -54.36 -37.63
CA LYS C 487 59.72 -53.36 -36.58
C LYS C 487 58.62 -52.35 -36.91
N ILE C 488 58.40 -52.09 -38.21
CA ILE C 488 57.29 -51.24 -38.63
C ILE C 488 55.96 -51.89 -38.22
N LEU C 489 55.86 -53.20 -38.46
CA LEU C 489 54.60 -53.87 -38.18
C LEU C 489 54.20 -53.77 -36.72
N GLU C 490 55.15 -53.78 -35.80
CA GLU C 490 54.83 -53.66 -34.38
C GLU C 490 54.17 -52.33 -34.08
N GLU C 491 54.73 -51.25 -34.62
CA GLU C 491 54.15 -49.91 -34.46
C GLU C 491 52.72 -49.88 -34.97
N VAL C 492 52.51 -50.39 -36.18
CA VAL C 492 51.18 -50.35 -36.75
C VAL C 492 50.22 -51.19 -35.90
N ARG C 493 50.71 -52.31 -35.37
CA ARG C 493 49.92 -53.09 -34.41
C ARG C 493 49.50 -52.21 -33.24
N TYR C 494 50.45 -51.46 -32.68
CA TYR C 494 50.13 -50.66 -31.50
C TYR C 494 49.00 -49.69 -31.80
N ILE C 495 49.12 -48.94 -32.91
CA ILE C 495 48.11 -47.92 -33.18
C ILE C 495 46.76 -48.58 -33.47
N ALA C 496 46.76 -49.67 -34.23
CA ALA C 496 45.51 -50.33 -34.55
C ALA C 496 44.82 -50.85 -33.30
N ASN C 497 45.57 -51.46 -32.38
CA ASN C 497 44.98 -51.96 -31.15
C ASN C 497 44.50 -50.82 -30.25
N ARG C 498 45.20 -49.69 -30.28
CA ARG C 498 44.72 -48.50 -29.58
C ARG C 498 43.33 -48.10 -30.09
N PHE C 499 43.19 -48.04 -31.41
CA PHE C 499 41.88 -47.71 -32.00
C PHE C 499 40.83 -48.73 -31.60
N ARG C 500 41.18 -50.03 -31.62
CA ARG C 500 40.22 -51.05 -31.24
C ARG C 500 39.75 -50.87 -29.80
N CYS C 501 40.69 -50.60 -28.90
CA CYS C 501 40.33 -50.44 -27.49
C CYS C 501 39.41 -49.24 -27.29
N GLN C 502 39.71 -48.12 -27.95
CA GLN C 502 38.87 -46.94 -27.78
C GLN C 502 37.49 -47.14 -28.42
N ASP C 503 37.42 -47.89 -29.53
CA ASP C 503 36.10 -48.23 -30.09
C ASP C 503 35.30 -49.10 -29.12
N GLU C 504 35.97 -50.06 -28.47
CA GLU C 504 35.28 -50.90 -27.48
C GLU C 504 34.74 -50.05 -26.33
N SER C 505 35.55 -49.13 -25.83
CA SER C 505 35.08 -48.24 -24.77
C SER C 505 33.88 -47.43 -25.24
N GLU C 506 33.90 -46.98 -26.50
CA GLU C 506 32.76 -46.25 -27.03
C GLU C 506 31.51 -47.12 -27.07
N ALA C 507 31.66 -48.38 -27.42
CA ALA C 507 30.51 -49.29 -27.44
C ALA C 507 29.92 -49.44 -26.03
N VAL C 508 30.78 -49.61 -25.03
CA VAL C 508 30.31 -49.72 -23.66
C VAL C 508 29.55 -48.45 -23.27
N CYS C 509 30.12 -47.29 -23.60
CA CYS C 509 29.47 -46.02 -23.31
C CYS C 509 28.11 -45.92 -23.99
N SER C 510 28.02 -46.39 -25.23
CA SER C 510 26.75 -46.35 -25.95
C SER C 510 25.71 -47.21 -25.25
N GLU C 511 26.12 -48.36 -24.71
CA GLU C 511 25.21 -49.15 -23.91
C GLU C 511 24.70 -48.34 -22.71
N TRP C 512 25.63 -47.68 -22.00
CA TRP C 512 25.21 -46.82 -20.89
C TRP C 512 24.16 -45.83 -21.37
N LYS C 513 24.43 -45.20 -22.53
CA LYS C 513 23.59 -44.11 -22.99
C LYS C 513 22.20 -44.59 -23.36
N PHE C 514 22.09 -45.76 -24.00
CA PHE C 514 20.76 -46.28 -24.32
C PHE C 514 19.99 -46.58 -23.05
N ALA C 515 20.66 -47.19 -22.07
CA ALA C 515 19.98 -47.46 -20.80
C ALA C 515 19.49 -46.16 -20.17
N ALA C 516 20.35 -45.14 -20.16
CA ALA C 516 19.98 -43.87 -19.52
C ALA C 516 18.82 -43.21 -20.26
N CYS C 517 18.84 -43.23 -21.59
CA CYS C 517 17.76 -42.63 -22.35
C CYS C 517 16.43 -43.31 -22.05
N VAL C 518 16.42 -44.63 -22.01
CA VAL C 518 15.14 -45.33 -21.84
C VAL C 518 14.63 -45.18 -20.41
N VAL C 519 15.53 -45.20 -19.42
CA VAL C 519 15.08 -44.94 -18.06
C VAL C 519 14.58 -43.50 -17.94
N ASP C 520 15.19 -42.57 -18.68
CA ASP C 520 14.70 -41.20 -18.71
C ASP C 520 13.28 -41.14 -19.24
N ARG C 521 12.99 -41.87 -20.32
CA ARG C 521 11.64 -41.90 -20.86
C ARG C 521 10.66 -42.53 -19.86
N LEU C 522 11.08 -43.59 -19.18
CA LEU C 522 10.24 -44.21 -18.17
C LEU C 522 9.90 -43.24 -17.04
N CYS C 523 10.90 -42.49 -16.58
CA CYS C 523 10.67 -41.47 -15.55
C CYS C 523 9.75 -40.37 -16.06
N LEU C 524 9.95 -39.94 -17.30
CA LEU C 524 9.04 -39.01 -17.93
C LEU C 524 7.61 -39.49 -17.79
N MET C 525 7.38 -40.77 -18.09
CA MET C 525 6.03 -41.33 -17.96
C MET C 525 5.50 -41.22 -16.55
N ALA C 526 6.28 -41.75 -15.62
CA ALA C 526 5.78 -41.82 -14.26
C ALA C 526 5.37 -40.42 -13.80
N PHE C 527 6.18 -39.41 -14.14
CA PHE C 527 5.78 -38.06 -13.74
C PHE C 527 4.57 -37.59 -14.51
N SER C 528 4.45 -37.97 -15.80
CA SER C 528 3.29 -37.53 -16.56
C SER C 528 2.00 -38.02 -15.91
N VAL C 529 1.94 -39.31 -15.60
CA VAL C 529 0.73 -39.87 -15.01
C VAL C 529 0.48 -39.26 -13.64
N PHE C 530 1.53 -39.18 -12.81
CA PHE C 530 1.38 -38.60 -11.48
C PHE C 530 0.84 -37.17 -11.58
N THR C 531 1.37 -36.40 -12.52
CA THR C 531 0.98 -35.00 -12.65
C THR C 531 -0.47 -34.85 -13.07
N ILE C 532 -0.88 -35.59 -14.11
CA ILE C 532 -2.27 -35.45 -14.57
C ILE C 532 -3.22 -35.89 -13.48
N ILE C 533 -2.94 -37.03 -12.84
CA ILE C 533 -3.86 -37.52 -11.81
C ILE C 533 -3.92 -36.54 -10.66
N CYS C 534 -2.80 -35.95 -10.27
CA CYS C 534 -2.78 -35.01 -9.15
C CYS C 534 -3.60 -33.77 -9.46
N THR C 535 -3.32 -33.12 -10.59
CA THR C 535 -4.05 -31.90 -10.93
C THR C 535 -5.54 -32.18 -11.02
N ILE C 536 -5.91 -33.24 -11.73
CA ILE C 536 -7.33 -33.55 -11.92
C ILE C 536 -7.99 -33.77 -10.56
N GLY C 537 -7.40 -34.62 -9.71
CA GLY C 537 -8.01 -34.92 -8.44
C GLY C 537 -8.16 -33.71 -7.55
N ILE C 538 -7.14 -32.86 -7.49
CA ILE C 538 -7.21 -31.71 -6.59
C ILE C 538 -8.27 -30.72 -7.07
N LEU C 539 -8.41 -30.52 -8.38
CA LEU C 539 -9.39 -29.55 -8.94
C LEU C 539 -10.77 -30.18 -9.09
N MET C 540 -10.93 -31.49 -8.89
CA MET C 540 -12.25 -32.18 -8.91
C MET C 540 -12.71 -32.48 -7.47
N SER C 541 -11.95 -32.10 -6.44
CA SER C 541 -12.27 -32.37 -5.01
C SER C 541 -13.23 -31.31 -4.46
N ALA C 542 -12.98 -30.04 -4.81
CA ALA C 542 -13.80 -28.90 -4.38
C ALA C 542 -15.28 -29.26 -4.53
N PRO C 543 -16.14 -29.11 -3.50
CA PRO C 543 -17.52 -29.57 -3.60
C PRO C 543 -18.34 -28.82 -4.67
N ASN C 544 -18.13 -27.51 -4.83
CA ASN C 544 -18.88 -26.66 -5.81
C ASN C 544 -18.04 -26.38 -7.05
N PHE C 545 -16.91 -27.08 -7.25
CA PHE C 545 -16.03 -26.88 -8.42
C PHE C 545 -16.79 -27.16 -9.71
N VAL C 546 -17.56 -28.25 -9.76
CA VAL C 546 -18.26 -28.64 -11.01
C VAL C 546 -19.25 -27.54 -11.36
N GLU C 547 -19.98 -26.99 -10.38
CA GLU C 547 -20.97 -25.91 -10.59
C GLU C 547 -20.27 -24.61 -11.01
N ALA C 548 -19.09 -24.31 -10.45
CA ALA C 548 -18.35 -23.05 -10.69
C ALA C 548 -17.88 -22.92 -12.15
N VAL C 549 -17.53 -24.01 -12.84
CA VAL C 549 -17.13 -23.98 -14.24
C VAL C 549 -18.34 -23.85 -15.15
N SER C 550 -19.44 -24.53 -14.82
CA SER C 550 -20.64 -24.44 -15.65
C SER C 550 -21.19 -23.02 -15.68
N LYS C 551 -21.00 -22.26 -14.61
CA LYS C 551 -21.51 -20.90 -14.54
C LYS C 551 -20.53 -19.89 -15.13
N ASP C 552 -19.27 -19.93 -14.71
CA ASP C 552 -18.30 -18.92 -15.11
C ASP C 552 -17.84 -19.12 -16.56
N PHE C 553 -17.55 -20.36 -16.94
CA PHE C 553 -17.17 -20.66 -18.31
C PHE C 553 -18.39 -20.99 -19.14
N GLU D 1 -47.69 8.82 28.63
CA GLU D 1 -48.30 9.65 29.72
C GLU D 1 -47.41 9.72 30.95
N PHE D 2 -47.20 8.56 31.58
CA PHE D 2 -46.41 8.51 32.80
C PHE D 2 -44.93 8.74 32.51
N GLN D 3 -44.50 8.36 31.32
CA GLN D 3 -43.13 8.57 30.89
C GLN D 3 -42.75 10.04 30.90
N ARG D 4 -43.61 10.89 30.33
CA ARG D 4 -43.35 12.32 30.32
C ARG D 4 -43.15 12.84 31.73
N LYS D 5 -44.05 12.48 32.62
CA LYS D 5 -43.98 12.95 33.99
C LYS D 5 -42.70 12.48 34.66
N LEU D 6 -42.35 11.21 34.46
CA LEU D 6 -41.15 10.66 35.08
C LEU D 6 -39.90 11.37 34.57
N TYR D 7 -39.78 11.48 33.25
CA TYR D 7 -38.61 12.14 32.68
C TYR D 7 -38.50 13.58 33.16
N LYS D 8 -39.63 14.27 33.30
CA LYS D 8 -39.58 15.62 33.86
C LYS D 8 -39.06 15.61 35.29
N GLU D 9 -39.59 14.71 36.12
CA GLU D 9 -39.21 14.70 37.53
C GLU D 9 -37.75 14.38 37.71
N LEU D 10 -37.22 13.46 36.90
CA LEU D 10 -35.87 12.96 37.14
C LEU D 10 -34.80 14.01 36.83
N VAL D 11 -35.06 14.90 35.89
CA VAL D 11 -34.09 15.91 35.47
C VAL D 11 -34.43 17.29 36.03
N LYS D 12 -35.22 17.34 37.11
CA LYS D 12 -35.67 18.62 37.62
C LYS D 12 -34.51 19.47 38.11
N ASN D 13 -33.57 18.86 38.84
CA ASN D 13 -32.40 19.55 39.36
C ASN D 13 -31.11 18.76 39.14
N TYR D 14 -31.15 17.77 38.24
CA TYR D 14 -30.02 16.87 38.08
C TYR D 14 -28.83 17.59 37.46
N ASN D 15 -27.65 17.28 37.99
CA ASN D 15 -26.39 17.81 37.50
C ASN D 15 -25.51 16.66 37.03
N PRO D 16 -25.06 16.65 35.77
CA PRO D 16 -24.26 15.53 35.29
C PRO D 16 -22.79 15.57 35.72
N LEU D 17 -22.37 16.61 36.42
CA LEU D 17 -21.01 16.69 36.95
C LEU D 17 -20.92 16.15 38.37
N GLU D 18 -22.04 15.82 38.99
CA GLU D 18 -22.10 15.45 40.40
C GLU D 18 -22.08 13.93 40.50
N ARG D 19 -21.12 13.39 41.23
CA ARG D 19 -21.09 11.97 41.49
C ARG D 19 -22.33 11.58 42.29
N PRO D 20 -23.13 10.63 41.83
CA PRO D 20 -24.45 10.38 42.43
C PRO D 20 -24.41 9.49 43.68
N VAL D 21 -24.06 10.09 44.80
CA VAL D 21 -24.04 9.42 46.09
C VAL D 21 -24.83 10.27 47.07
N ALA D 22 -25.50 9.60 48.00
CA ALA D 22 -26.23 10.32 49.04
C ALA D 22 -25.27 11.04 49.97
N ASN D 23 -24.21 10.35 50.40
CA ASN D 23 -23.19 10.92 51.26
C ASN D 23 -21.93 11.11 50.44
N ASP D 24 -21.51 12.37 50.28
CA ASP D 24 -20.38 12.68 49.42
C ASP D 24 -19.07 12.07 49.93
N SER D 25 -19.00 11.74 51.21
CA SER D 25 -17.79 11.13 51.76
C SER D 25 -17.66 9.66 51.38
N GLN D 26 -18.78 8.95 51.28
CA GLN D 26 -18.72 7.53 50.96
C GLN D 26 -18.43 7.34 49.48
N PRO D 27 -17.82 6.23 49.10
CA PRO D 27 -17.49 6.01 47.69
C PRO D 27 -18.65 5.45 46.89
N LEU D 28 -18.51 5.57 45.57
CA LEU D 28 -19.44 5.00 44.62
C LEU D 28 -18.80 3.75 44.02
N THR D 29 -19.50 2.63 44.11
CA THR D 29 -19.00 1.36 43.62
C THR D 29 -19.34 1.21 42.14
N VAL D 30 -18.34 0.85 41.35
CA VAL D 30 -18.49 0.65 39.91
C VAL D 30 -17.94 -0.72 39.56
N TYR D 31 -18.79 -1.55 38.98
CA TYR D 31 -18.43 -2.88 38.53
C TYR D 31 -18.04 -2.77 37.06
N PHE D 32 -16.79 -3.09 36.77
CA PHE D 32 -16.23 -2.96 35.44
C PHE D 32 -15.83 -4.33 34.93
N SER D 33 -16.27 -4.66 33.73
CA SER D 33 -15.98 -5.95 33.12
C SER D 33 -15.69 -5.72 31.65
N LEU D 34 -15.69 -6.80 30.88
CA LEU D 34 -15.27 -6.72 29.51
C LEU D 34 -15.90 -7.85 28.70
N SER D 35 -15.99 -7.68 27.37
CA SER D 35 -16.48 -8.71 26.41
C SER D 35 -15.66 -8.66 25.12
N LEU D 36 -14.67 -9.54 24.92
CA LEU D 36 -13.86 -9.59 23.72
C LEU D 36 -14.63 -10.26 22.60
N LEU D 37 -14.51 -9.73 21.39
CA LEU D 37 -15.17 -10.33 20.24
C LEU D 37 -14.21 -10.87 19.20
N GLN D 38 -13.08 -10.22 18.98
CA GLN D 38 -12.05 -10.82 18.14
C GLN D 38 -10.78 -10.00 18.21
N ILE D 39 -9.69 -10.64 17.82
CA ILE D 39 -8.42 -9.97 17.61
C ILE D 39 -8.37 -9.51 16.16
N MET D 40 -8.04 -8.24 15.98
CA MET D 40 -8.12 -7.51 14.73
C MET D 40 -6.77 -7.27 14.10
N ASP D 41 -5.75 -7.01 14.91
CA ASP D 41 -4.42 -6.85 14.34
C ASP D 41 -3.39 -6.87 15.46
N VAL D 42 -2.19 -7.43 15.23
CA VAL D 42 -1.09 -7.48 16.25
C VAL D 42 0.19 -6.97 15.57
N ASP D 43 0.28 -5.66 15.33
CA ASP D 43 1.44 -5.03 14.63
C ASP D 43 2.69 -5.11 15.51
N GLU D 44 3.86 -5.37 14.94
CA GLU D 44 5.16 -5.38 15.65
C GLU D 44 5.99 -4.16 15.24
N LYS D 45 5.62 -3.48 14.15
CA LYS D 45 6.31 -2.26 13.63
C LYS D 45 6.04 -1.07 14.54
N ASN D 46 4.76 -0.86 14.92
CA ASN D 46 4.28 0.23 15.80
C ASN D 46 4.02 -0.22 17.25
N GLN D 47 4.11 -1.53 17.53
CA GLN D 47 3.82 -2.21 18.78
C GLN D 47 2.43 -1.85 19.27
N VAL D 48 1.44 -2.23 18.48
CA VAL D 48 0.04 -1.89 18.72
C VAL D 48 -0.82 -3.14 18.55
N LEU D 49 -1.72 -3.35 19.49
CA LEU D 49 -2.70 -4.43 19.45
C LEU D 49 -4.07 -3.82 19.19
N THR D 50 -4.73 -4.29 18.14
CA THR D 50 -6.05 -3.82 17.74
C THR D 50 -7.07 -4.91 18.04
N THR D 51 -8.02 -4.59 18.92
CA THR D 51 -9.05 -5.50 19.40
C THR D 51 -10.42 -4.90 19.18
N ASN D 52 -11.43 -5.76 19.26
CA ASN D 52 -12.84 -5.34 19.32
C ASN D 52 -13.42 -5.79 20.65
N ILE D 53 -13.92 -4.84 21.43
CA ILE D 53 -14.39 -5.15 22.78
C ILE D 53 -15.57 -4.25 23.12
N TRP D 54 -16.44 -4.78 23.96
CA TRP D 54 -17.52 -4.04 24.57
C TRP D 54 -17.25 -3.94 26.06
N LEU D 55 -17.17 -2.72 26.56
CA LEU D 55 -17.04 -2.50 27.98
C LEU D 55 -18.36 -2.77 28.68
N GLN D 56 -18.28 -2.91 30.00
CA GLN D 56 -19.47 -3.13 30.81
C GLN D 56 -19.26 -2.41 32.12
N MET D 57 -19.98 -1.31 32.33
CA MET D 57 -19.97 -0.60 33.59
C MET D 57 -21.35 -0.70 34.23
N SER D 58 -21.35 -0.92 35.53
CA SER D 58 -22.57 -1.00 36.30
C SER D 58 -22.37 -0.22 37.59
N TRP D 59 -23.25 0.74 37.85
CA TRP D 59 -23.19 1.50 39.09
C TRP D 59 -24.61 1.76 39.57
N THR D 60 -24.72 2.56 40.61
CA THR D 60 -25.99 2.89 41.24
C THR D 60 -26.12 4.39 41.36
N ASP D 61 -27.25 4.93 40.93
CA ASP D 61 -27.53 6.36 41.00
C ASP D 61 -28.65 6.59 42.02
N HIS D 62 -28.36 7.45 43.00
CA HIS D 62 -29.30 7.72 44.07
C HIS D 62 -30.44 8.63 43.63
N TYR D 63 -30.16 9.52 42.68
CA TYR D 63 -31.13 10.53 42.27
C TYR D 63 -32.09 10.04 41.20
N LEU D 64 -31.76 8.95 40.53
CA LEU D 64 -32.64 8.35 39.53
C LEU D 64 -33.36 7.15 40.13
N GLN D 65 -34.34 7.45 40.95
CA GLN D 65 -35.16 6.45 41.60
C GLN D 65 -36.63 6.87 41.50
N TRP D 66 -37.50 5.88 41.39
CA TRP D 66 -38.93 6.16 41.34
C TRP D 66 -39.72 4.94 41.77
N ASN D 67 -40.98 5.18 42.05
CA ASN D 67 -41.92 4.16 42.49
C ASN D 67 -42.65 3.59 41.28
N VAL D 68 -42.57 2.28 41.09
CA VAL D 68 -43.21 1.66 39.94
C VAL D 68 -44.72 1.80 40.05
N SER D 69 -45.26 1.69 41.26
CA SER D 69 -46.71 1.70 41.43
C SER D 69 -47.31 3.04 41.00
N GLU D 70 -46.56 4.12 41.15
CA GLU D 70 -47.01 5.43 40.72
C GLU D 70 -46.79 5.71 39.23
N TYR D 71 -45.98 4.89 38.56
CA TYR D 71 -45.73 5.03 37.12
C TYR D 71 -45.91 3.67 36.47
N PRO D 72 -47.14 3.20 36.33
CA PRO D 72 -47.36 1.83 35.83
C PRO D 72 -46.88 1.67 34.40
N GLY D 73 -46.05 0.65 34.19
CA GLY D 73 -45.53 0.30 32.90
C GLY D 73 -44.14 0.84 32.63
N VAL D 74 -43.76 1.91 33.30
CA VAL D 74 -42.43 2.51 33.12
C VAL D 74 -41.45 1.85 34.07
N LYS D 75 -40.84 0.77 33.60
CA LYS D 75 -39.85 0.04 34.39
C LYS D 75 -38.42 0.47 34.10
N THR D 76 -38.18 1.19 33.02
CA THR D 76 -36.83 1.62 32.70
C THR D 76 -36.88 2.96 32.00
N VAL D 77 -35.75 3.66 32.07
CA VAL D 77 -35.53 4.87 31.30
C VAL D 77 -34.14 4.81 30.70
N ARG D 78 -33.93 5.62 29.67
CA ARG D 78 -32.67 5.67 28.94
C ARG D 78 -32.25 7.11 28.79
N PHE D 79 -30.99 7.38 29.06
CA PHE D 79 -30.48 8.72 28.99
C PHE D 79 -29.25 8.78 28.09
N PRO D 80 -29.15 9.80 27.24
CA PRO D 80 -27.97 9.94 26.39
C PRO D 80 -26.71 10.32 27.16
N ASP D 81 -25.64 10.61 26.42
CA ASP D 81 -24.34 10.81 27.02
C ASP D 81 -24.36 11.91 28.07
N GLY D 82 -24.66 13.13 27.66
CA GLY D 82 -24.41 14.28 28.50
C GLY D 82 -25.55 14.70 29.41
N GLN D 83 -26.52 13.81 29.63
CA GLN D 83 -27.66 14.12 30.47
C GLN D 83 -27.56 13.54 31.87
N ILE D 84 -26.69 12.55 32.08
CA ILE D 84 -26.45 12.00 33.40
C ILE D 84 -24.97 11.67 33.54
N TRP D 85 -24.59 11.37 34.78
CA TRP D 85 -23.20 11.12 35.13
C TRP D 85 -22.75 9.75 34.64
N LYS D 86 -21.59 9.71 33.99
CA LYS D 86 -20.89 8.49 33.67
C LYS D 86 -19.47 8.58 34.22
N PRO D 87 -18.89 7.45 34.63
CA PRO D 87 -17.52 7.49 35.14
C PRO D 87 -16.50 7.65 34.03
N ASP D 88 -15.38 8.25 34.40
CA ASP D 88 -14.29 8.53 33.48
C ASP D 88 -13.31 7.36 33.36
N ILE D 89 -13.86 6.18 33.08
CA ILE D 89 -13.06 4.98 32.87
C ILE D 89 -12.57 4.99 31.44
N LEU D 90 -11.25 4.92 31.25
CA LEU D 90 -10.71 4.88 29.91
C LEU D 90 -9.33 4.26 29.94
N LEU D 91 -8.88 3.85 28.76
CA LEU D 91 -7.68 3.06 28.60
C LEU D 91 -6.44 3.93 28.76
N TYR D 92 -5.62 3.63 29.76
CA TYR D 92 -4.40 4.39 30.00
C TYR D 92 -3.42 4.22 28.85
N ASN D 93 -3.34 3.01 28.30
CA ASN D 93 -2.33 2.63 27.32
C ASN D 93 -2.88 2.61 25.90
N SER D 94 -3.71 3.60 25.60
CA SER D 94 -4.40 3.80 24.31
C SER D 94 -3.43 4.44 23.30
N ALA D 95 -3.46 3.95 21.98
CA ALA D 95 -2.70 4.51 20.87
C ALA D 95 -3.60 4.78 19.67
N ASP D 96 -4.77 5.38 19.90
CA ASP D 96 -5.85 5.36 18.92
C ASP D 96 -5.79 6.56 17.97
N GLU D 97 -5.26 7.70 18.44
CA GLU D 97 -5.30 9.00 17.78
C GLU D 97 -6.58 9.79 18.03
N ARG D 98 -7.53 9.21 18.76
CA ARG D 98 -8.63 9.97 19.36
C ARG D 98 -8.77 9.66 20.84
N PHE D 99 -8.03 8.66 21.31
CA PHE D 99 -7.80 8.29 22.70
C PHE D 99 -9.02 7.73 23.41
N ASP D 100 -10.20 7.94 22.87
CA ASP D 100 -11.39 7.27 23.35
C ASP D 100 -12.07 6.62 22.16
N ALA D 101 -11.88 5.32 22.03
CA ALA D 101 -12.36 4.58 20.89
C ALA D 101 -13.78 4.10 21.06
N THR D 102 -14.35 4.53 22.07
CA THR D 102 -15.71 4.05 22.41
C THR D 102 -16.83 4.81 21.69
N PHE D 103 -17.95 4.13 21.44
CA PHE D 103 -19.18 4.70 20.88
C PHE D 103 -20.14 4.92 22.04
N HIS D 104 -20.55 6.17 22.23
CA HIS D 104 -21.31 6.56 23.41
C HIS D 104 -22.77 6.17 23.20
N THR D 105 -23.12 4.98 23.70
CA THR D 105 -24.49 4.52 23.67
C THR D 105 -25.28 5.20 24.79
N ASN D 106 -26.49 4.73 25.01
CA ASN D 106 -27.37 5.27 26.05
C ASN D 106 -27.24 4.45 27.33
N VAL D 107 -27.58 5.10 28.43
CA VAL D 107 -27.49 4.51 29.76
C VAL D 107 -28.89 4.12 30.22
N LEU D 108 -29.03 2.88 30.66
CA LEU D 108 -30.30 2.30 31.04
C LEU D 108 -30.43 2.26 32.55
N VAL D 109 -31.59 2.68 33.06
CA VAL D 109 -31.82 2.82 34.49
C VAL D 109 -33.14 2.16 34.84
N ASN D 110 -33.14 1.37 35.89
CA ASN D 110 -34.32 0.74 36.46
C ASN D 110 -34.67 1.36 37.80
N SER D 111 -35.90 1.15 38.27
CA SER D 111 -36.44 1.83 39.48
C SER D 111 -35.46 1.99 40.65
N SER D 112 -34.56 0.98 40.98
CA SER D 112 -33.63 1.09 42.08
C SER D 112 -32.51 2.08 41.80
N GLY D 113 -32.33 2.49 40.56
CA GLY D 113 -31.26 3.37 40.18
C GLY D 113 -30.06 2.67 39.58
N HIS D 114 -30.13 1.36 39.40
CA HIS D 114 -29.00 0.63 38.85
C HIS D 114 -28.81 0.97 37.39
N CYS D 115 -27.61 1.42 37.04
CA CYS D 115 -27.29 1.96 35.73
C CYS D 115 -26.25 1.09 35.05
N GLN D 116 -26.45 0.90 33.75
CA GLN D 116 -25.83 -0.16 32.96
C GLN D 116 -25.37 0.42 31.63
N TYR D 117 -24.07 0.34 31.35
CA TYR D 117 -23.46 1.09 30.25
C TYR D 117 -22.52 0.20 29.45
N LEU D 118 -22.76 0.12 28.14
CA LEU D 118 -21.98 -0.65 27.17
C LEU D 118 -21.43 0.24 26.07
N PRO D 119 -20.24 0.77 26.24
CA PRO D 119 -19.57 1.40 25.13
C PRO D 119 -18.74 0.38 24.34
N PRO D 120 -19.17 0.04 23.13
CA PRO D 120 -18.34 -0.80 22.27
C PRO D 120 -17.26 -0.01 21.58
N GLY D 121 -16.25 -0.64 21.00
CA GLY D 121 -15.27 0.13 20.22
C GLY D 121 -14.17 -0.72 19.66
N ILE D 122 -13.38 -0.18 18.72
CA ILE D 122 -12.17 -0.85 18.17
C ILE D 122 -11.03 -0.17 18.94
N PHE D 123 -10.45 -0.80 19.95
CA PHE D 123 -9.43 -0.19 20.82
C PHE D 123 -8.02 -0.54 20.34
N LYS D 124 -7.10 0.42 20.22
CA LYS D 124 -5.70 0.13 19.86
C LYS D 124 -4.87 0.38 21.12
N SER D 125 -4.16 -0.61 21.65
CA SER D 125 -3.37 -0.43 22.89
C SER D 125 -1.91 -0.73 22.61
N SER D 126 -1.02 -0.22 23.44
CA SER D 126 0.42 -0.39 23.32
C SER D 126 0.85 -1.66 24.05
N CYS D 127 1.50 -2.57 23.34
CA CYS D 127 2.02 -3.78 23.96
C CYS D 127 3.32 -4.17 23.28
N TYR D 128 4.34 -4.42 24.10
CA TYR D 128 5.63 -4.85 23.59
C TYR D 128 5.54 -6.25 22.99
N ILE D 129 5.97 -6.38 21.74
CA ILE D 129 6.00 -7.67 21.05
C ILE D 129 7.44 -8.15 21.01
N ASP D 130 7.64 -9.44 21.30
CA ASP D 130 8.94 -10.08 21.21
C ASP D 130 8.89 -11.10 20.07
N VAL D 131 9.67 -10.85 19.03
CA VAL D 131 9.72 -11.71 17.86
C VAL D 131 10.98 -12.56 17.83
N ARG D 132 11.61 -12.75 19.00
CA ARG D 132 12.84 -13.53 19.05
C ARG D 132 12.61 -14.97 18.63
N TRP D 133 11.47 -15.54 19.00
CA TRP D 133 11.16 -16.98 18.71
C TRP D 133 10.21 -17.06 17.54
N PHE D 134 10.17 -16.06 16.66
CA PHE D 134 9.31 -16.08 15.48
C PHE D 134 9.56 -17.35 14.67
N PRO D 135 8.52 -18.02 14.17
CA PRO D 135 7.08 -17.77 14.35
C PRO D 135 6.48 -18.51 15.54
N PHE D 136 7.29 -19.15 16.37
CA PHE D 136 6.82 -19.94 17.54
C PHE D 136 6.78 -18.99 18.74
N ASP D 137 6.05 -17.87 18.67
CA ASP D 137 6.09 -16.83 19.75
C ASP D 137 4.74 -16.65 20.44
N VAL D 138 4.71 -16.52 21.77
CA VAL D 138 3.48 -16.24 22.56
C VAL D 138 3.60 -14.80 23.09
N GLN D 139 2.55 -13.98 22.93
CA GLN D 139 2.51 -12.59 23.35
C GLN D 139 1.51 -12.41 24.49
N HIS D 140 1.88 -11.53 25.42
CA HIS D 140 1.08 -11.19 26.59
C HIS D 140 0.85 -9.68 26.53
N CYS D 141 -0.20 -9.28 25.82
CA CYS D 141 -0.48 -7.87 25.61
C CYS D 141 -1.60 -7.45 26.54
N LYS D 142 -1.37 -6.42 27.33
CA LYS D 142 -2.29 -6.03 28.38
C LYS D 142 -3.04 -4.75 28.08
N LEU D 143 -4.18 -4.62 28.75
CA LEU D 143 -5.09 -3.51 28.62
C LEU D 143 -5.38 -3.00 30.02
N LYS D 144 -4.97 -1.77 30.30
CA LYS D 144 -5.08 -1.18 31.62
C LYS D 144 -6.17 -0.13 31.62
N PHE D 145 -7.19 -0.35 32.44
CA PHE D 145 -8.31 0.57 32.57
C PHE D 145 -8.31 1.15 33.96
N GLY D 146 -8.69 2.42 34.05
CA GLY D 146 -8.84 3.05 35.34
C GLY D 146 -9.44 4.43 35.18
N SER D 147 -9.91 4.96 36.29
CA SER D 147 -10.41 6.31 36.28
C SER D 147 -9.28 7.29 36.06
N TRP D 148 -9.66 8.48 35.59
CA TRP D 148 -8.71 9.52 35.22
C TRP D 148 -8.56 10.59 36.29
N SER D 149 -9.56 10.78 37.14
CA SER D 149 -9.53 11.86 38.11
C SER D 149 -10.09 11.46 39.47
N TYR D 150 -10.43 10.20 39.68
CA TYR D 150 -11.09 9.75 40.89
C TYR D 150 -10.21 8.73 41.61
N GLY D 151 -10.26 8.77 42.94
CA GLY D 151 -9.56 7.81 43.77
C GLY D 151 -10.45 6.68 44.24
N GLY D 152 -9.85 5.78 45.01
CA GLY D 152 -10.56 4.62 45.51
C GLY D 152 -11.55 4.92 46.60
N TRP D 153 -11.49 6.12 47.19
CA TRP D 153 -12.46 6.56 48.17
C TRP D 153 -13.60 7.36 47.55
N SER D 154 -13.61 7.49 46.23
CA SER D 154 -14.67 8.19 45.53
C SER D 154 -15.22 7.31 44.42
N LEU D 155 -14.37 6.45 43.86
CA LEU D 155 -14.77 5.51 42.82
C LEU D 155 -14.12 4.17 43.12
N ASP D 156 -14.85 3.31 43.84
CA ASP D 156 -14.37 1.99 44.22
C ASP D 156 -14.59 1.04 43.06
N LEU D 157 -13.59 0.91 42.18
CA LEU D 157 -13.68 -0.03 41.10
C LEU D 157 -13.72 -1.46 41.61
N GLN D 158 -14.44 -2.33 40.91
CA GLN D 158 -14.58 -3.74 41.30
C GLN D 158 -14.39 -4.47 40.00
N MET D 159 -13.48 -5.42 39.91
CA MET D 159 -13.32 -6.11 38.63
C MET D 159 -14.17 -7.36 38.67
N GLN D 160 -15.18 -7.46 37.82
CA GLN D 160 -15.80 -8.77 37.56
C GLN D 160 -15.10 -9.34 36.33
N GLU D 161 -15.29 -10.63 36.02
CA GLU D 161 -14.61 -11.44 34.96
C GLU D 161 -14.98 -11.06 33.52
N ALA D 162 -14.09 -11.34 32.56
CA ALA D 162 -14.24 -11.08 31.11
C ALA D 162 -15.17 -12.11 30.47
N ASP D 163 -15.64 -11.85 29.26
CA ASP D 163 -16.63 -12.67 28.51
C ASP D 163 -16.07 -13.12 27.16
N ILE D 164 -16.06 -14.41 26.82
CA ILE D 164 -15.56 -14.88 25.53
C ILE D 164 -16.65 -15.58 24.74
N SER D 165 -17.90 -15.53 25.19
CA SER D 165 -18.98 -16.20 24.49
C SER D 165 -19.12 -15.71 23.06
N GLY D 166 -18.67 -14.49 22.78
CA GLY D 166 -18.76 -13.91 21.46
C GLY D 166 -17.46 -13.92 20.67
N TYR D 167 -16.44 -14.61 21.14
CA TYR D 167 -15.15 -14.58 20.47
C TYR D 167 -15.26 -15.18 19.08
N ILE D 168 -14.50 -14.60 18.15
CA ILE D 168 -14.48 -15.01 16.76
C ILE D 168 -13.03 -15.25 16.35
N PRO D 169 -12.58 -16.50 16.28
CA PRO D 169 -11.16 -16.74 15.91
C PRO D 169 -10.85 -16.15 14.55
N ASN D 170 -9.63 -15.63 14.42
CA ASN D 170 -9.26 -14.86 13.24
C ASN D 170 -8.39 -15.62 12.25
N GLY D 171 -7.66 -16.64 12.71
CA GLY D 171 -6.89 -17.49 11.83
C GLY D 171 -5.41 -17.22 11.81
N GLU D 172 -4.91 -16.35 12.67
CA GLU D 172 -3.48 -16.14 12.83
C GLU D 172 -3.03 -16.14 14.28
N TRP D 173 -3.96 -16.15 15.24
CA TRP D 173 -3.64 -16.12 16.66
C TRP D 173 -4.65 -16.97 17.41
N ASP D 174 -4.15 -17.76 18.35
CA ASP D 174 -4.97 -18.59 19.21
C ASP D 174 -5.03 -17.97 20.59
N LEU D 175 -6.25 -17.79 21.11
CA LEU D 175 -6.43 -17.11 22.39
C LEU D 175 -6.24 -18.10 23.52
N VAL D 176 -5.15 -17.95 24.26
CA VAL D 176 -4.95 -18.74 25.46
C VAL D 176 -5.92 -18.31 26.55
N GLY D 177 -5.98 -17.01 26.82
CA GLY D 177 -6.87 -16.51 27.84
C GLY D 177 -6.81 -15.00 27.92
N ILE D 178 -7.64 -14.47 28.80
CA ILE D 178 -7.72 -13.03 29.06
C ILE D 178 -8.07 -12.83 30.52
N PRO D 179 -7.16 -13.14 31.44
CA PRO D 179 -7.44 -12.95 32.86
C PRO D 179 -7.25 -11.51 33.30
N GLY D 180 -7.94 -11.18 34.39
CA GLY D 180 -7.91 -9.84 34.93
C GLY D 180 -7.31 -9.75 36.31
N LYS D 181 -6.89 -8.55 36.66
CA LYS D 181 -6.27 -8.28 37.96
C LYS D 181 -6.57 -6.86 38.37
N ARG D 182 -7.14 -6.69 39.57
CA ARG D 182 -7.33 -5.39 40.17
C ARG D 182 -6.09 -5.04 41.00
N SER D 183 -5.55 -3.86 40.75
CA SER D 183 -4.34 -3.41 41.42
C SER D 183 -4.56 -2.00 41.94
N GLU D 184 -3.69 -1.59 42.86
CA GLU D 184 -3.86 -0.32 43.54
C GLU D 184 -2.50 0.36 43.66
N ARG D 185 -2.51 1.69 43.56
CA ARG D 185 -1.28 2.47 43.59
C ARG D 185 -1.41 3.60 44.60
N PHE D 186 -0.42 3.76 45.50
CA PHE D 186 -0.43 4.77 46.58
C PHE D 186 0.48 5.91 46.17
N TYR D 187 0.26 7.08 46.72
CA TYR D 187 1.01 8.31 46.36
C TYR D 187 1.37 9.08 47.63
N GLU D 188 2.34 9.97 47.54
CA GLU D 188 2.85 10.79 48.67
C GLU D 188 1.76 11.69 49.25
N CYS D 189 0.87 12.23 48.43
CA CYS D 189 -0.11 13.23 48.94
C CYS D 189 -0.97 12.68 50.07
N CYS D 190 -1.46 11.45 49.99
CA CYS D 190 -2.35 10.95 51.06
C CYS D 190 -2.41 9.43 51.04
N LYS D 191 -3.02 8.86 52.10
CA LYS D 191 -3.23 7.42 52.37
C LYS D 191 -4.22 6.76 51.39
N GLU D 192 -5.10 7.51 50.72
CA GLU D 192 -6.12 6.97 49.79
C GLU D 192 -5.48 6.26 48.61
N PRO D 193 -5.93 5.06 48.22
CA PRO D 193 -5.35 4.34 47.08
C PRO D 193 -6.03 4.54 45.72
N TYR D 194 -5.32 4.40 44.61
CA TYR D 194 -5.87 4.65 43.28
C TYR D 194 -5.93 3.33 42.53
N PRO D 195 -7.12 2.80 42.25
CA PRO D 195 -7.21 1.46 41.69
C PRO D 195 -7.20 1.42 40.17
N ASP D 196 -7.06 0.21 39.65
CA ASP D 196 -7.01 -0.03 38.23
C ASP D 196 -7.31 -1.49 37.97
N VAL D 197 -7.72 -1.78 36.73
CA VAL D 197 -8.10 -3.12 36.31
C VAL D 197 -7.34 -3.44 35.04
N THR D 198 -6.59 -4.53 35.06
CA THR D 198 -5.74 -4.90 33.94
C THR D 198 -6.16 -6.26 33.42
N PHE D 199 -6.40 -6.34 32.12
CA PHE D 199 -6.75 -7.58 31.44
C PHE D 199 -5.61 -7.96 30.52
N THR D 200 -5.10 -9.16 30.68
CA THR D 200 -3.89 -9.59 29.99
C THR D 200 -4.27 -10.60 28.91
N VAL D 201 -4.34 -10.13 27.67
CA VAL D 201 -4.65 -11.00 26.54
C VAL D 201 -3.42 -11.81 26.21
N THR D 202 -3.52 -13.13 26.31
CA THR D 202 -2.43 -14.03 26.00
C THR D 202 -2.77 -14.78 24.72
N MET D 203 -1.82 -14.83 23.78
CA MET D 203 -2.11 -15.49 22.52
C MET D 203 -0.84 -16.05 21.91
N ARG D 204 -1.00 -17.14 21.17
CA ARG D 204 0.09 -17.83 20.50
C ARG D 204 -0.17 -17.87 19.01
N ARG D 205 0.89 -17.71 18.23
CA ARG D 205 0.77 -17.68 16.79
C ARG D 205 0.49 -19.06 16.22
N ARG D 206 -0.08 -19.07 15.02
CA ARG D 206 -0.39 -20.29 14.29
C ARG D 206 0.59 -20.42 13.13
N THR D 207 1.26 -21.57 13.05
CA THR D 207 2.41 -21.76 12.18
C THR D 207 2.09 -22.54 10.92
N LEU D 208 0.83 -22.91 10.69
CA LEU D 208 0.49 -23.70 9.52
C LEU D 208 0.73 -22.95 8.22
N TYR D 209 0.82 -21.62 8.27
CA TYR D 209 1.07 -20.83 7.07
C TYR D 209 2.57 -20.71 6.80
N TYR D 210 3.32 -20.19 7.77
CA TYR D 210 4.76 -20.03 7.58
C TYR D 210 5.45 -21.38 7.42
N GLY D 211 4.92 -22.41 8.06
CA GLY D 211 5.56 -23.71 8.00
C GLY D 211 5.68 -24.25 6.58
N LEU D 212 4.61 -24.15 5.80
CA LEU D 212 4.58 -24.73 4.47
C LEU D 212 4.48 -23.69 3.36
N ASN D 213 4.82 -22.43 3.66
CA ASN D 213 5.00 -21.41 2.64
C ASN D 213 6.31 -20.67 2.76
N LEU D 214 7.03 -20.80 3.87
CA LEU D 214 8.34 -20.19 4.05
C LEU D 214 9.45 -21.19 4.29
N LEU D 215 9.15 -22.39 4.78
CA LEU D 215 10.17 -23.34 5.19
C LEU D 215 10.27 -24.55 4.30
N ILE D 216 9.26 -24.83 3.48
CA ILE D 216 9.32 -25.91 2.50
C ILE D 216 10.13 -25.42 1.30
N PRO D 217 9.81 -24.26 0.72
CA PRO D 217 10.63 -23.77 -0.40
C PRO D 217 12.09 -23.60 -0.03
N CYS D 218 12.38 -23.11 1.18
CA CYS D 218 13.77 -22.93 1.58
C CYS D 218 14.50 -24.26 1.67
N VAL D 219 13.83 -25.28 2.23
CA VAL D 219 14.46 -26.59 2.35
C VAL D 219 14.70 -27.20 0.97
N LEU D 220 13.72 -27.08 0.08
CA LEU D 220 13.91 -27.60 -1.28
C LEU D 220 15.05 -26.88 -1.99
N ILE D 221 15.13 -25.56 -1.82
CA ILE D 221 16.21 -24.79 -2.44
C ILE D 221 17.56 -25.23 -1.89
N SER D 222 17.66 -25.42 -0.58
CA SER D 222 18.92 -25.85 0.02
C SER D 222 19.31 -27.24 -0.47
N ALA D 223 18.35 -28.15 -0.57
CA ALA D 223 18.63 -29.47 -1.09
C ALA D 223 19.14 -29.41 -2.52
N LEU D 224 18.48 -28.62 -3.37
CA LEU D 224 18.95 -28.47 -4.74
C LEU D 224 20.36 -27.88 -4.78
N ALA D 225 20.66 -26.96 -3.87
CA ALA D 225 22.01 -26.43 -3.81
C ALA D 225 23.03 -27.51 -3.48
N LEU D 226 22.69 -28.37 -2.51
CA LEU D 226 23.57 -29.49 -2.20
C LEU D 226 23.69 -30.43 -3.38
N LEU D 227 22.67 -30.46 -4.25
CA LEU D 227 22.64 -31.38 -5.37
C LEU D 227 23.78 -31.17 -6.36
N VAL D 228 24.40 -29.99 -6.36
CA VAL D 228 25.39 -29.67 -7.38
C VAL D 228 26.56 -30.65 -7.32
N PHE D 229 26.92 -31.12 -6.13
CA PHE D 229 28.12 -31.94 -5.99
C PHE D 229 27.99 -33.25 -6.75
N LEU D 230 26.81 -33.87 -6.72
CA LEU D 230 26.62 -35.12 -7.45
C LEU D 230 26.87 -34.92 -8.94
N LEU D 231 26.59 -33.72 -9.44
CA LEU D 231 26.64 -33.48 -10.86
C LEU D 231 28.08 -33.61 -11.37
N PRO D 232 28.32 -34.38 -12.44
CA PRO D 232 29.68 -34.48 -12.96
C PRO D 232 30.16 -33.17 -13.55
N ALA D 233 31.48 -32.97 -13.51
CA ALA D 233 32.08 -31.75 -14.02
C ALA D 233 32.05 -31.68 -15.54
N ASP D 234 32.09 -32.84 -16.22
CA ASP D 234 32.03 -32.84 -17.67
C ASP D 234 30.85 -32.03 -18.17
N SER D 235 29.71 -32.17 -17.50
CA SER D 235 28.54 -31.34 -17.78
C SER D 235 28.80 -29.94 -17.26
N GLY D 236 28.85 -28.96 -18.16
CA GLY D 236 29.08 -27.58 -17.75
C GLY D 236 27.85 -26.96 -17.16
N GLU D 237 27.38 -27.54 -16.05
CA GLU D 237 26.12 -27.13 -15.44
C GLU D 237 26.19 -26.99 -13.93
N LYS D 238 27.34 -27.23 -13.30
CA LYS D 238 27.43 -27.14 -11.85
C LYS D 238 27.35 -25.70 -11.38
N ILE D 239 28.15 -24.83 -11.99
CA ILE D 239 28.08 -23.40 -11.67
C ILE D 239 26.72 -22.85 -12.02
N SER D 240 26.20 -23.25 -13.18
CA SER D 240 24.86 -22.81 -13.57
C SER D 240 23.85 -23.14 -12.48
N LEU D 241 23.84 -24.40 -12.03
CA LEU D 241 22.87 -24.81 -11.03
C LEU D 241 23.06 -24.05 -9.73
N GLY D 242 24.30 -23.99 -9.23
CA GLY D 242 24.51 -23.34 -7.95
C GLY D 242 24.12 -21.88 -7.95
N ILE D 243 24.55 -21.15 -8.98
CA ILE D 243 24.28 -19.72 -9.01
C ILE D 243 22.80 -19.46 -9.26
N THR D 244 22.15 -20.29 -10.08
CA THR D 244 20.71 -20.13 -10.28
C THR D 244 19.95 -20.40 -8.99
N VAL D 245 20.40 -21.38 -8.21
CA VAL D 245 19.76 -21.65 -6.91
C VAL D 245 19.93 -20.45 -5.99
N LEU D 246 21.13 -19.86 -5.97
CA LEU D 246 21.32 -18.66 -5.15
C LEU D 246 20.40 -17.54 -5.62
N LEU D 247 20.23 -17.39 -6.93
CA LEU D 247 19.31 -16.36 -7.44
C LEU D 247 17.88 -16.64 -7.00
N SER D 248 17.46 -17.90 -7.03
CA SER D 248 16.12 -18.24 -6.57
C SER D 248 15.95 -17.92 -5.09
N LEU D 249 16.98 -18.18 -4.30
CA LEU D 249 16.94 -17.79 -2.88
C LEU D 249 16.84 -16.29 -2.73
N THR D 250 17.60 -15.54 -3.53
CA THR D 250 17.52 -14.08 -3.51
C THR D 250 16.10 -13.62 -3.78
N VAL D 251 15.43 -14.24 -4.76
CA VAL D 251 14.04 -13.89 -5.03
C VAL D 251 13.15 -14.24 -3.84
N PHE D 252 13.35 -15.43 -3.26
CA PHE D 252 12.58 -15.86 -2.10
C PHE D 252 12.68 -14.84 -0.98
N MET D 253 13.83 -14.15 -0.90
CA MET D 253 13.99 -13.13 0.12
C MET D 253 12.96 -12.03 0.03
N LEU D 254 12.33 -11.82 -1.13
CA LEU D 254 11.31 -10.79 -1.24
C LEU D 254 10.06 -11.16 -0.44
N LEU D 255 9.52 -12.36 -0.68
CA LEU D 255 8.44 -12.86 0.15
C LEU D 255 8.85 -12.84 1.61
N VAL D 256 10.04 -13.36 1.88
CA VAL D 256 10.52 -13.47 3.24
C VAL D 256 10.50 -12.10 3.92
N ALA D 257 10.98 -11.07 3.22
CA ALA D 257 11.00 -9.72 3.80
C ALA D 257 9.59 -9.20 4.03
N GLU D 258 8.72 -9.31 3.01
CA GLU D 258 7.38 -8.76 3.19
C GLU D 258 6.61 -9.48 4.29
N ILE D 259 7.06 -10.66 4.71
CA ILE D 259 6.32 -11.43 5.71
C ILE D 259 6.91 -11.32 7.13
N MET D 260 8.11 -10.80 7.29
CA MET D 260 8.78 -10.78 8.58
C MET D 260 8.66 -9.43 9.26
N PRO D 261 9.08 -9.34 10.52
CA PRO D 261 9.20 -8.04 11.18
C PRO D 261 10.58 -7.43 11.00
N ALA D 262 10.61 -6.10 11.07
CA ALA D 262 11.85 -5.33 10.98
C ALA D 262 12.13 -4.79 12.37
N THR D 263 12.84 -5.57 13.18
CA THR D 263 13.18 -5.21 14.55
C THR D 263 14.68 -5.39 14.75
N SER D 264 15.28 -4.46 15.49
CA SER D 264 16.69 -4.51 15.83
C SER D 264 16.92 -4.87 17.29
N ASP D 265 15.86 -5.13 18.05
CA ASP D 265 16.01 -5.53 19.44
C ASP D 265 16.42 -6.99 19.58
N SER D 266 16.20 -7.81 18.56
CA SER D 266 16.54 -9.22 18.61
C SER D 266 16.60 -9.76 17.19
N VAL D 267 17.05 -11.01 17.08
CA VAL D 267 17.20 -11.70 15.81
C VAL D 267 16.11 -12.76 15.71
N PRO D 268 15.11 -12.60 14.85
CA PRO D 268 14.11 -13.66 14.69
C PRO D 268 14.76 -14.97 14.24
N LEU D 269 14.12 -16.07 14.62
CA LEU D 269 14.68 -17.39 14.37
C LEU D 269 14.91 -17.62 12.89
N ILE D 270 13.87 -17.42 12.08
CA ILE D 270 13.98 -17.74 10.66
C ILE D 270 14.95 -16.82 9.96
N ALA D 271 15.27 -15.67 10.53
CA ALA D 271 16.35 -14.86 9.98
C ALA D 271 17.67 -15.62 10.09
N GLN D 272 17.92 -16.25 11.24
CA GLN D 272 19.09 -17.10 11.38
C GLN D 272 19.01 -18.31 10.45
N TYR D 273 17.82 -18.89 10.33
CA TYR D 273 17.63 -20.02 9.42
C TYR D 273 18.05 -19.66 8.00
N PHE D 274 17.54 -18.53 7.50
CA PHE D 274 17.84 -18.11 6.14
C PHE D 274 19.29 -17.69 5.99
N ALA D 275 19.87 -17.08 7.03
CA ALA D 275 21.29 -16.76 6.97
C ALA D 275 22.12 -18.02 6.84
N SER D 276 21.81 -19.04 7.63
CA SER D 276 22.54 -20.30 7.54
C SER D 276 22.39 -20.92 6.17
N THR D 277 21.17 -20.90 5.62
CA THR D 277 20.95 -21.44 4.28
C THR D 277 21.78 -20.68 3.24
N MET D 278 21.79 -19.35 3.33
CA MET D 278 22.56 -18.54 2.40
C MET D 278 24.04 -18.86 2.47
N ILE D 279 24.59 -18.95 3.69
CA ILE D 279 26.01 -19.24 3.85
C ILE D 279 26.32 -20.61 3.27
N ILE D 280 25.46 -21.60 3.54
CA ILE D 280 25.68 -22.95 3.05
C ILE D 280 25.72 -22.95 1.53
N VAL D 281 24.75 -22.28 0.90
CA VAL D 281 24.70 -22.27 -0.57
C VAL D 281 25.94 -21.58 -1.14
N GLY D 282 26.33 -20.45 -0.56
CA GLY D 282 27.49 -19.74 -1.07
C GLY D 282 28.77 -20.55 -0.97
N LEU D 283 28.96 -21.21 0.17
CA LEU D 283 30.15 -22.02 0.33
C LEU D 283 30.11 -23.25 -0.59
N SER D 284 28.91 -23.75 -0.89
CA SER D 284 28.79 -24.80 -1.90
C SER D 284 29.30 -24.31 -3.25
N VAL D 285 28.91 -23.09 -3.63
CA VAL D 285 29.41 -22.53 -4.88
C VAL D 285 30.92 -22.44 -4.86
N VAL D 286 31.49 -21.96 -3.75
CA VAL D 286 32.94 -21.83 -3.65
C VAL D 286 33.62 -23.17 -3.82
N VAL D 287 33.11 -24.19 -3.13
CA VAL D 287 33.74 -25.50 -3.15
C VAL D 287 33.67 -26.11 -4.53
N THR D 288 32.53 -25.98 -5.21
CA THR D 288 32.46 -26.52 -6.56
C THR D 288 33.41 -25.78 -7.50
N VAL D 289 33.60 -24.48 -7.29
CA VAL D 289 34.61 -23.76 -8.07
C VAL D 289 35.99 -24.36 -7.84
N ILE D 290 36.31 -24.68 -6.58
CA ILE D 290 37.59 -25.29 -6.25
C ILE D 290 37.80 -26.60 -7.01
N VAL D 291 36.86 -27.53 -6.84
CA VAL D 291 37.04 -28.84 -7.46
C VAL D 291 37.00 -28.71 -8.97
N LEU D 292 36.28 -27.72 -9.48
CA LEU D 292 36.29 -27.44 -10.91
C LEU D 292 37.68 -27.01 -11.36
N GLN D 293 38.34 -26.17 -10.56
CA GLN D 293 39.74 -25.84 -10.81
C GLN D 293 40.57 -27.11 -10.92
N TYR D 294 40.25 -28.11 -10.10
CA TYR D 294 40.97 -29.38 -10.20
C TYR D 294 40.65 -30.10 -11.52
N HIS D 295 39.37 -30.23 -11.85
CA HIS D 295 39.01 -31.04 -13.02
C HIS D 295 39.65 -30.50 -14.30
N HIS D 296 39.57 -29.18 -14.50
CA HIS D 296 40.16 -28.54 -15.67
C HIS D 296 41.60 -28.18 -15.32
N HIS D 297 42.53 -29.02 -15.73
CA HIS D 297 43.93 -28.79 -15.44
C HIS D 297 44.79 -29.46 -16.50
N ASP D 298 45.96 -28.86 -16.77
CA ASP D 298 46.88 -29.38 -17.77
C ASP D 298 48.00 -30.14 -17.09
N PRO D 299 48.14 -31.46 -17.31
CA PRO D 299 49.15 -32.22 -16.54
C PRO D 299 50.57 -31.74 -16.75
N ASP D 300 50.91 -31.33 -17.97
CA ASP D 300 52.28 -30.86 -18.23
C ASP D 300 52.57 -29.60 -17.44
N GLY D 301 51.54 -28.76 -17.21
CA GLY D 301 51.70 -27.49 -16.48
C GLY D 301 52.02 -27.66 -14.99
N GLY D 302 51.34 -28.57 -14.28
CA GLY D 302 51.50 -28.71 -12.82
C GLY D 302 51.30 -30.11 -12.28
N LYS D 303 51.62 -30.36 -11.01
CA LYS D 303 51.46 -31.69 -10.35
C LYS D 303 50.58 -31.54 -9.10
N MET D 304 49.73 -32.53 -8.79
CA MET D 304 48.85 -32.54 -7.59
C MET D 304 49.72 -32.67 -6.33
N PRO D 305 49.39 -32.04 -5.17
CA PRO D 305 50.15 -32.25 -3.93
C PRO D 305 50.18 -33.72 -3.48
N LYS D 306 51.12 -34.10 -2.60
CA LYS D 306 51.28 -35.49 -2.17
C LYS D 306 50.35 -35.83 -1.00
N TRP D 307 50.47 -35.09 0.10
CA TRP D 307 49.73 -35.42 1.32
C TRP D 307 48.23 -35.46 1.06
N THR D 308 47.71 -34.40 0.46
CA THR D 308 46.29 -34.36 0.11
C THR D 308 45.92 -35.57 -0.74
N ARG D 309 46.75 -35.88 -1.74
CA ARG D 309 46.45 -36.98 -2.63
C ARG D 309 46.30 -38.30 -1.87
N VAL D 310 47.29 -38.62 -1.04
CA VAL D 310 47.29 -39.93 -0.41
C VAL D 310 46.15 -40.03 0.61
N ILE D 311 45.92 -38.96 1.38
CA ILE D 311 44.82 -38.98 2.33
C ILE D 311 43.50 -39.16 1.60
N LEU D 312 43.30 -38.40 0.53
CA LEU D 312 42.05 -38.49 -0.22
C LEU D 312 41.88 -39.86 -0.85
N LEU D 313 42.95 -40.43 -1.40
CA LEU D 313 42.86 -41.74 -2.02
C LEU D 313 42.49 -42.81 -1.01
N ASN D 314 43.10 -42.78 0.18
CA ASN D 314 42.77 -43.76 1.21
C ASN D 314 41.32 -43.60 1.66
N TRP D 315 40.89 -42.36 1.89
CA TRP D 315 39.51 -42.13 2.33
C TRP D 315 38.52 -42.60 1.27
N CYS D 316 38.82 -42.34 -0.01
CA CYS D 316 37.97 -42.80 -1.08
C CYS D 316 37.90 -44.32 -1.13
N ALA D 317 39.06 -44.98 -1.08
CA ALA D 317 39.09 -46.42 -1.19
C ALA D 317 38.27 -47.05 -0.07
N TRP D 318 38.39 -46.51 1.15
CA TRP D 318 37.60 -47.07 2.25
C TRP D 318 36.12 -46.75 2.11
N PHE D 319 35.78 -45.54 1.66
CA PHE D 319 34.37 -45.18 1.54
C PHE D 319 33.67 -45.98 0.45
N LEU D 320 34.36 -46.26 -0.66
CA LEU D 320 33.76 -46.96 -1.79
C LEU D 320 34.00 -48.46 -1.75
N ARG D 321 34.66 -48.95 -0.71
CA ARG D 321 34.93 -50.39 -0.56
C ARG D 321 35.45 -51.00 -1.85
N PRO D 483 67.73 -48.33 -46.38
CA PRO D 483 67.16 -47.49 -47.44
C PRO D 483 66.02 -46.60 -46.95
N ASP D 484 65.23 -46.04 -47.87
CA ASP D 484 64.16 -45.12 -47.49
C ASP D 484 63.14 -45.77 -46.57
N LEU D 485 63.02 -47.10 -46.60
CA LEU D 485 62.18 -47.80 -45.64
C LEU D 485 62.59 -47.48 -44.21
N ALA D 486 63.90 -47.43 -43.96
CA ALA D 486 64.40 -47.01 -42.66
C ALA D 486 63.93 -45.60 -42.31
N LYS D 487 63.78 -44.74 -43.32
CA LYS D 487 63.28 -43.39 -43.07
C LYS D 487 61.79 -43.39 -42.80
N ILE D 488 61.05 -44.34 -43.39
CA ILE D 488 59.63 -44.48 -43.07
C ILE D 488 59.45 -44.84 -41.61
N LEU D 489 60.29 -45.77 -41.12
CA LEU D 489 60.13 -46.23 -39.74
C LEU D 489 60.27 -45.10 -38.74
N GLU D 490 61.15 -44.13 -39.02
CA GLU D 490 61.31 -43.00 -38.08
C GLU D 490 60.04 -42.19 -37.96
N GLU D 491 59.39 -41.91 -39.09
CA GLU D 491 58.12 -41.19 -39.09
C GLU D 491 57.08 -41.93 -38.27
N VAL D 492 56.95 -43.24 -38.51
CA VAL D 492 55.95 -44.00 -37.79
C VAL D 492 56.28 -44.01 -36.30
N ARG D 493 57.57 -44.07 -35.96
CA ARG D 493 57.98 -43.92 -34.56
C ARG D 493 57.47 -42.61 -33.99
N TYR D 494 57.64 -41.52 -34.73
CA TYR D 494 57.24 -40.21 -34.22
C TYR D 494 55.75 -40.22 -33.89
N ILE D 495 54.92 -40.67 -34.84
CA ILE D 495 53.47 -40.58 -34.60
C ILE D 495 53.07 -41.50 -33.46
N ALA D 496 53.65 -42.70 -33.40
CA ALA D 496 53.29 -43.63 -32.34
C ALA D 496 53.67 -43.07 -30.96
N ASN D 497 54.85 -42.47 -30.85
CA ASN D 497 55.26 -41.91 -29.57
C ASN D 497 54.42 -40.70 -29.21
N ARG D 498 53.99 -39.93 -30.20
CA ARG D 498 53.05 -38.84 -29.95
C ARG D 498 51.77 -39.38 -29.30
N PHE D 499 51.22 -40.45 -29.88
CA PHE D 499 50.02 -41.05 -29.31
C PHE D 499 50.28 -41.56 -27.89
N ARG D 500 51.44 -42.17 -27.67
CA ARG D 500 51.74 -42.67 -26.33
C ARG D 500 51.80 -41.53 -25.32
N CYS D 501 52.44 -40.41 -25.69
CA CYS D 501 52.56 -39.29 -24.76
C CYS D 501 51.18 -38.71 -24.43
N GLN D 502 50.32 -38.56 -25.45
CA GLN D 502 49.00 -38.00 -25.17
C GLN D 502 48.14 -38.96 -24.36
N ASP D 503 48.30 -40.27 -24.57
CA ASP D 503 47.60 -41.23 -23.71
C ASP D 503 48.08 -41.13 -22.26
N GLU D 504 49.38 -40.96 -22.06
CA GLU D 504 49.91 -40.79 -20.70
C GLU D 504 49.34 -39.54 -20.05
N SER D 505 49.29 -38.43 -20.78
CA SER D 505 48.69 -37.22 -20.24
C SER D 505 47.23 -37.46 -19.87
N GLU D 506 46.51 -38.21 -20.70
CA GLU D 506 45.12 -38.53 -20.39
C GLU D 506 45.01 -39.34 -19.10
N ALA D 507 45.93 -40.27 -18.88
CA ALA D 507 45.92 -41.05 -17.65
C ALA D 507 46.12 -40.16 -16.43
N VAL D 508 47.09 -39.24 -16.52
CA VAL D 508 47.32 -38.30 -15.42
C VAL D 508 46.05 -37.49 -15.15
N CYS D 509 45.43 -36.99 -16.21
CA CYS D 509 44.20 -36.22 -16.07
C CYS D 509 43.10 -37.05 -15.42
N SER D 510 43.00 -38.33 -15.78
CA SER D 510 41.99 -39.19 -15.18
C SER D 510 42.23 -39.36 -13.68
N GLU D 511 43.50 -39.44 -13.28
CA GLU D 511 43.80 -39.45 -11.86
C GLU D 511 43.28 -38.18 -11.19
N TRP D 512 43.57 -37.03 -11.80
CA TRP D 512 43.04 -35.77 -11.27
C TRP D 512 41.52 -35.88 -11.10
N LYS D 513 40.85 -36.39 -12.13
CA LYS D 513 39.40 -36.38 -12.15
C LYS D 513 38.82 -37.29 -11.07
N PHE D 514 39.42 -38.46 -10.86
CA PHE D 514 38.92 -39.33 -9.80
C PHE D 514 39.08 -38.66 -8.45
N ALA D 515 40.25 -38.04 -8.21
CA ALA D 515 40.44 -37.34 -6.96
C ALA D 515 39.40 -36.24 -6.77
N ALA D 516 39.15 -35.46 -7.83
CA ALA D 516 38.19 -34.36 -7.73
C ALA D 516 36.79 -34.88 -7.47
N CYS D 517 36.39 -35.95 -8.15
CA CYS D 517 35.06 -36.50 -7.94
C CYS D 517 34.87 -36.97 -6.50
N VAL D 518 35.87 -37.64 -5.94
CA VAL D 518 35.68 -38.21 -4.61
C VAL D 518 35.72 -37.10 -3.55
N VAL D 519 36.58 -36.10 -3.74
CA VAL D 519 36.55 -34.97 -2.81
C VAL D 519 35.23 -34.22 -2.94
N ASP D 520 34.67 -34.16 -4.14
CA ASP D 520 33.35 -33.56 -4.32
C ASP D 520 32.30 -34.30 -3.51
N ARG D 521 32.34 -35.64 -3.55
CA ARG D 521 31.39 -36.43 -2.78
C ARG D 521 31.58 -36.20 -1.27
N LEU D 522 32.83 -36.12 -0.84
CA LEU D 522 33.13 -35.87 0.57
C LEU D 522 32.55 -34.51 1.01
N CYS D 523 32.74 -33.48 0.18
CA CYS D 523 32.18 -32.17 0.47
C CYS D 523 30.67 -32.21 0.50
N LEU D 524 30.07 -32.92 -0.46
CA LEU D 524 28.63 -33.15 -0.44
C LEU D 524 28.18 -33.65 0.91
N MET D 525 28.90 -34.63 1.44
CA MET D 525 28.56 -35.17 2.76
C MET D 525 28.62 -34.11 3.83
N ALA D 526 29.77 -33.46 3.92
CA ALA D 526 29.95 -32.52 5.01
C ALA D 526 28.83 -31.50 5.01
N PHE D 527 28.45 -31.02 3.82
CA PHE D 527 27.34 -30.08 3.79
C PHE D 527 26.03 -30.74 4.14
N SER D 528 25.83 -32.00 3.74
CA SER D 528 24.57 -32.67 4.06
C SER D 528 24.38 -32.73 5.57
N VAL D 529 25.41 -33.19 6.29
CA VAL D 529 25.29 -33.32 7.74
C VAL D 529 25.14 -31.95 8.38
N PHE D 530 25.96 -30.98 7.96
CA PHE D 530 25.86 -29.63 8.51
C PHE D 530 24.45 -29.07 8.31
N THR D 531 23.88 -29.27 7.13
CA THR D 531 22.58 -28.71 6.81
C THR D 531 21.48 -29.34 7.65
N ILE D 532 21.45 -30.67 7.74
CA ILE D 532 20.39 -31.31 8.50
C ILE D 532 20.49 -30.90 9.97
N ILE D 533 21.70 -30.94 10.53
CA ILE D 533 21.86 -30.61 11.94
C ILE D 533 21.45 -29.17 12.19
N CYS D 534 21.82 -28.26 11.28
CA CYS D 534 21.48 -26.84 11.46
C CYS D 534 19.98 -26.63 11.44
N THR D 535 19.30 -27.11 10.40
CA THR D 535 17.86 -26.90 10.31
C THR D 535 17.15 -27.49 11.51
N ILE D 536 17.50 -28.73 11.87
CA ILE D 536 16.83 -29.39 12.98
C ILE D 536 17.04 -28.59 14.26
N GLY D 537 18.28 -28.23 14.56
CA GLY D 537 18.55 -27.52 15.80
C GLY D 537 17.84 -26.18 15.88
N ILE D 538 17.84 -25.42 14.79
CA ILE D 538 17.23 -24.09 14.84
C ILE D 538 15.72 -24.20 15.01
N LEU D 539 15.08 -25.18 14.39
CA LEU D 539 13.60 -25.34 14.47
C LEU D 539 13.19 -26.15 15.72
N MET D 540 14.14 -26.73 16.45
CA MET D 540 13.86 -27.45 17.73
C MET D 540 14.27 -26.57 18.92
N SER D 541 14.77 -25.35 18.71
CA SER D 541 15.24 -24.44 19.78
C SER D 541 14.06 -23.65 20.38
N ALA D 542 13.16 -23.18 19.51
CA ALA D 542 11.95 -22.41 19.91
C ALA D 542 11.30 -23.10 21.11
N PRO D 543 11.01 -22.41 22.22
CA PRO D 543 10.50 -23.07 23.42
C PRO D 543 9.12 -23.72 23.20
N ASN D 544 8.22 -23.09 22.44
CA ASN D 544 6.84 -23.61 22.21
C ASN D 544 6.73 -24.24 20.81
N PHE D 545 7.86 -24.50 20.13
CA PHE D 545 7.86 -25.12 18.78
C PHE D 545 7.21 -26.49 18.82
N VAL D 546 7.54 -27.30 19.82
CA VAL D 546 7.02 -28.71 19.89
C VAL D 546 5.50 -28.62 20.04
N GLU D 547 4.98 -27.73 20.87
CA GLU D 547 3.51 -27.55 21.10
C GLU D 547 2.86 -27.01 19.83
N ALA D 548 3.50 -26.10 19.09
CA ALA D 548 2.92 -25.43 17.90
C ALA D 548 2.64 -26.41 16.75
N VAL D 549 3.43 -27.47 16.57
CA VAL D 549 3.20 -28.49 15.54
C VAL D 549 2.09 -29.45 15.97
N SER D 550 2.06 -29.82 17.25
CA SER D 550 1.03 -30.73 17.72
C SER D 550 -0.37 -30.12 17.56
N LYS D 551 -0.47 -28.81 17.65
CA LYS D 551 -1.77 -28.14 17.53
C LYS D 551 -2.12 -27.83 16.08
N ASP D 552 -1.20 -27.20 15.35
CA ASP D 552 -1.51 -26.75 13.99
C ASP D 552 -1.55 -27.90 13.01
N PHE D 553 -0.58 -28.79 13.07
CA PHE D 553 -0.58 -29.97 12.20
C PHE D 553 -1.32 -31.12 12.87
N GLU E 1 -25.38 16.14 47.60
CA GLU E 1 -26.02 17.31 48.28
C GLU E 1 -25.16 18.56 48.16
N PHE E 2 -23.98 18.52 48.78
CA PHE E 2 -23.09 19.68 48.78
C PHE E 2 -22.50 19.91 47.40
N GLN E 3 -22.34 18.85 46.63
CA GLN E 3 -21.82 18.96 45.27
C GLN E 3 -22.71 19.83 44.40
N ARG E 4 -24.02 19.61 44.45
CA ARG E 4 -24.95 20.42 43.68
C ARG E 4 -24.78 21.89 44.00
N LYS E 5 -24.76 22.20 45.30
CA LYS E 5 -24.64 23.59 45.72
C LYS E 5 -23.33 24.19 45.25
N LEU E 6 -22.24 23.44 45.38
CA LEU E 6 -20.93 23.94 44.98
C LEU E 6 -20.89 24.21 43.48
N TYR E 7 -21.33 23.24 42.68
CA TYR E 7 -21.31 23.40 41.23
C TYR E 7 -22.18 24.59 40.81
N LYS E 8 -23.31 24.79 41.48
CA LYS E 8 -24.12 25.97 41.19
C LYS E 8 -23.36 27.25 41.50
N GLU E 9 -22.73 27.32 42.68
CA GLU E 9 -22.07 28.55 43.07
C GLU E 9 -20.91 28.89 42.15
N LEU E 10 -20.17 27.88 41.71
CA LEU E 10 -18.94 28.13 40.98
C LEU E 10 -19.19 28.69 39.58
N VAL E 11 -20.31 28.34 38.96
CA VAL E 11 -20.62 28.77 37.61
C VAL E 11 -21.68 29.87 37.61
N LYS E 12 -21.84 30.58 38.73
CA LYS E 12 -22.92 31.58 38.82
C LYS E 12 -22.72 32.70 37.83
N ASN E 13 -21.48 33.20 37.70
CA ASN E 13 -21.17 34.28 36.76
C ASN E 13 -19.89 33.99 35.98
N TYR E 14 -19.45 32.74 35.96
CA TYR E 14 -18.17 32.40 35.36
C TYR E 14 -18.21 32.57 33.85
N ASN E 15 -17.12 33.12 33.31
CA ASN E 15 -16.94 33.31 31.88
C ASN E 15 -15.72 32.54 31.43
N PRO E 16 -15.84 31.62 30.46
CA PRO E 16 -14.68 30.84 30.04
C PRO E 16 -13.72 31.57 29.11
N LEU E 17 -14.04 32.79 28.71
CA LEU E 17 -13.14 33.59 27.90
C LEU E 17 -12.23 34.48 28.74
N GLU E 18 -12.45 34.54 30.04
CA GLU E 18 -11.76 35.46 30.92
C GLU E 18 -10.59 34.75 31.57
N ARG E 19 -9.39 35.29 31.39
CA ARG E 19 -8.22 34.76 32.06
C ARG E 19 -8.41 34.90 33.57
N PRO E 20 -8.30 33.82 34.34
CA PRO E 20 -8.68 33.86 35.76
C PRO E 20 -7.60 34.40 36.69
N VAL E 21 -7.50 35.72 36.72
CA VAL E 21 -6.58 36.42 37.62
C VAL E 21 -7.37 37.47 38.38
N ALA E 22 -6.97 37.71 39.62
CA ALA E 22 -7.60 38.76 40.41
C ALA E 22 -7.30 40.14 39.84
N ASN E 23 -6.03 40.37 39.50
CA ASN E 23 -5.59 41.63 38.91
C ASN E 23 -5.26 41.37 37.45
N ASP E 24 -6.00 42.01 36.55
CA ASP E 24 -5.85 41.75 35.12
C ASP E 24 -4.47 42.16 34.60
N SER E 25 -3.78 43.04 35.31
CA SER E 25 -2.45 43.45 34.88
C SER E 25 -1.39 42.41 35.18
N GLN E 26 -1.54 41.67 36.28
CA GLN E 26 -0.54 40.68 36.63
C GLN E 26 -0.70 39.44 35.75
N PRO E 27 0.37 38.69 35.54
CA PRO E 27 0.29 37.52 34.68
C PRO E 27 -0.21 36.29 35.40
N LEU E 28 -0.64 35.32 34.60
CA LEU E 28 -1.05 34.01 35.07
C LEU E 28 0.07 33.02 34.78
N THR E 29 0.53 32.33 35.82
CA THR E 29 1.62 31.38 35.68
C THR E 29 1.07 30.02 35.28
N VAL E 30 1.67 29.42 34.26
CA VAL E 30 1.29 28.13 33.74
C VAL E 30 2.52 27.25 33.69
N TYR E 31 2.47 26.13 34.39
CA TYR E 31 3.53 25.14 34.41
C TYR E 31 3.22 24.11 33.35
N PHE E 32 4.09 24.00 32.36
CA PHE E 32 3.90 23.12 31.22
C PHE E 32 5.01 22.09 31.21
N SER E 33 4.62 20.82 31.08
CA SER E 33 5.57 19.73 31.07
C SER E 33 5.10 18.72 30.03
N LEU E 34 5.67 17.53 30.08
CA LEU E 34 5.43 16.55 29.04
C LEU E 34 5.65 15.15 29.58
N SER E 35 5.05 14.13 28.93
CA SER E 35 5.24 12.70 29.25
C SER E 35 5.28 11.86 27.96
N LEU E 36 6.45 11.48 27.44
CA LEU E 36 6.58 10.68 26.24
C LEU E 36 6.28 9.22 26.55
N LEU E 37 5.57 8.55 25.66
CA LEU E 37 5.28 7.14 25.84
C LEU E 37 5.92 6.25 24.80
N GLN E 38 6.03 6.69 23.56
CA GLN E 38 6.80 5.94 22.58
C GLN E 38 6.95 6.74 21.30
N ILE E 39 7.95 6.36 20.52
CA ILE E 39 8.11 6.85 19.16
C ILE E 39 7.34 5.93 18.24
N MET E 40 6.54 6.53 17.38
CA MET E 40 5.54 5.88 16.55
C MET E 40 5.95 5.84 15.09
N ASP E 41 6.61 6.87 14.59
CA ASP E 41 7.08 6.83 13.23
C ASP E 41 8.04 7.98 12.98
N VAL E 42 9.08 7.78 12.16
CA VAL E 42 10.08 8.85 11.83
C VAL E 42 10.24 8.89 10.31
N ASP E 43 9.23 9.41 9.59
CA ASP E 43 9.22 9.46 8.11
C ASP E 43 10.29 10.44 7.60
N GLU E 44 10.98 10.12 6.51
CA GLU E 44 11.97 11.02 5.86
C GLU E 44 11.40 11.53 4.54
N LYS E 45 10.33 10.92 4.01
CA LYS E 45 9.67 11.29 2.74
C LYS E 45 8.89 12.61 2.93
N ASN E 46 8.11 12.72 4.01
CA ASN E 46 7.29 13.89 4.39
C ASN E 46 7.94 14.76 5.49
N GLN E 47 9.05 14.32 6.07
CA GLN E 47 9.79 14.91 7.18
C GLN E 47 8.86 15.16 8.36
N VAL E 48 8.33 14.06 8.89
CA VAL E 48 7.33 14.09 9.96
C VAL E 48 7.70 13.08 11.03
N LEU E 49 7.65 13.52 12.28
CA LEU E 49 7.87 12.67 13.44
C LEU E 49 6.54 12.44 14.13
N THR E 50 6.17 11.18 14.32
CA THR E 50 4.92 10.80 14.96
C THR E 50 5.25 10.21 16.33
N THR E 51 4.72 10.86 17.37
CA THR E 51 4.96 10.52 18.76
C THR E 51 3.64 10.32 19.49
N ASN E 52 3.72 9.68 20.65
CA ASN E 52 2.61 9.61 21.61
C ASN E 52 3.03 10.31 22.89
N ILE E 53 2.27 11.32 23.29
CA ILE E 53 2.64 12.13 24.43
C ILE E 53 1.40 12.60 25.16
N TRP E 54 1.55 12.78 26.46
CA TRP E 54 0.55 13.41 27.31
C TRP E 54 1.11 14.74 27.78
N LEU E 55 0.39 15.82 27.49
CA LEU E 55 0.75 17.11 28.00
C LEU E 55 0.41 17.22 29.48
N GLN E 56 0.97 18.23 30.12
CA GLN E 56 0.70 18.49 31.52
C GLN E 56 0.70 19.99 31.72
N MET E 57 -0.49 20.55 31.93
CA MET E 57 -0.62 21.96 32.28
C MET E 57 -1.14 22.09 33.70
N SER E 58 -0.57 23.04 34.43
CA SER E 58 -0.98 23.32 35.79
C SER E 58 -1.05 24.82 35.96
N TRP E 59 -2.20 25.33 36.38
CA TRP E 59 -2.35 26.74 36.64
C TRP E 59 -3.21 26.93 37.88
N THR E 60 -3.55 28.18 38.16
CA THR E 60 -4.34 28.54 39.33
C THR E 60 -5.51 29.42 38.89
N ASP E 61 -6.70 29.07 39.35
CA ASP E 61 -7.92 29.81 39.03
C ASP E 61 -8.43 30.49 40.30
N HIS E 62 -8.59 31.81 40.23
CA HIS E 62 -9.00 32.59 41.38
C HIS E 62 -10.49 32.44 41.68
N TYR E 63 -11.29 32.20 40.65
CA TYR E 63 -12.74 32.18 40.80
C TYR E 63 -13.26 30.81 41.20
N LEU E 64 -12.46 29.76 41.05
CA LEU E 64 -12.85 28.42 41.47
C LEU E 64 -12.17 28.10 42.80
N GLN E 65 -12.72 28.69 43.86
CA GLN E 65 -12.24 28.48 45.21
C GLN E 65 -13.44 28.26 46.13
N TRP E 66 -13.24 27.44 47.15
CA TRP E 66 -14.29 27.20 48.11
C TRP E 66 -13.70 26.70 49.42
N ASN E 67 -14.54 26.75 50.45
CA ASN E 67 -14.18 26.34 51.79
C ASN E 67 -14.56 24.88 51.98
N VAL E 68 -13.58 24.05 52.35
CA VAL E 68 -13.85 22.63 52.52
C VAL E 68 -14.81 22.41 53.70
N SER E 69 -14.66 23.20 54.76
CA SER E 69 -15.47 22.99 55.95
C SER E 69 -16.94 23.21 55.69
N GLU E 70 -17.27 24.09 54.73
CA GLU E 70 -18.65 24.33 54.36
C GLU E 70 -19.19 23.32 53.35
N TYR E 71 -18.33 22.54 52.72
CA TYR E 71 -18.73 21.51 51.76
C TYR E 71 -18.02 20.21 52.11
N PRO E 72 -18.43 19.55 53.19
CA PRO E 72 -17.70 18.37 53.65
C PRO E 72 -17.74 17.24 52.63
N GLY E 73 -16.56 16.72 52.29
CA GLY E 73 -16.40 15.62 51.40
C GLY E 73 -16.07 16.02 49.97
N VAL E 74 -16.44 17.24 49.58
CA VAL E 74 -16.18 17.73 48.24
C VAL E 74 -14.82 18.39 48.20
N LYS E 75 -13.79 17.58 47.92
CA LYS E 75 -12.42 18.08 47.82
C LYS E 75 -12.01 18.42 46.41
N THR E 76 -12.74 17.98 45.40
CA THR E 76 -12.38 18.29 44.03
C THR E 76 -13.63 18.42 43.19
N VAL E 77 -13.48 19.13 42.07
CA VAL E 77 -14.50 19.20 41.05
C VAL E 77 -13.84 19.01 39.70
N ARG E 78 -14.65 18.65 38.71
CA ARG E 78 -14.18 18.39 37.36
C ARG E 78 -15.06 19.14 36.39
N PHE E 79 -14.43 19.81 35.43
CA PHE E 79 -15.17 20.59 34.47
C PHE E 79 -14.78 20.19 33.05
N PRO E 80 -15.76 20.06 32.15
CA PRO E 80 -15.45 19.74 30.76
C PRO E 80 -14.75 20.87 30.02
N ASP E 81 -14.58 20.68 28.71
CA ASP E 81 -13.78 21.59 27.91
C ASP E 81 -14.29 23.03 28.02
N GLY E 82 -15.52 23.27 27.56
CA GLY E 82 -15.97 24.62 27.33
C GLY E 82 -16.65 25.30 28.50
N GLN E 83 -16.48 24.77 29.70
CA GLN E 83 -17.12 25.35 30.88
C GLN E 83 -16.19 26.20 31.71
N ILE E 84 -14.87 26.06 31.54
CA ILE E 84 -13.91 26.90 32.22
C ILE E 84 -12.75 27.20 31.27
N TRP E 85 -11.92 28.13 31.70
CA TRP E 85 -10.80 28.62 30.89
C TRP E 85 -9.67 27.61 30.85
N LYS E 86 -9.18 27.35 29.64
CA LYS E 86 -7.95 26.62 29.42
C LYS E 86 -7.01 27.46 28.56
N PRO E 87 -5.71 27.33 28.76
CA PRO E 87 -4.78 28.10 27.94
C PRO E 87 -4.66 27.54 26.54
N ASP E 88 -4.32 28.43 25.61
CA ASP E 88 -4.19 28.10 24.20
C ASP E 88 -2.78 27.63 23.86
N ILE E 89 -2.31 26.63 24.60
CA ILE E 89 -1.01 26.03 24.36
C ILE E 89 -1.18 24.99 23.26
N LEU E 90 -0.42 25.12 22.19
CA LEU E 90 -0.49 24.14 21.12
C LEU E 90 0.78 24.18 20.29
N LEU E 91 0.98 23.11 19.53
CA LEU E 91 2.23 22.86 18.84
C LEU E 91 2.34 23.75 17.61
N TYR E 92 3.36 24.60 17.60
CA TYR E 92 3.57 25.49 16.47
C TYR E 92 3.92 24.72 15.21
N ASN E 93 4.70 23.65 15.35
CA ASN E 93 5.25 22.90 14.24
C ASN E 93 4.51 21.60 13.97
N SER E 94 3.19 21.69 14.08
CA SER E 94 2.23 20.57 13.89
C SER E 94 2.01 20.32 12.40
N ALA E 95 1.93 18.98 11.97
CA ALA E 95 1.61 18.57 10.60
C ALA E 95 0.51 17.51 10.60
N ASP E 96 -0.55 17.73 11.40
CA ASP E 96 -1.48 16.66 11.74
C ASP E 96 -2.63 16.55 10.76
N GLU E 97 -3.03 17.65 10.13
CA GLU E 97 -4.25 17.80 9.32
C GLU E 97 -5.50 18.11 10.14
N ARG E 98 -5.39 18.16 11.45
CA ARG E 98 -6.41 18.78 12.29
C ARG E 98 -5.80 19.79 13.26
N PHE E 99 -4.47 19.82 13.31
CA PHE E 99 -3.62 20.80 13.97
C PHE E 99 -3.69 20.79 15.48
N ASP E 100 -4.71 20.17 16.05
CA ASP E 100 -4.74 19.92 17.47
C ASP E 100 -5.02 18.44 17.67
N ALA E 101 -3.98 17.69 17.97
CA ALA E 101 -4.05 16.25 18.07
C ALA E 101 -4.47 15.80 19.45
N THR E 102 -4.81 16.70 20.23
CA THR E 102 -5.14 16.38 21.63
C THR E 102 -6.59 15.94 21.85
N PHE E 103 -6.82 15.10 22.86
CA PHE E 103 -8.12 14.64 23.31
C PHE E 103 -8.49 15.46 24.54
N HIS E 104 -9.60 16.18 24.45
CA HIS E 104 -9.96 17.16 25.47
C HIS E 104 -10.58 16.42 26.66
N THR E 105 -9.75 16.12 27.64
CA THR E 105 -10.21 15.51 28.88
C THR E 105 -10.82 16.59 29.76
N ASN E 106 -11.11 16.22 31.01
CA ASN E 106 -11.69 17.13 31.97
C ASN E 106 -10.61 17.77 32.83
N VAL E 107 -10.94 18.93 33.38
CA VAL E 107 -10.03 19.71 34.20
C VAL E 107 -10.41 19.55 35.66
N LEU E 108 -9.43 19.21 36.48
CA LEU E 108 -9.61 18.89 37.88
C LEU E 108 -9.18 20.07 38.74
N VAL E 109 -10.02 20.42 39.72
CA VAL E 109 -9.81 21.60 40.55
C VAL E 109 -9.97 21.21 42.01
N ASN E 110 -9.04 21.65 42.84
CA ASN E 110 -9.07 21.48 44.28
C ASN E 110 -9.32 22.82 44.96
N SER E 111 -9.73 22.79 46.23
CA SER E 111 -10.19 24.00 46.97
C SER E 111 -9.37 25.27 46.74
N SER E 112 -7.98 25.22 46.61
CA SER E 112 -7.18 26.41 46.38
C SER E 112 -7.34 26.98 44.98
N GLY E 113 -7.96 26.23 44.07
CA GLY E 113 -8.10 26.65 42.70
C GLY E 113 -7.07 26.08 41.75
N HIS E 114 -6.17 25.23 42.23
CA HIS E 114 -5.15 24.68 41.37
C HIS E 114 -5.76 23.71 40.38
N CYS E 115 -5.50 23.96 39.10
CA CYS E 115 -6.13 23.26 37.99
C CYS E 115 -5.08 22.50 37.21
N GLN E 116 -5.47 21.30 36.78
CA GLN E 116 -4.56 20.25 36.33
C GLN E 116 -5.14 19.59 35.10
N TYR E 117 -4.41 19.63 33.98
CA TYR E 117 -4.97 19.29 32.67
C TYR E 117 -4.00 18.41 31.90
N LEU E 118 -4.50 17.24 31.47
CA LEU E 118 -3.77 16.23 30.69
C LEU E 118 -4.46 15.93 29.37
N PRO E 119 -4.11 16.65 28.32
CA PRO E 119 -4.54 16.25 27.01
C PRO E 119 -3.55 15.26 26.39
N PRO E 120 -3.92 14.00 26.25
CA PRO E 120 -3.07 13.06 25.52
C PRO E 120 -3.25 13.19 24.02
N GLY E 121 -2.38 12.62 23.21
CA GLY E 121 -2.63 12.65 21.76
C GLY E 121 -1.52 12.00 20.96
N ILE E 122 -1.76 11.72 19.69
CA ILE E 122 -0.73 11.22 18.74
C ILE E 122 -0.34 12.48 17.96
N PHE E 123 0.80 13.10 18.26
CA PHE E 123 1.19 14.39 17.65
C PHE E 123 2.13 14.16 16.47
N LYS E 124 1.92 14.79 15.32
CA LYS E 124 2.84 14.69 14.17
C LYS E 124 3.52 16.04 14.05
N SER E 125 4.84 16.13 14.14
CA SER E 125 5.55 17.43 14.08
C SER E 125 6.55 17.40 12.92
N SER E 126 6.94 18.56 12.44
CA SER E 126 7.87 18.72 11.33
C SER E 126 9.29 18.75 11.85
N CYS E 127 10.13 17.85 11.37
CA CYS E 127 11.54 17.84 11.74
C CYS E 127 12.38 17.40 10.56
N TYR E 128 13.42 18.17 10.27
CA TYR E 128 14.33 17.86 9.19
C TYR E 128 15.14 16.60 9.51
N ILE E 129 15.10 15.62 8.62
CA ILE E 129 15.86 14.39 8.77
C ILE E 129 17.06 14.46 7.83
N ASP E 130 18.22 14.06 8.33
CA ASP E 130 19.44 13.96 7.53
C ASP E 130 19.81 12.49 7.41
N VAL E 131 19.76 11.96 6.20
CA VAL E 131 20.06 10.56 5.92
C VAL E 131 21.43 10.41 5.27
N ARG E 132 22.30 11.40 5.43
CA ARG E 132 23.61 11.34 4.79
C ARG E 132 24.43 10.17 5.34
N TRP E 133 24.32 9.89 6.65
CA TRP E 133 25.12 8.82 7.30
C TRP E 133 24.25 7.58 7.50
N PHE E 134 23.21 7.40 6.70
CA PHE E 134 22.35 6.23 6.79
C PHE E 134 23.20 4.96 6.70
N PRO E 135 22.94 3.93 7.53
CA PRO E 135 21.97 3.86 8.63
C PRO E 135 22.54 4.28 9.98
N PHE E 136 23.76 4.83 10.01
CA PHE E 136 24.44 5.24 11.26
C PHE E 136 24.09 6.70 11.51
N ASP E 137 22.80 7.07 11.61
CA ASP E 137 22.39 8.50 11.68
C ASP E 137 21.67 8.82 13.01
N VAL E 138 21.99 9.97 13.63
CA VAL E 138 21.30 10.46 14.86
C VAL E 138 20.46 11.67 14.47
N GLN E 139 19.18 11.74 14.87
CA GLN E 139 18.24 12.80 14.56
C GLN E 139 17.89 13.57 15.82
N HIS E 140 17.73 14.88 15.65
CA HIS E 140 17.39 15.84 16.70
C HIS E 140 16.10 16.51 16.26
N CYS E 141 14.96 15.90 16.56
CA CYS E 141 13.67 16.39 16.11
C CYS E 141 13.00 17.11 17.28
N LYS E 142 12.61 18.36 17.07
CA LYS E 142 12.11 19.18 18.16
C LYS E 142 10.61 19.43 18.08
N LEU E 143 10.07 19.76 19.25
CA LEU E 143 8.67 20.02 19.45
C LEU E 143 8.55 21.36 20.16
N LYS E 144 7.95 22.34 19.50
CA LYS E 144 7.87 23.70 19.99
C LYS E 144 6.45 23.99 20.42
N PHE E 145 6.27 24.29 21.70
CA PHE E 145 4.97 24.60 22.28
C PHE E 145 4.97 26.04 22.73
N GLY E 146 3.83 26.69 22.56
CA GLY E 146 3.67 28.04 23.06
C GLY E 146 2.24 28.49 22.90
N SER E 147 1.91 29.57 23.60
CA SER E 147 0.60 30.15 23.45
C SER E 147 0.46 30.77 22.08
N TRP E 148 -0.80 30.93 21.67
CA TRP E 148 -1.15 31.40 20.35
C TRP E 148 -1.53 32.87 20.32
N SER E 149 -1.99 33.42 21.45
CA SER E 149 -2.48 34.79 21.48
C SER E 149 -2.07 35.54 22.74
N TYR E 150 -1.26 34.96 23.60
CA TYR E 150 -0.92 35.54 24.89
C TYR E 150 0.57 35.81 24.96
N GLY E 151 0.94 36.90 25.65
CA GLY E 151 2.32 37.23 25.89
C GLY E 151 2.80 36.79 27.26
N GLY E 152 4.07 37.09 27.53
CA GLY E 152 4.69 36.72 28.78
C GLY E 152 4.22 37.52 29.97
N TRP E 153 3.55 38.64 29.74
CA TRP E 153 2.95 39.44 30.79
C TRP E 153 1.50 39.07 31.06
N SER E 154 0.98 38.06 30.37
CA SER E 154 -0.38 37.61 30.56
C SER E 154 -0.39 36.11 30.79
N LEU E 155 0.58 35.41 30.20
CA LEU E 155 0.72 33.96 30.37
C LEU E 155 2.20 33.66 30.55
N ASP E 156 2.65 33.61 31.80
CA ASP E 156 4.03 33.33 32.13
C ASP E 156 4.25 31.83 32.12
N LEU E 157 4.66 31.31 30.97
CA LEU E 157 4.97 29.89 30.86
C LEU E 157 6.18 29.55 31.71
N GLN E 158 6.20 28.34 32.27
CA GLN E 158 7.28 27.88 33.13
C GLN E 158 7.55 26.48 32.63
N MET E 159 8.75 26.13 32.27
CA MET E 159 8.97 24.77 31.78
C MET E 159 9.43 23.92 32.96
N GLN E 160 8.64 22.94 33.36
CA GLN E 160 9.19 21.88 34.24
C GLN E 160 9.63 20.74 33.31
N GLU E 161 10.40 19.77 33.83
CA GLU E 161 11.06 18.64 33.09
C GLU E 161 10.11 17.59 32.51
N ALA E 162 10.55 16.87 31.46
CA ALA E 162 9.79 15.80 30.76
C ALA E 162 9.83 14.51 31.58
N ASP E 163 8.98 13.55 31.24
CA ASP E 163 8.79 12.26 31.96
C ASP E 163 9.02 11.07 31.04
N ILE E 164 9.90 10.10 31.38
CA ILE E 164 10.12 8.94 30.55
C ILE E 164 9.77 7.64 31.28
N SER E 165 9.15 7.74 32.45
CA SER E 165 8.80 6.55 33.21
C SER E 165 7.90 5.61 32.42
N GLY E 166 7.17 6.14 31.46
CA GLY E 166 6.26 5.36 30.64
C GLY E 166 6.77 5.02 29.25
N TYR E 167 8.04 5.30 28.96
CA TYR E 167 8.55 5.09 27.62
C TYR E 167 8.50 3.60 27.25
N ILE E 168 8.22 3.35 25.98
CA ILE E 168 8.10 2.00 25.43
C ILE E 168 9.00 1.91 24.21
N PRO E 169 10.18 1.29 24.31
CA PRO E 169 11.06 1.22 23.14
C PRO E 169 10.37 0.50 21.99
N ASN E 170 10.66 0.96 20.78
CA ASN E 170 9.93 0.50 19.60
C ASN E 170 10.70 -0.49 18.75
N GLY E 171 12.02 -0.48 18.81
CA GLY E 171 12.82 -1.46 18.12
C GLY E 171 13.49 -0.97 16.85
N GLU E 172 13.39 0.32 16.54
CA GLU E 172 14.12 0.91 15.44
C GLU E 172 14.83 2.20 15.80
N TRP E 173 14.61 2.73 16.99
CA TRP E 173 15.22 3.98 17.43
C TRP E 173 15.50 3.89 18.92
N ASP E 174 16.68 4.37 19.31
CA ASP E 174 17.10 4.42 20.70
C ASP E 174 17.03 5.86 21.18
N LEU E 175 16.34 6.09 22.29
CA LEU E 175 16.12 7.43 22.79
C LEU E 175 17.34 7.86 23.61
N VAL E 176 18.09 8.82 23.06
CA VAL E 176 19.18 9.42 23.81
C VAL E 176 18.64 10.30 24.92
N GLY E 177 17.72 11.20 24.59
CA GLY E 177 17.13 12.06 25.59
C GLY E 177 16.07 12.95 24.98
N ILE E 178 15.46 13.74 25.86
CA ILE E 178 14.41 14.69 25.48
C ILE E 178 14.52 15.91 26.38
N PRO E 179 15.57 16.71 26.25
CA PRO E 179 15.71 17.89 27.09
C PRO E 179 14.87 19.05 26.60
N GLY E 180 14.57 19.95 27.54
CA GLY E 180 13.75 21.10 27.24
C GLY E 180 14.47 22.42 27.43
N LYS E 181 13.91 23.45 26.80
CA LYS E 181 14.49 24.79 26.85
C LYS E 181 13.36 25.81 26.72
N ARG E 182 13.30 26.72 27.67
CA ARG E 182 12.39 27.86 27.61
C ARG E 182 13.11 29.02 26.92
N SER E 183 12.47 29.58 25.91
CA SER E 183 13.04 30.66 25.12
C SER E 183 12.01 31.78 24.99
N GLU E 184 12.50 32.96 24.60
CA GLU E 184 11.67 34.14 24.58
C GLU E 184 11.98 34.92 23.31
N ARG E 185 10.96 35.55 22.73
CA ARG E 185 11.08 36.29 21.49
C ARG E 185 10.48 37.67 21.64
N PHE E 186 11.22 38.72 21.25
CA PHE E 186 10.81 40.13 21.40
C PHE E 186 10.36 40.63 20.04
N TYR E 187 9.52 41.65 20.01
CA TYR E 187 8.92 42.18 18.77
C TYR E 187 8.95 43.71 18.81
N GLU E 188 8.83 44.35 17.66
CA GLU E 188 8.86 45.83 17.49
C GLU E 188 7.73 46.51 18.27
N CYS E 189 6.54 45.91 18.35
CA CYS E 189 5.38 46.61 18.95
C CYS E 189 5.66 47.04 20.40
N CYS E 190 6.26 46.19 21.22
CA CYS E 190 6.45 46.58 22.64
C CYS E 190 7.55 45.75 23.28
N LYS E 191 7.96 46.15 24.49
CA LYS E 191 9.00 45.55 25.36
C LYS E 191 8.61 44.17 25.90
N GLU E 192 7.32 43.81 25.97
CA GLU E 192 6.84 42.51 26.52
C GLU E 192 7.38 41.33 25.71
N PRO E 193 7.90 40.28 26.35
CA PRO E 193 8.42 39.11 25.62
C PRO E 193 7.44 37.94 25.41
N TYR E 194 7.62 37.13 24.36
CA TYR E 194 6.69 36.07 24.03
C TYR E 194 7.41 34.74 24.23
N PRO E 195 7.03 33.94 25.23
CA PRO E 195 7.81 32.76 25.56
C PRO E 195 7.36 31.49 24.81
N ASP E 196 8.19 30.47 24.93
CA ASP E 196 7.96 29.19 24.28
C ASP E 196 8.80 28.14 24.98
N VAL E 197 8.39 26.89 24.79
CA VAL E 197 9.04 25.74 25.41
C VAL E 197 9.32 24.73 24.33
N THR E 198 10.58 24.35 24.18
CA THR E 198 11.00 23.45 23.11
C THR E 198 11.62 22.20 23.72
N PHE E 199 11.11 21.04 23.30
CA PHE E 199 11.63 19.75 23.74
C PHE E 199 12.29 19.09 22.55
N THR E 200 13.54 18.70 22.71
CA THR E 200 14.35 18.21 21.60
C THR E 200 14.55 16.71 21.77
N VAL E 201 13.77 15.93 21.02
CA VAL E 201 13.88 14.49 21.06
C VAL E 201 15.11 14.08 20.24
N THR E 202 16.06 13.43 20.90
CA THR E 202 17.29 12.97 20.26
C THR E 202 17.25 11.45 20.19
N MET E 203 17.53 10.90 19.01
CA MET E 203 17.47 9.45 18.88
C MET E 203 18.44 8.98 17.81
N ARG E 204 18.94 7.76 18.01
CA ARG E 204 19.88 7.12 17.10
C ARG E 204 19.29 5.82 16.59
N ARG E 205 19.54 5.53 15.32
CA ARG E 205 18.99 4.35 14.69
C ARG E 205 19.69 3.08 15.18
N ARG E 206 18.99 1.97 15.03
CA ARG E 206 19.49 0.65 15.39
C ARG E 206 19.79 -0.12 14.12
N THR E 207 21.02 -0.63 14.02
CA THR E 207 21.56 -1.15 12.77
C THR E 207 21.56 -2.67 12.70
N LEU E 208 21.03 -3.36 13.71
CA LEU E 208 21.06 -4.81 13.72
C LEU E 208 20.23 -5.42 12.60
N TYR E 209 19.31 -4.65 12.02
CA TYR E 209 18.48 -5.14 10.93
C TYR E 209 19.17 -4.93 9.58
N TYR E 210 19.52 -3.69 9.27
CA TYR E 210 20.18 -3.41 8.00
C TYR E 210 21.55 -4.08 7.91
N GLY E 211 22.21 -4.23 9.05
CA GLY E 211 23.55 -4.82 9.04
C GLY E 211 23.58 -6.21 8.46
N LEU E 212 22.63 -7.06 8.87
CA LEU E 212 22.63 -8.46 8.47
C LEU E 212 21.44 -8.84 7.58
N ASN E 213 20.79 -7.85 6.97
CA ASN E 213 19.81 -8.09 5.93
C ASN E 213 20.06 -7.28 4.67
N LEU E 214 20.93 -6.26 4.72
CA LEU E 214 21.28 -5.48 3.55
C LEU E 214 22.75 -5.53 3.20
N LEU E 215 23.64 -5.84 4.15
CA LEU E 215 25.07 -5.77 3.93
C LEU E 215 25.76 -7.12 3.90
N ILE E 216 25.11 -8.17 4.39
CA ILE E 216 25.66 -9.52 4.29
C ILE E 216 25.39 -10.04 2.88
N PRO E 217 24.15 -9.98 2.39
CA PRO E 217 23.91 -10.42 1.00
C PRO E 217 24.75 -9.67 -0.02
N CYS E 218 24.92 -8.37 0.15
CA CYS E 218 25.72 -7.60 -0.80
C CYS E 218 27.18 -8.06 -0.78
N VAL E 219 27.73 -8.30 0.41
CA VAL E 219 29.11 -8.75 0.50
C VAL E 219 29.28 -10.12 -0.12
N LEU E 220 28.34 -11.04 0.14
CA LEU E 220 28.42 -12.37 -0.45
C LEU E 220 28.32 -12.28 -1.97
N ILE E 221 27.43 -11.43 -2.48
CA ILE E 221 27.29 -11.26 -3.92
C ILE E 221 28.57 -10.71 -4.53
N SER E 222 29.17 -9.72 -3.88
CA SER E 222 30.42 -9.16 -4.39
C SER E 222 31.54 -10.20 -4.40
N ALA E 223 31.62 -11.00 -3.33
CA ALA E 223 32.63 -12.05 -3.28
C ALA E 223 32.43 -13.05 -4.41
N LEU E 224 31.18 -13.48 -4.63
CA LEU E 224 30.91 -14.41 -5.72
C LEU E 224 31.27 -13.79 -7.06
N ALA E 225 31.05 -12.47 -7.22
CA ALA E 225 31.45 -11.80 -8.45
C ALA E 225 32.96 -11.87 -8.64
N LEU E 226 33.72 -11.62 -7.57
CA LEU E 226 35.17 -11.75 -7.65
C LEU E 226 35.57 -13.19 -7.96
N LEU E 227 34.73 -14.14 -7.58
CA LEU E 227 35.04 -15.56 -7.75
C LEU E 227 35.24 -15.96 -9.20
N VAL E 228 34.72 -15.19 -10.15
CA VAL E 228 34.74 -15.61 -11.54
C VAL E 228 36.17 -15.79 -12.04
N PHE E 229 37.11 -14.98 -11.54
CA PHE E 229 38.46 -15.00 -12.08
C PHE E 229 39.13 -16.35 -11.84
N LEU E 230 38.93 -16.95 -10.65
CA LEU E 230 39.51 -18.25 -10.38
C LEU E 230 39.05 -19.29 -11.37
N LEU E 231 37.83 -19.12 -11.88
CA LEU E 231 37.22 -20.14 -12.72
C LEU E 231 38.00 -20.27 -14.03
N PRO E 232 38.39 -21.48 -14.43
CA PRO E 232 39.09 -21.64 -15.72
C PRO E 232 38.19 -21.30 -16.89
N ALA E 233 38.83 -20.83 -17.98
CA ALA E 233 38.10 -20.46 -19.17
C ALA E 233 37.56 -21.67 -19.93
N ASP E 234 38.24 -22.81 -19.83
CA ASP E 234 37.75 -24.01 -20.51
C ASP E 234 36.30 -24.27 -20.14
N SER E 235 35.95 -24.08 -18.87
CA SER E 235 34.56 -24.16 -18.44
C SER E 235 33.82 -22.93 -18.94
N GLY E 236 32.84 -23.14 -19.81
CA GLY E 236 32.07 -22.02 -20.33
C GLY E 236 31.06 -21.51 -19.32
N GLU E 237 31.57 -21.03 -18.19
CA GLU E 237 30.72 -20.62 -17.08
C GLU E 237 31.13 -19.31 -16.45
N LYS E 238 32.19 -18.64 -16.93
CA LYS E 238 32.63 -17.39 -16.32
C LYS E 238 31.64 -16.27 -16.61
N ILE E 239 31.26 -16.10 -17.88
CA ILE E 239 30.26 -15.10 -18.22
C ILE E 239 28.94 -15.44 -17.56
N SER E 240 28.56 -16.72 -17.57
CA SER E 240 27.34 -17.13 -16.89
C SER E 240 27.34 -16.67 -15.44
N LEU E 241 28.41 -16.98 -14.71
CA LEU E 241 28.48 -16.61 -13.31
C LEU E 241 28.43 -15.10 -13.12
N GLY E 242 29.25 -14.37 -13.85
CA GLY E 242 29.30 -12.93 -13.64
C GLY E 242 27.98 -12.25 -13.93
N ILE E 243 27.36 -12.59 -15.05
CA ILE E 243 26.11 -11.93 -15.43
C ILE E 243 24.98 -12.36 -14.50
N THR E 244 24.97 -13.62 -14.07
CA THR E 244 23.95 -14.05 -13.13
C THR E 244 24.11 -13.32 -11.78
N VAL E 245 25.36 -13.10 -11.36
CA VAL E 245 25.59 -12.35 -10.13
C VAL E 245 25.08 -10.93 -10.28
N LEU E 246 25.34 -10.30 -11.43
CA LEU E 246 24.81 -8.96 -11.65
C LEU E 246 23.29 -8.96 -11.61
N LEU E 247 22.66 -9.99 -12.18
CA LEU E 247 21.20 -10.09 -12.13
C LEU E 247 20.71 -10.23 -10.69
N SER E 248 21.40 -11.02 -9.88
CA SER E 248 21.02 -11.16 -8.47
C SER E 248 21.14 -9.83 -7.75
N LEU E 249 22.19 -9.06 -8.06
CA LEU E 249 22.32 -7.73 -7.48
C LEU E 249 21.17 -6.83 -7.93
N THR E 250 20.81 -6.89 -9.20
CA THR E 250 19.67 -6.13 -9.70
C THR E 250 18.41 -6.45 -8.93
N VAL E 251 18.18 -7.74 -8.63
CA VAL E 251 17.03 -8.12 -7.83
C VAL E 251 17.15 -7.55 -6.42
N PHE E 252 18.35 -7.67 -5.82
CA PHE E 252 18.57 -7.14 -4.48
C PHE E 252 18.23 -5.66 -4.42
N MET E 253 18.39 -4.95 -5.53
CA MET E 253 18.05 -3.54 -5.57
C MET E 253 16.59 -3.28 -5.24
N LEU E 254 15.71 -4.27 -5.42
CA LEU E 254 14.30 -4.07 -5.08
C LEU E 254 14.11 -3.92 -3.57
N LEU E 255 14.61 -4.89 -2.79
CA LEU E 255 14.63 -4.74 -1.34
C LEU E 255 15.31 -3.44 -0.96
N VAL E 256 16.47 -3.20 -1.55
CA VAL E 256 17.27 -2.04 -1.21
C VAL E 256 16.44 -0.76 -1.39
N ALA E 257 15.73 -0.66 -2.52
CA ALA E 257 14.91 0.51 -2.78
C ALA E 257 13.76 0.63 -1.78
N GLU E 258 13.02 -0.45 -1.56
CA GLU E 258 11.88 -0.35 -0.65
C GLU E 258 12.31 -0.03 0.76
N ILE E 259 13.61 -0.20 1.09
CA ILE E 259 14.06 0.02 2.46
C ILE E 259 14.76 1.36 2.67
N MET E 260 15.12 2.07 1.60
CA MET E 260 15.91 3.29 1.71
C MET E 260 15.03 4.53 1.60
N PRO E 261 15.61 5.70 1.86
CA PRO E 261 14.91 6.96 1.58
C PRO E 261 15.19 7.48 0.18
N ALA E 262 14.24 8.24 -0.34
CA ALA E 262 14.36 8.89 -1.65
C ALA E 262 14.55 10.38 -1.40
N THR E 263 15.81 10.78 -1.23
CA THR E 263 16.16 12.17 -0.98
C THR E 263 17.23 12.61 -1.97
N SER E 264 17.11 13.85 -2.44
CA SER E 264 18.09 14.44 -3.34
C SER E 264 18.95 15.50 -2.65
N ASP E 265 18.76 15.72 -1.36
CA ASP E 265 19.59 16.67 -0.62
C ASP E 265 20.97 16.11 -0.30
N SER E 266 21.13 14.79 -0.31
CA SER E 266 22.40 14.17 0.02
C SER E 266 22.39 12.75 -0.52
N VAL E 267 23.56 12.10 -0.42
CA VAL E 267 23.76 10.74 -0.90
C VAL E 267 23.90 9.84 0.33
N PRO E 268 22.93 8.97 0.61
CA PRO E 268 23.09 8.03 1.72
C PRO E 268 24.30 7.15 1.52
N LEU E 269 24.88 6.72 2.64
CA LEU E 269 26.12 5.94 2.60
C LEU E 269 25.96 4.66 1.79
N ILE E 270 24.94 3.86 2.11
CA ILE E 270 24.80 2.57 1.46
C ILE E 270 24.46 2.72 -0.01
N ALA E 271 23.95 3.88 -0.43
CA ALA E 271 23.82 4.13 -1.86
C ALA E 271 25.19 4.13 -2.53
N GLN E 272 26.16 4.79 -1.91
CA GLN E 272 27.54 4.74 -2.41
C GLN E 272 28.10 3.34 -2.33
N TYR E 273 27.80 2.64 -1.23
CA TYR E 273 28.25 1.25 -1.08
C TYR E 273 27.77 0.39 -2.25
N PHE E 274 26.47 0.46 -2.54
CA PHE E 274 25.91 -0.35 -3.61
C PHE E 274 26.39 0.11 -4.97
N ALA E 275 26.60 1.41 -5.16
CA ALA E 275 27.16 1.89 -6.42
C ALA E 275 28.56 1.32 -6.63
N SER E 276 29.39 1.33 -5.59
CA SER E 276 30.73 0.77 -5.70
C SER E 276 30.67 -0.71 -6.01
N THR E 277 29.78 -1.44 -5.34
CA THR E 277 29.63 -2.86 -5.62
C THR E 277 29.22 -3.09 -7.07
N MET E 278 28.27 -2.32 -7.57
CA MET E 278 27.80 -2.46 -8.95
C MET E 278 28.93 -2.21 -9.93
N ILE E 279 29.69 -1.14 -9.72
CA ILE E 279 30.79 -0.81 -10.63
C ILE E 279 31.82 -1.93 -10.61
N ILE E 280 32.15 -2.44 -9.42
CA ILE E 280 33.14 -3.50 -9.31
C ILE E 280 32.69 -4.74 -10.08
N VAL E 281 31.43 -5.13 -9.90
CA VAL E 281 30.92 -6.32 -10.59
C VAL E 281 30.96 -6.12 -12.10
N GLY E 282 30.50 -4.95 -12.57
CA GLY E 282 30.49 -4.71 -14.00
C GLY E 282 31.87 -4.73 -14.62
N LEU E 283 32.84 -4.11 -13.95
CA LEU E 283 34.20 -4.13 -14.47
C LEU E 283 34.79 -5.52 -14.40
N SER E 284 34.38 -6.33 -13.42
CA SER E 284 34.79 -7.73 -13.41
C SER E 284 34.29 -8.45 -14.66
N VAL E 285 33.03 -8.21 -15.03
CA VAL E 285 32.50 -8.81 -16.26
C VAL E 285 33.33 -8.37 -17.46
N VAL E 286 33.64 -7.08 -17.54
CA VAL E 286 34.41 -6.57 -18.67
C VAL E 286 35.77 -7.26 -18.74
N VAL E 287 36.46 -7.35 -17.61
CA VAL E 287 37.81 -7.91 -17.58
C VAL E 287 37.78 -9.38 -17.97
N THR E 288 36.81 -10.14 -17.47
CA THR E 288 36.74 -11.54 -17.87
C THR E 288 36.45 -11.67 -19.35
N VAL E 289 35.65 -10.75 -19.92
CA VAL E 289 35.45 -10.76 -21.37
C VAL E 289 36.79 -10.57 -22.09
N ILE E 290 37.59 -9.64 -21.59
CA ILE E 290 38.91 -9.37 -22.19
C ILE E 290 39.77 -10.64 -22.20
N VAL E 291 39.98 -11.22 -21.02
CA VAL E 291 40.88 -12.37 -20.94
C VAL E 291 40.28 -13.55 -21.71
N LEU E 292 38.95 -13.61 -21.79
CA LEU E 292 38.30 -14.62 -22.61
C LEU E 292 38.65 -14.42 -24.08
N GLN E 293 38.64 -13.16 -24.54
CA GLN E 293 39.14 -12.85 -25.88
C GLN E 293 40.54 -13.41 -26.06
N TYR E 294 41.36 -13.34 -25.02
CA TYR E 294 42.70 -13.93 -25.12
C TYR E 294 42.65 -15.45 -25.24
N HIS E 295 41.88 -16.11 -24.37
CA HIS E 295 41.92 -17.58 -24.33
C HIS E 295 41.49 -18.16 -25.66
N HIS E 296 40.39 -17.66 -26.23
CA HIS E 296 39.88 -18.12 -27.52
C HIS E 296 40.56 -17.29 -28.60
N HIS E 297 41.61 -17.84 -29.20
CA HIS E 297 42.34 -17.14 -30.23
C HIS E 297 43.00 -18.15 -31.15
N ASP E 298 43.16 -17.77 -32.42
CA ASP E 298 43.77 -18.63 -33.44
C ASP E 298 45.21 -18.20 -33.65
N PRO E 299 46.21 -19.04 -33.35
CA PRO E 299 47.60 -18.58 -33.46
C PRO E 299 48.01 -18.15 -34.86
N ASP E 300 47.52 -18.83 -35.89
CA ASP E 300 47.87 -18.46 -37.25
C ASP E 300 47.35 -17.07 -37.60
N GLY E 301 46.19 -16.70 -37.02
CA GLY E 301 45.56 -15.39 -37.28
C GLY E 301 46.34 -14.20 -36.73
N GLY E 302 46.85 -14.27 -35.49
CA GLY E 302 47.51 -13.11 -34.84
C GLY E 302 48.61 -13.48 -33.86
N LYS E 303 49.39 -12.49 -33.39
CA LYS E 303 50.49 -12.69 -32.41
C LYS E 303 50.26 -11.82 -31.18
N MET E 304 50.61 -12.31 -29.98
CA MET E 304 50.47 -11.55 -28.70
C MET E 304 51.47 -10.39 -28.70
N PRO E 305 51.18 -9.19 -28.12
CA PRO E 305 52.17 -8.12 -28.02
C PRO E 305 53.42 -8.51 -27.23
N LYS E 306 54.54 -7.77 -27.38
CA LYS E 306 55.81 -8.12 -26.75
C LYS E 306 55.89 -7.58 -25.32
N TRP E 307 55.74 -6.25 -25.16
CA TRP E 307 55.95 -5.62 -23.86
C TRP E 307 55.03 -6.23 -22.81
N THR E 308 53.73 -6.28 -23.12
CA THR E 308 52.77 -6.89 -22.21
C THR E 308 53.19 -8.32 -21.86
N ARG E 309 53.60 -9.08 -22.87
CA ARG E 309 53.97 -10.47 -22.63
C ARG E 309 55.11 -10.58 -21.63
N VAL E 310 56.18 -9.83 -21.86
CA VAL E 310 57.37 -10.02 -21.02
C VAL E 310 57.09 -9.52 -19.61
N ILE E 311 56.41 -8.39 -19.47
CA ILE E 311 56.07 -7.89 -18.14
C ILE E 311 55.22 -8.90 -17.40
N LEU E 312 54.19 -9.42 -18.08
CA LEU E 312 53.29 -10.39 -17.46
C LEU E 312 54.03 -11.67 -17.07
N LEU E 313 54.90 -12.15 -17.95
CA LEU E 313 55.64 -13.37 -17.67
C LEU E 313 56.55 -13.20 -16.46
N ASN E 314 57.24 -12.07 -16.36
CA ASN E 314 58.11 -11.84 -15.21
C ASN E 314 57.29 -11.74 -13.92
N TRP E 315 56.18 -11.01 -13.97
CA TRP E 315 55.35 -10.86 -12.78
C TRP E 315 54.79 -12.22 -12.35
N CYS E 316 54.37 -13.04 -13.31
CA CYS E 316 53.88 -14.38 -13.00
C CYS E 316 54.97 -15.23 -12.37
N ALA E 317 56.15 -15.26 -12.99
CA ALA E 317 57.22 -16.09 -12.47
C ALA E 317 57.57 -15.72 -11.05
N TRP E 318 57.61 -14.42 -10.75
CA TRP E 318 57.92 -14.01 -9.38
C TRP E 318 56.77 -14.32 -8.43
N PHE E 319 55.53 -14.13 -8.87
CA PHE E 319 54.40 -14.38 -7.99
C PHE E 319 54.24 -15.86 -7.66
N LEU E 320 54.51 -16.74 -8.62
CA LEU E 320 54.32 -18.18 -8.44
C LEU E 320 55.61 -18.87 -8.00
N ARG E 321 56.69 -18.13 -7.81
CA ARG E 321 57.98 -18.70 -7.38
C ARG E 321 58.32 -19.95 -8.18
N PRO E 483 61.14 -46.79 -56.17
CA PRO E 483 59.85 -47.36 -56.59
C PRO E 483 58.67 -46.76 -55.81
N ASP E 484 57.50 -47.41 -55.87
CA ASP E 484 56.31 -46.87 -55.22
C ASP E 484 56.48 -46.72 -53.72
N LEU E 485 57.41 -47.46 -53.12
CA LEU E 485 57.75 -47.26 -51.71
C LEU E 485 58.18 -45.83 -51.46
N ALA E 486 59.00 -45.29 -52.37
CA ALA E 486 59.38 -43.89 -52.29
C ALA E 486 58.16 -42.97 -52.30
N LYS E 487 57.11 -43.37 -53.03
CA LYS E 487 55.89 -42.58 -53.05
C LYS E 487 55.10 -42.72 -51.75
N ILE E 488 55.20 -43.88 -51.10
CA ILE E 488 54.58 -44.05 -49.78
C ILE E 488 55.21 -43.09 -48.78
N LEU E 489 56.53 -42.98 -48.83
CA LEU E 489 57.23 -42.15 -47.84
C LEU E 489 56.78 -40.69 -47.92
N GLU E 490 56.46 -40.19 -49.11
CA GLU E 490 56.02 -38.80 -49.24
C GLU E 490 54.70 -38.58 -48.49
N GLU E 491 53.76 -39.52 -48.66
CA GLU E 491 52.48 -39.44 -47.95
C GLU E 491 52.69 -39.42 -46.45
N VAL E 492 53.52 -40.35 -45.96
CA VAL E 492 53.74 -40.41 -44.53
C VAL E 492 54.41 -39.12 -44.04
N ARG E 493 55.30 -38.56 -44.86
CA ARG E 493 55.87 -37.25 -44.55
C ARG E 493 54.77 -36.21 -44.38
N TYR E 494 53.81 -36.20 -45.32
CA TYR E 494 52.76 -35.19 -45.26
C TYR E 494 52.00 -35.28 -43.95
N ILE E 495 51.55 -36.49 -43.60
CA ILE E 495 50.72 -36.61 -42.39
C ILE E 495 51.54 -36.27 -41.15
N ALA E 496 52.80 -36.72 -41.09
CA ALA E 496 53.62 -36.43 -39.92
C ALA E 496 53.84 -34.93 -39.76
N ASN E 497 54.13 -34.23 -40.86
CA ASN E 497 54.35 -32.79 -40.77
C ASN E 497 53.06 -32.06 -40.42
N ARG E 498 51.92 -32.57 -40.89
CA ARG E 498 50.64 -32.01 -40.46
C ARG E 498 50.50 -32.09 -38.94
N PHE E 499 50.80 -33.25 -38.38
CA PHE E 499 50.73 -33.41 -36.93
C PHE E 499 51.70 -32.46 -36.23
N ARG E 500 52.91 -32.32 -36.77
CA ARG E 500 53.88 -31.42 -36.15
C ARG E 500 53.38 -29.98 -36.14
N CYS E 501 52.80 -29.54 -37.26
CA CYS E 501 52.31 -28.17 -37.35
C CYS E 501 51.18 -27.93 -36.35
N GLN E 502 50.25 -28.88 -36.24
CA GLN E 502 49.14 -28.69 -35.31
C GLN E 502 49.62 -28.74 -33.86
N ASP E 503 50.63 -29.57 -33.56
CA ASP E 503 51.21 -29.55 -32.22
C ASP E 503 51.86 -28.20 -31.91
N GLU E 504 52.56 -27.63 -32.90
CA GLU E 504 53.17 -26.30 -32.71
C GLU E 504 52.10 -25.25 -32.43
N SER E 505 51.01 -25.27 -33.20
CA SER E 505 49.93 -24.34 -32.95
C SER E 505 49.37 -24.52 -31.54
N GLU E 506 49.26 -25.77 -31.09
CA GLU E 506 48.78 -26.02 -29.73
C GLU E 506 49.73 -25.43 -28.69
N ALA E 507 51.04 -25.53 -28.93
CA ALA E 507 52.00 -24.94 -28.01
C ALA E 507 51.83 -23.43 -27.92
N VAL E 508 51.67 -22.78 -29.07
CA VAL E 508 51.45 -21.34 -29.08
C VAL E 508 50.19 -20.99 -28.29
N CYS E 509 49.12 -21.75 -28.53
CA CYS E 509 47.87 -21.52 -27.81
C CYS E 509 48.06 -21.70 -26.31
N SER E 510 48.85 -22.70 -25.90
CA SER E 510 49.08 -22.92 -24.48
C SER E 510 49.83 -21.73 -23.87
N GLU E 511 50.76 -21.14 -24.62
CA GLU E 511 51.39 -19.91 -24.15
C GLU E 511 50.34 -18.82 -23.92
N TRP E 512 49.44 -18.64 -24.90
CA TRP E 512 48.37 -17.67 -24.72
C TRP E 512 47.62 -17.95 -23.42
N LYS E 513 47.29 -19.23 -23.20
CA LYS E 513 46.44 -19.61 -22.10
C LYS E 513 47.10 -19.35 -20.76
N PHE E 514 48.39 -19.65 -20.64
CA PHE E 514 49.09 -19.38 -19.40
C PHE E 514 49.11 -17.88 -19.12
N ALA E 515 49.40 -17.08 -20.16
CA ALA E 515 49.38 -15.63 -19.97
C ALA E 515 48.01 -15.16 -19.51
N ALA E 516 46.95 -15.67 -20.14
CA ALA E 516 45.59 -15.24 -19.78
C ALA E 516 45.24 -15.65 -18.36
N CYS E 517 45.60 -16.86 -17.96
CA CYS E 517 45.32 -17.31 -16.61
C CYS E 517 46.00 -16.43 -15.57
N VAL E 518 47.28 -16.10 -15.80
CA VAL E 518 48.00 -15.36 -14.78
C VAL E 518 47.53 -13.90 -14.73
N VAL E 519 47.22 -13.31 -15.88
CA VAL E 519 46.64 -11.96 -15.85
C VAL E 519 45.28 -12.00 -15.18
N ASP E 520 44.52 -13.08 -15.37
CA ASP E 520 43.25 -13.23 -14.67
C ASP E 520 43.45 -13.23 -13.16
N ARG E 521 44.46 -13.96 -12.68
CA ARG E 521 44.74 -13.97 -11.25
C ARG E 521 45.16 -12.59 -10.76
N LEU E 522 45.96 -11.89 -11.54
CA LEU E 522 46.38 -10.54 -11.17
C LEU E 522 45.18 -9.61 -11.05
N CYS E 523 44.25 -9.69 -12.01
CA CYS E 523 43.03 -8.88 -11.97
C CYS E 523 42.18 -9.26 -10.76
N LEU E 524 42.07 -10.57 -10.48
CA LEU E 524 41.41 -11.03 -9.27
C LEU E 524 41.95 -10.30 -8.06
N MET E 525 43.27 -10.21 -7.95
CA MET E 525 43.89 -9.51 -6.84
C MET E 525 43.47 -8.06 -6.77
N ALA E 526 43.67 -7.36 -7.88
CA ALA E 526 43.41 -5.94 -7.85
C ALA E 526 42.00 -5.67 -7.39
N PHE E 527 41.05 -6.48 -7.87
CA PHE E 527 39.68 -6.27 -7.40
C PHE E 527 39.53 -6.67 -5.94
N SER E 528 40.23 -7.69 -5.49
CA SER E 528 40.09 -8.10 -4.09
C SER E 528 40.51 -6.95 -3.17
N VAL E 529 41.67 -6.36 -3.43
CA VAL E 529 42.16 -5.28 -2.58
C VAL E 529 41.24 -4.07 -2.69
N PHE E 530 40.86 -3.70 -3.92
CA PHE E 530 39.96 -2.57 -4.10
C PHE E 530 38.66 -2.78 -3.33
N THR E 531 38.11 -3.98 -3.39
CA THR E 531 36.83 -4.26 -2.76
C THR E 531 36.93 -4.18 -1.25
N ILE E 532 37.94 -4.82 -0.66
CA ILE E 532 38.04 -4.79 0.80
C ILE E 532 38.25 -3.37 1.28
N ILE E 533 39.16 -2.64 0.62
CA ILE E 533 39.45 -1.28 1.07
C ILE E 533 38.20 -0.41 0.94
N CYS E 534 37.45 -0.58 -0.16
CA CYS E 534 36.26 0.24 -0.36
C CYS E 534 35.20 -0.03 0.71
N THR E 535 34.85 -1.30 0.91
CA THR E 535 33.82 -1.62 1.90
C THR E 535 34.23 -1.13 3.28
N ILE E 536 35.47 -1.41 3.68
CA ILE E 536 35.94 -1.01 5.01
C ILE E 536 35.85 0.49 5.16
N GLY E 537 36.40 1.24 4.20
CA GLY E 537 36.41 2.68 4.31
C GLY E 537 35.02 3.29 4.38
N ILE E 538 34.11 2.80 3.54
CA ILE E 538 32.77 3.40 3.52
C ILE E 538 32.03 3.11 4.81
N LEU E 539 32.19 1.93 5.39
CA LEU E 539 31.49 1.55 6.64
C LEU E 539 32.23 2.03 7.89
N MET E 540 33.46 2.55 7.75
CA MET E 540 34.24 3.14 8.86
C MET E 540 34.20 4.67 8.79
N SER E 541 33.50 5.27 7.82
CA SER E 541 33.42 6.75 7.62
C SER E 541 32.34 7.35 8.52
N ALA E 542 31.19 6.68 8.60
CA ALA E 542 30.03 7.11 9.43
C ALA E 542 30.55 7.56 10.80
N PRO E 543 30.20 8.77 11.30
CA PRO E 543 30.78 9.25 12.55
C PRO E 543 30.40 8.39 13.76
N ASN E 544 29.17 7.89 13.84
CA ASN E 544 28.67 7.09 15.00
C ASN E 544 28.65 5.60 14.65
N PHE E 545 29.28 5.18 13.54
CA PHE E 545 29.32 3.76 13.12
C PHE E 545 29.98 2.90 14.19
N VAL E 546 31.10 3.37 14.75
CA VAL E 546 31.87 2.56 15.73
C VAL E 546 30.97 2.34 16.96
N GLU E 547 30.27 3.37 17.42
CA GLU E 547 29.35 3.29 18.59
C GLU E 547 28.16 2.38 18.27
N ALA E 548 27.63 2.42 17.04
CA ALA E 548 26.41 1.67 16.64
C ALA E 548 26.62 0.15 16.68
N VAL E 549 27.82 -0.36 16.40
CA VAL E 549 28.13 -1.80 16.47
C VAL E 549 28.33 -2.23 17.91
N SER E 550 29.01 -1.40 18.73
CA SER E 550 29.23 -1.76 20.12
C SER E 550 27.91 -1.90 20.87
N LYS E 551 26.88 -1.15 20.49
CA LYS E 551 25.60 -1.21 21.17
C LYS E 551 24.69 -2.31 20.61
N ASP E 552 24.53 -2.35 19.28
CA ASP E 552 23.58 -3.28 18.68
C ASP E 552 24.12 -4.71 18.67
N PHE E 553 25.38 -4.89 18.31
CA PHE E 553 25.98 -6.22 18.35
C PHE E 553 26.62 -6.47 19.71
N ILE F 1 -8.30 53.52 -32.47
CA ILE F 1 -9.42 52.68 -31.97
C ILE F 1 -9.38 52.64 -30.46
N VAL F 2 -10.54 52.85 -29.85
CA VAL F 2 -10.68 52.84 -28.39
C VAL F 2 -11.60 51.68 -28.04
N CYS F 3 -11.08 50.77 -27.21
CA CYS F 3 -11.79 49.55 -26.84
C CYS F 3 -11.90 49.50 -25.32
N HIS F 4 -13.09 49.19 -24.82
CA HIS F 4 -13.25 48.94 -23.40
C HIS F 4 -12.44 47.71 -23.00
N THR F 5 -11.99 47.70 -21.74
CA THR F 5 -11.23 46.58 -21.22
C THR F 5 -11.60 46.34 -19.76
N THR F 6 -11.30 45.12 -19.29
CA THR F 6 -11.60 44.71 -17.93
C THR F 6 -10.35 44.50 -17.08
N ALA F 7 -9.17 44.46 -17.69
CA ALA F 7 -7.95 44.33 -16.91
C ALA F 7 -7.73 45.53 -16.01
N THR F 8 -8.44 46.63 -16.27
CA THR F 8 -8.42 47.81 -15.42
C THR F 8 -9.74 47.92 -14.68
N SER F 9 -9.66 48.06 -13.35
CA SER F 9 -10.83 48.27 -12.53
C SER F 9 -10.73 49.64 -11.85
N PRO F 10 -11.75 50.50 -11.97
CA PRO F 10 -13.04 50.30 -12.64
C PRO F 10 -12.92 50.13 -14.14
N ILE F 11 -13.97 49.60 -14.78
CA ILE F 11 -13.94 49.38 -16.22
C ILE F 11 -13.53 50.66 -16.91
N SER F 12 -12.52 50.55 -17.77
CA SER F 12 -11.89 51.68 -18.41
C SER F 12 -12.29 51.77 -19.88
N ALA F 13 -11.85 52.86 -20.51
CA ALA F 13 -12.02 53.05 -21.94
C ALA F 13 -10.65 53.17 -22.60
N VAL F 14 -9.74 52.26 -22.25
CA VAL F 14 -8.37 52.38 -22.70
C VAL F 14 -8.34 52.49 -24.22
N THR F 15 -7.31 53.16 -24.72
CA THR F 15 -7.12 53.35 -26.17
C THR F 15 -6.12 52.30 -26.66
N CYS F 16 -6.56 51.51 -27.64
CA CYS F 16 -5.85 50.29 -27.99
C CYS F 16 -4.55 50.61 -28.73
N PRO F 17 -3.53 49.76 -28.59
CA PRO F 17 -2.31 49.95 -29.37
C PRO F 17 -2.53 49.63 -30.83
N PRO F 18 -1.54 49.92 -31.69
CA PRO F 18 -1.70 49.61 -33.12
C PRO F 18 -1.64 48.12 -33.38
N GLY F 19 -2.13 47.74 -34.57
CA GLY F 19 -2.17 46.36 -34.96
C GLY F 19 -3.38 45.60 -34.48
N GLU F 20 -4.23 46.24 -33.68
CA GLU F 20 -5.36 45.58 -33.03
C GLU F 20 -6.54 46.54 -33.10
N ASN F 21 -7.39 46.36 -34.11
CA ASN F 21 -8.48 47.28 -34.39
C ASN F 21 -9.83 46.60 -34.28
N LEU F 22 -9.91 45.56 -33.44
CA LEU F 22 -11.15 44.86 -33.16
C LEU F 22 -11.35 44.81 -31.66
N CYS F 23 -12.31 45.60 -31.17
CA CYS F 23 -12.80 45.45 -29.81
C CYS F 23 -13.67 44.21 -29.73
N TYR F 24 -13.44 43.41 -28.70
CA TYR F 24 -14.17 42.16 -28.52
C TYR F 24 -14.58 42.03 -27.06
N ARG F 25 -15.51 41.11 -26.86
CA ARG F 25 -16.01 40.72 -25.56
C ARG F 25 -16.39 39.25 -25.57
N LYS F 26 -16.12 38.58 -24.47
CA LYS F 26 -16.31 37.16 -24.33
C LYS F 26 -17.08 36.89 -23.06
N MET F 27 -18.10 36.05 -23.15
CA MET F 27 -19.05 35.86 -22.06
C MET F 27 -19.43 34.40 -21.94
N TRP F 28 -19.41 33.88 -20.73
CA TRP F 28 -19.81 32.49 -20.46
C TRP F 28 -20.28 32.37 -19.02
N CYS F 29 -20.97 31.27 -18.74
CA CYS F 29 -21.46 30.97 -17.41
C CYS F 29 -20.37 30.26 -16.63
N ASP F 30 -20.06 30.79 -15.44
CA ASP F 30 -19.29 30.05 -14.45
C ASP F 30 -20.27 29.44 -13.47
N VAL F 31 -19.76 28.94 -12.34
CA VAL F 31 -20.63 28.35 -11.34
C VAL F 31 -21.69 29.35 -10.91
N PHE F 32 -21.28 30.59 -10.67
CA PHE F 32 -22.19 31.61 -10.15
C PHE F 32 -22.93 32.31 -11.27
N CYS F 33 -23.52 31.53 -12.19
CA CYS F 33 -24.28 32.10 -13.29
C CYS F 33 -25.76 32.18 -12.95
N SER F 34 -26.15 31.87 -11.72
CA SER F 34 -27.52 31.97 -11.26
C SER F 34 -27.80 33.33 -10.64
N SER F 35 -26.89 33.80 -9.80
CA SER F 35 -27.00 35.10 -9.16
C SER F 35 -26.17 36.17 -9.86
N ARG F 36 -24.89 35.92 -10.07
CA ARG F 36 -24.01 36.90 -10.66
C ARG F 36 -24.21 37.05 -12.17
N GLY F 37 -24.62 35.98 -12.83
CA GLY F 37 -24.73 35.99 -14.28
C GLY F 37 -23.47 35.51 -14.96
N LYS F 38 -23.44 35.70 -16.27
CA LYS F 38 -22.30 35.25 -17.05
C LYS F 38 -21.10 36.16 -16.84
N VAL F 39 -19.92 35.60 -17.07
CA VAL F 39 -18.69 36.36 -16.97
C VAL F 39 -18.56 37.32 -18.15
N VAL F 40 -17.69 38.31 -17.98
CA VAL F 40 -17.45 39.32 -19.00
C VAL F 40 -15.96 39.57 -19.10
N GLU F 41 -15.42 39.45 -20.31
CA GLU F 41 -14.04 39.81 -20.61
C GLU F 41 -14.06 40.73 -21.82
N LEU F 42 -13.51 41.92 -21.68
CA LEU F 42 -13.46 42.90 -22.75
C LEU F 42 -12.03 43.19 -23.13
N GLY F 43 -11.81 43.55 -24.39
CA GLY F 43 -10.47 43.88 -24.82
C GLY F 43 -10.42 44.28 -26.28
N CYS F 44 -9.19 44.45 -26.76
CA CYS F 44 -8.92 44.71 -28.17
C CYS F 44 -7.87 43.72 -28.65
N ALA F 45 -8.15 43.03 -29.75
CA ALA F 45 -7.27 41.99 -30.25
C ALA F 45 -7.02 42.16 -31.74
N ALA F 46 -5.93 41.55 -32.20
CA ALA F 46 -5.54 41.62 -33.60
C ALA F 46 -6.70 41.21 -34.50
N THR F 47 -7.12 39.95 -34.37
CA THR F 47 -8.39 39.48 -34.91
C THR F 47 -9.11 38.71 -33.82
N CYS F 48 -10.42 38.82 -33.81
CA CYS F 48 -11.18 38.34 -32.66
C CYS F 48 -10.95 36.83 -32.48
N PRO F 49 -10.79 36.36 -31.25
CA PRO F 49 -10.21 35.04 -31.02
C PRO F 49 -11.21 33.88 -31.16
N SER F 50 -10.73 32.67 -30.85
CA SER F 50 -11.53 31.48 -31.04
C SER F 50 -12.62 31.39 -29.98
N LYS F 51 -13.79 30.91 -30.39
CA LYS F 51 -14.93 30.71 -29.50
C LYS F 51 -14.98 29.25 -29.10
N LYS F 52 -14.68 28.98 -27.83
CA LYS F 52 -14.84 27.65 -27.28
C LYS F 52 -16.31 27.26 -27.29
N PRO F 53 -16.63 25.99 -27.05
CA PRO F 53 -18.04 25.58 -27.08
C PRO F 53 -18.90 26.35 -26.09
N TYR F 54 -18.37 26.65 -24.91
CA TYR F 54 -19.13 27.29 -23.85
C TYR F 54 -18.97 28.80 -23.82
N GLU F 55 -18.23 29.39 -24.76
CA GLU F 55 -17.97 30.81 -24.78
C GLU F 55 -18.71 31.47 -25.94
N GLU F 56 -19.17 32.69 -25.72
CA GLU F 56 -19.84 33.50 -26.73
C GLU F 56 -19.02 34.77 -26.96
N VAL F 57 -18.95 35.20 -28.20
CA VAL F 57 -18.16 36.37 -28.60
C VAL F 57 -19.03 37.27 -29.46
N THR F 58 -18.88 38.57 -29.27
CA THR F 58 -19.56 39.59 -30.05
C THR F 58 -18.49 40.60 -30.47
N CYS F 59 -18.02 40.47 -31.70
CA CYS F 59 -16.84 41.18 -32.17
C CYS F 59 -17.25 42.38 -33.01
N CYS F 60 -16.66 43.54 -32.71
CA CYS F 60 -16.92 44.79 -33.39
C CYS F 60 -15.64 45.32 -34.00
N SER F 61 -15.73 46.44 -34.74
CA SER F 61 -14.56 47.12 -35.34
C SER F 61 -14.69 48.64 -35.16
N THR F 62 -15.57 49.09 -34.26
CA THR F 62 -15.86 50.53 -34.03
C THR F 62 -15.50 50.90 -32.59
N ASP F 63 -15.40 52.20 -32.29
CA ASP F 63 -15.07 52.69 -30.96
C ASP F 63 -16.19 52.37 -29.98
N LYS F 64 -15.83 51.84 -28.82
CA LYS F 64 -16.77 51.63 -27.72
C LYS F 64 -17.98 50.82 -28.18
N CYS F 65 -17.73 49.79 -28.97
CA CYS F 65 -18.78 48.88 -29.39
C CYS F 65 -18.94 47.69 -28.45
N ASN F 66 -18.12 47.60 -27.41
CA ASN F 66 -18.13 46.47 -26.47
C ASN F 66 -18.22 47.00 -25.05
N PRO F 67 -19.37 47.55 -24.67
CA PRO F 67 -19.53 48.02 -23.29
C PRO F 67 -20.10 46.95 -22.38
N HIS F 68 -20.12 47.21 -21.07
CA HIS F 68 -20.71 46.25 -20.10
C HIS F 68 -22.22 46.23 -20.39
N PRO F 69 -22.96 45.10 -20.29
CA PRO F 69 -24.39 45.09 -20.63
C PRO F 69 -25.28 46.18 -19.98
N LYS F 70 -25.01 46.59 -18.74
CA LYS F 70 -25.73 47.68 -18.01
C LYS F 70 -25.80 48.97 -18.86
N GLN F 71 -24.67 49.32 -19.49
CA GLN F 71 -24.40 50.48 -20.37
C GLN F 71 -24.97 50.22 -21.77
N ILE G 1 -54.85 0.35 -30.84
CA ILE G 1 -54.73 0.02 -29.39
C ILE G 1 -54.21 1.24 -28.64
N VAL G 2 -54.86 1.57 -27.53
CA VAL G 2 -54.49 2.70 -26.69
C VAL G 2 -54.05 2.15 -25.35
N CYS G 3 -52.81 2.46 -24.97
CA CYS G 3 -52.22 1.95 -23.75
C CYS G 3 -51.77 3.13 -22.89
N HIS G 4 -52.08 3.07 -21.61
CA HIS G 4 -51.56 4.04 -20.67
C HIS G 4 -50.04 3.93 -20.60
N THR G 5 -49.38 5.05 -20.32
CA THR G 5 -47.93 5.07 -20.19
C THR G 5 -47.52 6.03 -19.08
N THR G 6 -46.30 5.84 -18.59
CA THR G 6 -45.75 6.66 -17.53
C THR G 6 -44.59 7.54 -17.97
N ALA G 7 -44.05 7.31 -19.17
CA ALA G 7 -42.99 8.18 -19.66
C ALA G 7 -43.49 9.60 -19.87
N THR G 8 -44.80 9.80 -19.89
CA THR G 8 -45.42 11.12 -19.96
C THR G 8 -46.05 11.45 -18.62
N SER G 9 -45.70 12.61 -18.08
CA SER G 9 -46.29 13.11 -16.85
C SER G 9 -47.05 14.40 -17.14
N PRO G 10 -48.32 14.51 -16.76
CA PRO G 10 -49.15 13.54 -16.02
C PRO G 10 -49.42 12.26 -16.80
N ILE G 11 -49.82 11.21 -16.09
CA ILE G 11 -50.09 9.93 -16.74
C ILE G 11 -51.01 10.15 -17.92
N SER G 12 -50.60 9.64 -19.07
CA SER G 12 -51.26 9.88 -20.34
C SER G 12 -52.03 8.64 -20.79
N ALA G 13 -52.77 8.81 -21.88
CA ALA G 13 -53.45 7.71 -22.54
C ALA G 13 -52.94 7.58 -23.97
N VAL G 14 -51.61 7.61 -24.13
CA VAL G 14 -51.04 7.65 -25.47
C VAL G 14 -51.56 6.48 -26.29
N THR G 15 -51.62 6.68 -27.60
CA THR G 15 -52.09 5.66 -28.53
C THR G 15 -50.88 4.95 -29.12
N CYS G 16 -50.84 3.63 -28.96
CA CYS G 16 -49.63 2.88 -29.19
C CYS G 16 -49.32 2.77 -30.68
N PRO G 17 -48.05 2.69 -31.06
CA PRO G 17 -47.70 2.46 -32.46
C PRO G 17 -48.05 1.05 -32.91
N PRO G 18 -47.93 0.75 -34.19
CA PRO G 18 -48.24 -0.61 -34.66
C PRO G 18 -47.17 -1.60 -34.25
N GLY G 19 -47.54 -2.87 -34.30
CA GLY G 19 -46.66 -3.94 -33.91
C GLY G 19 -46.65 -4.25 -32.43
N GLU G 20 -47.39 -3.49 -31.63
CA GLU G 20 -47.35 -3.58 -30.18
C GLU G 20 -48.80 -3.42 -29.70
N ASN G 21 -49.48 -4.55 -29.48
CA ASN G 21 -50.89 -4.56 -29.15
C ASN G 21 -51.14 -5.16 -27.78
N LEU G 22 -50.15 -5.05 -26.89
CA LEU G 22 -50.29 -5.51 -25.50
C LEU G 22 -49.90 -4.36 -24.59
N CYS G 23 -50.90 -3.79 -23.93
CA CYS G 23 -50.66 -2.89 -22.82
C CYS G 23 -50.22 -3.70 -21.61
N TYR G 24 -49.17 -3.23 -20.94
CA TYR G 24 -48.61 -3.91 -19.79
C TYR G 24 -48.31 -2.92 -18.70
N ARG G 25 -48.11 -3.48 -17.51
CA ARG G 25 -47.71 -2.74 -16.33
C ARG G 25 -46.83 -3.63 -15.45
N LYS G 26 -45.84 -3.02 -14.84
CA LYS G 26 -44.86 -3.70 -14.06
C LYS G 26 -44.71 -3.01 -12.72
N MET G 27 -44.70 -3.79 -11.64
CA MET G 27 -44.79 -3.24 -10.29
C MET G 27 -43.89 -4.02 -9.36
N TRP G 28 -43.12 -3.30 -8.55
CA TRP G 28 -42.24 -3.92 -7.57
C TRP G 28 -41.98 -2.93 -6.43
N CYS G 29 -41.48 -3.46 -5.32
CA CYS G 29 -41.14 -2.66 -4.17
C CYS G 29 -39.72 -2.12 -4.32
N ASP G 30 -39.57 -0.81 -4.19
CA ASP G 30 -38.27 -0.20 -3.99
C ASP G 30 -38.08 0.02 -2.49
N VAL G 31 -37.06 0.80 -2.14
CA VAL G 31 -36.82 1.09 -0.72
C VAL G 31 -38.07 1.69 -0.10
N PHE G 32 -38.68 2.65 -0.79
CA PHE G 32 -39.81 3.39 -0.24
C PHE G 32 -41.12 2.65 -0.51
N CYS G 33 -41.16 1.37 -0.21
CA CYS G 33 -42.37 0.58 -0.39
C CYS G 33 -43.21 0.53 0.88
N SER G 34 -42.82 1.26 1.92
CA SER G 34 -43.56 1.35 3.16
C SER G 34 -44.55 2.50 3.13
N SER G 35 -44.11 3.66 2.65
CA SER G 35 -44.96 4.85 2.54
C SER G 35 -45.48 5.05 1.13
N ARG G 36 -44.60 5.06 0.14
CA ARG G 36 -44.99 5.33 -1.24
C ARG G 36 -45.68 4.13 -1.88
N GLY G 37 -45.33 2.91 -1.47
CA GLY G 37 -45.84 1.73 -2.11
C GLY G 37 -44.95 1.23 -3.22
N LYS G 38 -45.48 0.27 -3.98
CA LYS G 38 -44.72 -0.31 -5.06
C LYS G 38 -44.62 0.64 -6.25
N VAL G 39 -43.58 0.45 -7.04
CA VAL G 39 -43.39 1.24 -8.24
C VAL G 39 -44.39 0.83 -9.31
N VAL G 40 -44.57 1.70 -10.29
CA VAL G 40 -45.50 1.47 -11.39
C VAL G 40 -44.84 1.88 -12.69
N GLU G 41 -44.80 0.97 -13.66
CA GLU G 41 -44.35 1.28 -15.00
C GLU G 41 -45.42 0.78 -15.97
N LEU G 42 -45.95 1.67 -16.80
CA LEU G 42 -46.98 1.32 -17.76
C LEU G 42 -46.47 1.53 -19.18
N GLY G 43 -46.99 0.74 -20.11
CA GLY G 43 -46.58 0.90 -21.49
C GLY G 43 -47.30 -0.05 -22.41
N CYS G 44 -46.85 -0.06 -23.66
CA CYS G 44 -47.31 -0.99 -24.68
C CYS G 44 -46.10 -1.63 -25.32
N ALA G 45 -46.09 -2.97 -25.39
CA ALA G 45 -44.95 -3.71 -25.89
C ALA G 45 -45.39 -4.76 -26.90
N ALA G 46 -44.42 -5.19 -27.71
CA ALA G 46 -44.69 -6.19 -28.74
C ALA G 46 -45.33 -7.43 -28.12
N THR G 47 -44.60 -8.10 -27.24
CA THR G 47 -45.17 -9.09 -26.34
C THR G 47 -44.67 -8.79 -24.93
N CYS G 48 -45.53 -9.04 -23.96
CA CYS G 48 -45.27 -8.56 -22.61
C CYS G 48 -43.95 -9.16 -22.10
N PRO G 49 -43.13 -8.37 -21.41
CA PRO G 49 -41.72 -8.75 -21.22
C PRO G 49 -41.49 -9.71 -20.06
N SER G 50 -40.22 -9.99 -19.79
CA SER G 50 -39.85 -10.97 -18.79
C SER G 50 -40.10 -10.43 -17.38
N LYS G 51 -40.56 -11.31 -16.50
CA LYS G 51 -40.81 -10.97 -15.10
C LYS G 51 -39.62 -11.43 -14.28
N LYS G 52 -38.86 -10.47 -13.77
CA LYS G 52 -37.78 -10.79 -12.84
C LYS G 52 -38.37 -11.35 -11.55
N PRO G 53 -37.52 -11.92 -10.68
CA PRO G 53 -38.06 -12.50 -9.44
C PRO G 53 -38.84 -11.51 -8.60
N TYR G 54 -38.39 -10.26 -8.55
CA TYR G 54 -38.98 -9.25 -7.68
C TYR G 54 -40.02 -8.39 -8.40
N GLU G 55 -40.31 -8.65 -9.67
CA GLU G 55 -41.23 -7.86 -10.45
C GLU G 55 -42.51 -8.63 -10.73
N GLU G 56 -43.63 -7.91 -10.75
CA GLU G 56 -44.93 -8.47 -11.07
C GLU G 56 -45.47 -7.78 -12.32
N VAL G 57 -46.13 -8.56 -13.17
CA VAL G 57 -46.66 -8.05 -14.43
C VAL G 57 -48.11 -8.49 -14.57
N THR G 58 -48.94 -7.60 -15.11
CA THR G 58 -50.34 -7.87 -15.38
C THR G 58 -50.59 -7.41 -16.82
N CYS G 59 -50.60 -8.36 -17.75
CA CYS G 59 -50.58 -8.06 -19.17
C CYS G 59 -51.97 -8.21 -19.76
N CYS G 60 -52.39 -7.21 -20.52
CA CYS G 60 -53.70 -7.17 -21.16
C CYS G 60 -53.53 -7.06 -22.67
N SER G 61 -54.64 -7.09 -23.41
CA SER G 61 -54.64 -6.92 -24.89
C SER G 61 -55.80 -6.02 -25.30
N THR G 62 -56.38 -5.25 -24.36
CA THR G 62 -57.55 -4.38 -24.60
C THR G 62 -57.18 -2.92 -24.31
N ASP G 63 -57.99 -1.97 -24.76
CA ASP G 63 -57.75 -0.55 -24.54
C ASP G 63 -57.88 -0.21 -23.07
N LYS G 64 -56.91 0.55 -22.56
CA LYS G 64 -56.98 1.09 -21.20
C LYS G 64 -57.22 -0.01 -20.17
N CYS G 65 -56.54 -1.13 -20.34
CA CYS G 65 -56.61 -2.23 -19.38
C CYS G 65 -55.53 -2.13 -18.31
N ASN G 66 -54.67 -1.12 -18.39
CA ASN G 66 -53.54 -0.96 -17.47
C ASN G 66 -53.55 0.44 -16.90
N PRO G 67 -54.52 0.77 -16.05
CA PRO G 67 -54.55 2.09 -15.43
C PRO G 67 -53.80 2.11 -14.10
N HIS G 68 -53.60 3.30 -13.54
CA HIS G 68 -52.94 3.44 -12.22
C HIS G 68 -53.91 2.81 -11.19
N PRO G 69 -53.46 2.11 -10.12
CA PRO G 69 -54.40 1.49 -9.18
C PRO G 69 -55.53 2.36 -8.61
N LYS G 70 -55.31 3.66 -8.36
CA LYS G 70 -56.31 4.65 -7.89
C LYS G 70 -57.58 4.63 -8.77
N GLN G 71 -57.38 4.58 -10.10
CA GLN G 71 -58.36 4.54 -11.21
C GLN G 71 -58.93 3.13 -11.37
N ILE H 1 -42.33 -38.09 26.96
CA ILE H 1 -41.54 -37.07 27.71
C ILE H 1 -41.92 -35.68 27.21
N VAL H 2 -42.19 -34.79 28.15
CA VAL H 2 -42.56 -33.40 27.85
C VAL H 2 -41.45 -32.51 28.39
N CYS H 3 -40.85 -31.72 27.49
CA CYS H 3 -39.73 -30.86 27.82
C CYS H 3 -40.09 -29.43 27.46
N HIS H 4 -39.81 -28.50 28.37
CA HIS H 4 -39.93 -27.09 28.05
C HIS H 4 -38.96 -26.72 26.94
N THR H 5 -39.33 -25.72 26.14
CA THR H 5 -38.47 -25.25 25.07
C THR H 5 -38.60 -23.73 24.95
N THR H 6 -37.60 -23.13 24.31
CA THR H 6 -37.55 -21.69 24.10
C THR H 6 -37.70 -21.29 22.64
N ALA H 7 -37.61 -22.23 21.70
CA ALA H 7 -37.82 -21.90 20.30
C ALA H 7 -39.24 -21.42 20.05
N THR H 8 -40.15 -21.66 21.00
CA THR H 8 -41.52 -21.17 20.94
C THR H 8 -41.70 -20.07 21.97
N SER H 9 -42.19 -18.92 21.53
CA SER H 9 -42.50 -17.81 22.40
C SER H 9 -44.00 -17.54 22.37
N PRO H 10 -44.70 -17.50 23.51
CA PRO H 10 -44.21 -17.64 24.89
C PRO H 10 -43.64 -19.02 25.20
N ILE H 11 -42.85 -19.11 26.26
CA ILE H 11 -42.25 -20.40 26.63
C ILE H 11 -43.33 -21.47 26.68
N SER H 12 -43.09 -22.56 25.98
CA SER H 12 -44.06 -23.61 25.78
C SER H 12 -43.70 -24.84 26.61
N ALA H 13 -44.61 -25.81 26.59
CA ALA H 13 -44.39 -27.11 27.21
C ALA H 13 -44.46 -28.19 26.15
N VAL H 14 -43.77 -27.98 25.02
CA VAL H 14 -43.90 -28.88 23.90
C VAL H 14 -43.59 -30.30 24.33
N THR H 15 -44.19 -31.26 23.65
CA THR H 15 -44.00 -32.68 23.94
C THR H 15 -42.96 -33.23 22.97
N CYS H 16 -41.89 -33.80 23.51
CA CYS H 16 -40.70 -34.09 22.74
C CYS H 16 -40.94 -35.27 21.80
N PRO H 17 -40.27 -35.29 20.65
CA PRO H 17 -40.35 -36.46 19.76
C PRO H 17 -39.63 -37.66 20.35
N PRO H 18 -39.76 -38.83 19.75
CA PRO H 18 -39.06 -40.02 20.25
C PRO H 18 -37.57 -39.94 20.01
N GLY H 19 -36.83 -40.76 20.75
CA GLY H 19 -35.39 -40.80 20.66
C GLY H 19 -34.69 -39.78 21.51
N GLU H 20 -35.42 -38.90 22.19
CA GLU H 20 -34.86 -37.78 22.92
C GLU H 20 -35.65 -37.67 24.23
N ASN H 21 -35.12 -38.28 25.30
CA ASN H 21 -35.81 -38.38 26.57
C ASN H 21 -35.06 -37.65 27.67
N LEU H 22 -34.29 -36.64 27.31
CA LEU H 22 -33.58 -35.81 28.27
C LEU H 22 -33.92 -34.35 27.99
N CYS H 23 -34.71 -33.76 28.88
CA CYS H 23 -34.89 -32.33 28.91
C CYS H 23 -33.64 -31.67 29.48
N TYR H 24 -33.18 -30.62 28.81
CA TYR H 24 -31.97 -29.92 29.21
C TYR H 24 -32.19 -28.43 29.14
N ARG H 25 -31.28 -27.73 29.79
CA ARG H 25 -31.21 -26.28 29.78
C ARG H 25 -29.76 -25.83 29.88
N LYS H 26 -29.46 -24.76 29.18
CA LYS H 26 -28.11 -24.25 29.06
C LYS H 26 -28.13 -22.76 29.34
N MET H 27 -27.19 -22.32 30.18
CA MET H 27 -27.21 -20.96 30.71
C MET H 27 -25.81 -20.40 30.76
N TRP H 28 -25.65 -19.16 30.29
CA TRP H 28 -24.36 -18.48 30.34
C TRP H 28 -24.59 -16.98 30.32
N CYS H 29 -23.54 -16.24 30.69
CA CYS H 29 -23.58 -14.79 30.69
C CYS H 29 -23.22 -14.27 29.30
N ASP H 30 -24.07 -13.42 28.76
CA ASP H 30 -23.72 -12.60 27.61
C ASP H 30 -23.30 -11.23 28.12
N VAL H 31 -23.19 -10.27 27.21
CA VAL H 31 -22.81 -8.92 27.61
C VAL H 31 -23.78 -8.40 28.67
N PHE H 32 -25.06 -8.60 28.43
CA PHE H 32 -26.09 -8.05 29.32
C PHE H 32 -26.38 -8.99 30.48
N CYS H 33 -25.34 -9.45 31.16
CA CYS H 33 -25.50 -10.33 32.31
C CYS H 33 -25.53 -9.54 33.61
N SER H 34 -25.52 -8.22 33.54
CA SER H 34 -25.61 -7.35 34.71
C SER H 34 -27.06 -7.01 35.03
N SER H 35 -27.83 -6.65 34.02
CA SER H 35 -29.24 -6.32 34.17
C SER H 35 -30.16 -7.48 33.79
N ARG H 36 -29.98 -8.05 32.60
CA ARG H 36 -30.84 -9.11 32.13
C ARG H 36 -30.54 -10.45 32.80
N GLY H 37 -29.31 -10.69 33.19
CA GLY H 37 -28.91 -11.96 33.73
C GLY H 37 -28.40 -12.90 32.66
N LYS H 38 -28.21 -14.16 33.06
CA LYS H 38 -27.68 -15.15 32.14
C LYS H 38 -28.74 -15.57 31.12
N VAL H 39 -28.24 -16.05 29.98
CA VAL H 39 -29.12 -16.54 28.94
C VAL H 39 -29.73 -17.87 29.35
N VAL H 40 -30.81 -18.25 28.66
CA VAL H 40 -31.52 -19.48 28.93
C VAL H 40 -31.87 -20.14 27.61
N GLU H 41 -31.48 -21.39 27.44
CA GLU H 41 -31.89 -22.21 26.31
C GLU H 41 -32.43 -23.53 26.84
N LEU H 42 -33.67 -23.84 26.51
CA LEU H 42 -34.32 -25.06 26.97
C LEU H 42 -34.64 -25.97 25.78
N GLY H 43 -34.65 -27.27 26.02
CA GLY H 43 -34.98 -28.18 24.95
C GLY H 43 -34.98 -29.62 25.41
N CYS H 44 -35.11 -30.51 24.44
CA CYS H 44 -35.01 -31.95 24.65
C CYS H 44 -34.04 -32.52 23.63
N ALA H 45 -33.05 -33.28 24.10
CA ALA H 45 -32.00 -33.79 23.24
C ALA H 45 -31.79 -35.27 23.47
N ALA H 46 -31.17 -35.92 22.47
CA ALA H 46 -30.90 -37.35 22.56
C ALA H 46 -30.14 -37.68 23.83
N THR H 47 -28.93 -37.16 23.95
CA THR H 47 -28.22 -37.11 25.22
C THR H 47 -27.70 -35.69 25.43
N CYS H 48 -27.69 -35.26 26.67
CA CYS H 48 -27.46 -33.86 26.95
C CYS H 48 -26.10 -33.42 26.41
N PRO H 49 -26.00 -32.23 25.81
CA PRO H 49 -24.84 -31.93 24.96
C PRO H 49 -23.61 -31.46 25.72
N SER H 50 -22.59 -31.08 24.97
CA SER H 50 -21.31 -30.70 25.56
C SER H 50 -21.41 -29.35 26.24
N LYS H 51 -20.72 -29.22 27.38
CA LYS H 51 -20.67 -27.99 28.13
C LYS H 51 -19.37 -27.26 27.80
N LYS H 52 -19.49 -26.14 27.10
CA LYS H 52 -18.34 -25.30 26.83
C LYS H 52 -17.83 -24.71 28.15
N PRO H 53 -16.65 -24.10 28.14
CA PRO H 53 -16.11 -23.56 29.40
C PRO H 53 -17.03 -22.54 30.05
N TYR H 54 -17.70 -21.71 29.25
CA TYR H 54 -18.52 -20.63 29.76
C TYR H 54 -20.00 -20.99 29.89
N GLU H 55 -20.36 -22.23 29.58
CA GLU H 55 -21.74 -22.66 29.60
C GLU H 55 -21.98 -23.63 30.75
N GLU H 56 -23.17 -23.54 31.34
CA GLU H 56 -23.61 -24.43 32.41
C GLU H 56 -24.84 -25.20 31.95
N VAL H 57 -24.91 -26.46 32.33
CA VAL H 57 -26.00 -27.34 31.93
C VAL H 57 -26.54 -28.06 33.16
N THR H 58 -27.86 -28.22 33.20
CA THR H 58 -28.56 -28.94 34.25
C THR H 58 -29.51 -29.91 33.56
N CYS H 59 -29.10 -31.17 33.46
CA CYS H 59 -29.77 -32.15 32.62
C CYS H 59 -30.64 -33.06 33.48
N CYS H 60 -31.88 -33.24 33.04
CA CYS H 60 -32.88 -34.05 33.73
C CYS H 60 -33.34 -35.17 32.81
N SER H 61 -34.20 -36.07 33.31
CA SER H 61 -34.80 -37.17 32.51
C SER H 61 -36.29 -37.29 32.87
N THR H 62 -36.89 -36.28 33.49
CA THR H 62 -38.29 -36.30 33.97
C THR H 62 -39.08 -35.19 33.27
N ASP H 63 -40.42 -35.24 33.31
CA ASP H 63 -41.28 -34.24 32.69
C ASP H 63 -41.13 -32.91 33.40
N LYS H 64 -40.98 -31.84 32.61
CA LYS H 64 -40.99 -30.48 33.13
C LYS H 64 -39.96 -30.30 34.25
N CYS H 65 -38.79 -30.88 34.07
CA CYS H 65 -37.69 -30.70 35.00
C CYS H 65 -36.80 -29.52 34.67
N ASN H 66 -37.09 -28.82 33.56
CA ASN H 66 -36.26 -27.72 33.09
C ASN H 66 -37.14 -26.50 32.84
N PRO H 67 -37.66 -25.89 33.91
CA PRO H 67 -38.47 -24.68 33.74
C PRO H 67 -37.64 -23.42 33.81
N HIS H 68 -38.24 -22.27 33.48
CA HIS H 68 -37.54 -20.97 33.57
C HIS H 68 -37.29 -20.72 35.07
N PRO H 69 -36.16 -20.13 35.53
CA PRO H 69 -35.92 -19.94 36.96
C PRO H 69 -37.05 -19.30 37.80
N LYS H 70 -37.80 -18.35 37.25
CA LYS H 70 -38.98 -17.69 37.90
C LYS H 70 -39.97 -18.73 38.45
N GLN H 71 -40.25 -19.77 37.65
CA GLN H 71 -41.15 -20.94 37.88
C GLN H 71 -40.46 -21.96 38.78
N ILE I 1 12.26 -9.11 61.05
CA ILE I 1 12.19 -7.75 60.43
C ILE I 1 10.78 -7.51 59.92
N VAL I 2 10.23 -6.34 60.24
CA VAL I 2 8.89 -5.94 59.82
C VAL I 2 9.04 -4.76 58.88
N CYS I 3 8.54 -4.90 57.66
CA CYS I 3 8.65 -3.90 56.63
C CYS I 3 7.27 -3.51 56.15
N HIS I 4 7.02 -2.21 56.02
CA HIS I 4 5.79 -1.75 55.39
C HIS I 4 5.76 -2.20 53.94
N THR I 5 4.54 -2.40 53.42
CA THR I 5 4.37 -2.79 52.03
C THR I 5 3.12 -2.13 51.46
N THR I 6 3.07 -2.07 50.13
CA THR I 6 1.96 -1.46 49.42
C THR I 6 1.13 -2.46 48.64
N ALA I 7 1.60 -3.70 48.47
CA ALA I 7 0.80 -4.71 47.79
C ALA I 7 -0.47 -5.01 48.56
N THR I 8 -0.54 -4.61 49.82
CA THR I 8 -1.73 -4.75 50.64
C THR I 8 -2.35 -3.38 50.86
N SER I 9 -3.64 -3.25 50.56
CA SER I 9 -4.38 -2.03 50.81
C SER I 9 -5.48 -2.31 51.83
N PRO I 10 -5.57 -1.54 52.92
CA PRO I 10 -4.76 -0.38 53.29
C PRO I 10 -3.30 -0.72 53.57
N ILE I 11 -2.43 0.29 53.54
CA ILE I 11 -1.01 0.07 53.78
C ILE I 11 -0.84 -0.73 55.05
N SER I 12 -0.09 -1.82 54.95
CA SER I 12 0.06 -2.79 56.02
C SER I 12 1.44 -2.68 56.65
N ALA I 13 1.62 -3.45 57.72
CA ALA I 13 2.91 -3.58 58.38
C ALA I 13 3.35 -5.04 58.33
N VAL I 14 3.25 -5.65 57.15
CA VAL I 14 3.52 -7.08 57.04
C VAL I 14 4.89 -7.39 57.59
N THR I 15 5.05 -8.61 58.09
CA THR I 15 6.30 -9.09 58.65
C THR I 15 7.04 -9.90 57.59
N CYS I 16 8.26 -9.48 57.28
CA CYS I 16 8.95 -9.95 56.09
C CYS I 16 9.41 -11.40 56.27
N PRO I 17 9.47 -12.17 55.18
CA PRO I 17 10.02 -13.53 55.26
C PRO I 17 11.53 -13.50 55.48
N PRO I 18 12.13 -14.65 55.74
CA PRO I 18 13.59 -14.69 55.94
C PRO I 18 14.34 -14.47 54.64
N GLY I 19 15.62 -14.12 54.79
CA GLY I 19 16.47 -13.84 53.65
C GLY I 19 16.38 -12.44 53.13
N GLU I 20 15.49 -11.60 53.69
CA GLU I 20 15.21 -10.27 53.19
C GLU I 20 15.06 -9.37 54.41
N ASN I 21 16.15 -8.69 54.78
CA ASN I 21 16.21 -7.89 55.99
C ASN I 21 16.44 -6.42 55.69
N LEU I 22 16.03 -5.98 54.51
CA LEU I 22 16.12 -4.58 54.12
C LEU I 22 14.75 -4.12 53.67
N CYS I 23 14.11 -3.27 54.48
CA CYS I 23 12.94 -2.55 54.06
C CYS I 23 13.36 -1.42 53.12
N TYR I 24 12.65 -1.28 52.01
CA TYR I 24 12.96 -0.29 51.02
C TYR I 24 11.69 0.40 50.56
N ARG I 25 11.91 1.53 49.90
CA ARG I 25 10.86 2.31 49.28
C ARG I 25 11.42 3.00 48.03
N LYS I 26 10.58 3.08 47.01
CA LYS I 26 10.95 3.60 45.72
C LYS I 26 9.92 4.62 45.28
N MET I 27 10.40 5.77 44.81
CA MET I 27 9.53 6.92 44.56
C MET I 27 9.96 7.62 43.29
N TRP I 28 8.98 7.93 42.43
CA TRP I 28 9.25 8.65 41.20
C TRP I 28 7.99 9.40 40.77
N CYS I 29 8.17 10.35 39.86
CA CYS I 29 7.06 11.11 39.30
C CYS I 29 6.47 10.36 38.12
N ASP I 30 5.16 10.14 38.16
CA ASP I 30 4.41 9.75 36.99
C ASP I 30 3.79 10.99 36.38
N VAL I 31 2.86 10.81 35.45
CA VAL I 31 2.20 11.95 34.83
C VAL I 31 1.56 12.82 35.90
N PHE I 32 0.87 12.20 36.84
CA PHE I 32 0.13 12.94 37.86
C PHE I 32 1.01 13.31 39.04
N CYS I 33 2.18 13.88 38.76
CA CYS I 33 3.08 14.30 39.82
C CYS I 33 2.88 15.76 40.18
N SER I 34 1.87 16.41 39.62
CA SER I 34 1.53 17.79 39.93
C SER I 34 0.52 17.86 41.06
N SER I 35 -0.51 17.03 41.00
CA SER I 35 -1.55 16.97 42.02
C SER I 35 -1.34 15.82 42.99
N ARG I 36 -1.17 14.61 42.48
CA ARG I 36 -1.04 13.43 43.34
C ARG I 36 0.34 13.33 43.97
N GLY I 37 1.37 13.84 43.32
CA GLY I 37 2.72 13.69 43.81
C GLY I 37 3.41 12.47 43.24
N LYS I 38 4.58 12.17 43.80
CA LYS I 38 5.36 11.04 43.32
C LYS I 38 4.73 9.72 43.78
N VAL I 39 5.04 8.68 43.02
CA VAL I 39 4.56 7.35 43.36
C VAL I 39 5.33 6.82 44.57
N VAL I 40 4.76 5.78 45.19
CA VAL I 40 5.34 5.17 46.37
C VAL I 40 5.22 3.64 46.23
N GLU I 41 6.34 2.95 46.34
CA GLU I 41 6.37 1.50 46.41
C GLU I 41 7.19 1.10 47.62
N LEU I 42 6.59 0.33 48.52
CA LEU I 42 7.26 -0.11 49.74
C LEU I 42 7.38 -1.63 49.75
N GLY I 43 8.43 -2.13 50.39
CA GLY I 43 8.58 -3.56 50.48
C GLY I 43 9.81 -3.95 51.27
N CYS I 44 10.10 -5.25 51.25
CA CYS I 44 11.29 -5.82 51.84
C CYS I 44 11.98 -6.69 50.81
N ALA I 45 13.27 -6.46 50.60
CA ALA I 45 14.01 -7.17 49.56
C ALA I 45 15.33 -7.71 50.11
N ALA I 46 15.86 -8.70 49.40
CA ALA I 46 17.12 -9.33 49.80
C ALA I 46 18.20 -8.28 50.00
N THR I 47 18.56 -7.59 48.92
CA THR I 47 19.34 -6.36 49.00
C THR I 47 18.63 -5.31 48.14
N CYS I 48 18.71 -4.06 48.59
CA CYS I 48 17.87 -3.03 47.99
C CYS I 48 18.20 -2.89 46.51
N PRO I 49 17.19 -2.72 45.65
CA PRO I 49 17.38 -2.95 44.22
C PRO I 49 17.98 -1.77 43.48
N SER I 50 18.08 -1.91 42.15
CA SER I 50 18.73 -0.91 41.32
C SER I 50 17.87 0.34 41.20
N LYS I 51 18.53 1.49 41.20
CA LYS I 51 17.86 2.79 41.06
C LYS I 51 17.99 3.22 39.61
N LYS I 52 16.87 3.22 38.89
CA LYS I 52 16.83 3.75 37.54
C LYS I 52 17.10 5.25 37.59
N PRO I 53 17.34 5.88 36.43
CA PRO I 53 17.63 7.32 36.44
C PRO I 53 16.53 8.15 37.06
N TYR I 54 15.27 7.78 36.84
CA TYR I 54 14.13 8.55 37.30
C TYR I 54 13.58 8.09 38.63
N GLU I 55 14.19 7.07 39.26
CA GLU I 55 13.70 6.51 40.51
C GLU I 55 14.62 6.87 41.65
N GLU I 56 14.04 7.09 42.82
CA GLU I 56 14.77 7.37 44.05
C GLU I 56 14.48 6.28 45.06
N VAL I 57 15.50 5.88 45.82
CA VAL I 57 15.39 4.82 46.79
C VAL I 57 15.98 5.29 48.12
N THR I 58 15.33 4.90 49.21
CA THR I 58 15.78 5.19 50.56
C THR I 58 15.73 3.87 51.33
N CYS I 59 16.88 3.23 51.46
CA CYS I 59 16.96 1.85 51.95
C CYS I 59 17.38 1.84 53.41
N CYS I 60 16.66 1.08 54.21
CA CYS I 60 16.89 0.94 55.65
C CYS I 60 17.17 -0.51 55.98
N SER I 61 17.48 -0.81 57.25
CA SER I 61 17.71 -2.19 57.75
C SER I 61 17.03 -2.35 59.11
N THR I 62 16.10 -1.46 59.48
CA THR I 62 15.43 -1.45 60.80
C THR I 62 13.93 -1.63 60.61
N ASP I 63 13.19 -1.96 61.67
CA ASP I 63 11.75 -2.15 61.62
C ASP I 63 11.05 -0.83 61.34
N LYS I 64 10.11 -0.86 60.39
CA LYS I 64 9.24 0.28 60.11
C LYS I 64 10.05 1.54 59.83
N CYS I 65 11.13 1.38 59.06
CA CYS I 65 11.93 2.52 58.64
C CYS I 65 11.46 3.10 57.31
N ASN I 66 10.44 2.51 56.70
CA ASN I 66 9.96 2.93 55.38
C ASN I 66 8.45 3.15 55.45
N PRO I 67 8.02 4.19 56.14
CA PRO I 67 6.58 4.49 56.19
C PRO I 67 6.15 5.44 55.08
N HIS I 68 4.84 5.62 54.92
CA HIS I 68 4.31 6.58 53.91
C HIS I 68 4.73 7.98 54.38
N PRO I 69 5.09 8.96 53.51
CA PRO I 69 5.53 10.27 53.98
C PRO I 69 4.64 10.99 55.00
N LYS I 70 3.31 10.87 54.93
CA LYS I 70 2.32 11.44 55.90
C LYS I 70 2.68 11.08 57.35
N GLN I 71 3.05 9.81 57.57
CA GLN I 71 3.46 9.14 58.83
C GLN I 71 4.91 9.51 59.17
N ILE J 1 33.46 47.38 24.50
CA ILE J 1 32.21 47.60 23.71
C ILE J 1 31.04 46.99 24.45
N VAL J 2 29.96 47.75 24.56
CA VAL J 2 28.75 47.32 25.23
C VAL J 2 27.64 47.25 24.18
N CYS J 3 27.05 46.06 24.03
CA CYS J 3 26.04 45.81 23.04
C CYS J 3 24.78 45.31 23.72
N HIS J 4 23.63 45.86 23.33
CA HIS J 4 22.36 45.32 23.79
C HIS J 4 22.19 43.89 23.28
N THR J 5 21.46 43.09 24.04
CA THR J 5 21.19 41.72 23.66
C THR J 5 19.77 41.33 24.07
N THR J 6 19.27 40.27 23.44
CA THR J 6 17.93 39.77 23.71
C THR J 6 17.91 38.41 24.36
N ALA J 7 19.05 37.71 24.40
CA ALA J 7 19.10 36.43 25.09
C ALA J 7 18.83 36.58 26.59
N THR J 8 18.91 37.80 27.10
CA THR J 8 18.58 38.12 28.48
C THR J 8 17.28 38.91 28.51
N SER J 9 16.32 38.43 29.31
CA SER J 9 15.07 39.12 29.52
C SER J 9 14.96 39.54 30.98
N PRO J 10 14.69 40.82 31.28
CA PRO J 10 14.43 41.94 30.37
C PRO J 10 15.64 42.31 29.51
N ILE J 11 15.39 43.04 28.42
CA ILE J 11 16.48 43.44 27.53
C ILE J 11 17.59 44.06 28.34
N SER J 12 18.80 43.57 28.15
CA SER J 12 19.96 43.93 28.95
C SER J 12 20.90 44.83 28.14
N ALA J 13 21.92 45.32 28.84
CA ALA J 13 23.00 46.07 28.22
C ALA J 13 24.31 45.35 28.43
N VAL J 14 24.32 44.03 28.18
CA VAL J 14 25.49 43.23 28.49
C VAL J 14 26.72 43.82 27.82
N THR J 15 27.87 43.59 28.44
CA THR J 15 29.15 44.07 27.93
C THR J 15 29.83 42.95 27.16
N CYS J 16 30.14 43.20 25.90
CA CYS J 16 30.50 42.14 24.97
C CYS J 16 31.90 41.60 25.28
N PRO J 17 32.14 40.33 25.00
CA PRO J 17 33.50 39.78 25.16
C PRO J 17 34.44 40.32 24.10
N PRO J 18 35.73 40.04 24.21
CA PRO J 18 36.68 40.52 23.21
C PRO J 18 36.54 39.76 21.89
N GLY J 19 37.08 40.37 20.84
CA GLY J 19 37.01 39.80 19.51
C GLY J 19 35.74 40.13 18.76
N GLU J 20 34.80 40.82 19.38
CA GLU J 20 33.48 41.08 18.83
C GLU J 20 33.12 42.52 19.18
N ASN J 21 33.39 43.44 18.25
CA ASN J 21 33.23 44.86 18.49
C ASN J 21 32.19 45.47 17.56
N LEU J 22 31.23 44.66 17.13
CA LEU J 22 30.12 45.13 16.30
C LEU J 22 28.82 44.71 16.95
N CYS J 23 28.10 45.67 17.51
CA CYS J 23 26.73 45.46 17.92
C CYS J 23 25.84 45.42 16.68
N TYR J 24 24.95 44.43 16.64
CA TYR J 24 24.08 44.24 15.51
C TYR J 24 22.67 43.94 15.99
N ARG J 25 21.75 44.09 15.04
CA ARG J 25 20.35 43.76 15.24
C ARG J 25 19.76 43.26 13.91
N LYS J 26 18.87 42.29 14.03
CA LYS J 26 18.28 41.62 12.90
C LYS J 26 16.78 41.58 13.07
N MET J 27 16.06 41.94 12.01
CA MET J 27 14.61 42.15 12.11
C MET J 27 13.93 41.61 10.87
N TRP J 28 12.85 40.87 11.07
CA TRP J 28 12.06 40.33 9.98
C TRP J 28 10.63 40.09 10.44
N CYS J 29 9.74 39.92 9.47
CA CYS J 29 8.34 39.63 9.76
C CYS J 29 8.16 38.13 9.94
N ASP J 30 7.55 37.74 11.05
CA ASP J 30 7.02 36.40 11.22
C ASP J 30 5.53 36.46 10.89
N VAL J 31 4.82 35.38 11.23
CA VAL J 31 3.39 35.35 10.99
C VAL J 31 2.71 36.54 11.65
N PHE J 32 3.07 36.80 12.90
CA PHE J 32 2.42 37.85 13.68
C PHE J 32 3.06 39.21 13.43
N CYS J 33 3.25 39.57 12.16
CA CYS J 33 3.81 40.85 11.81
C CYS J 33 2.74 41.90 11.56
N SER J 34 1.48 41.57 11.80
CA SER J 34 0.36 42.49 11.67
C SER J 34 0.08 43.21 12.98
N SER J 35 0.06 42.47 14.08
CA SER J 35 -0.17 43.02 15.41
C SER J 35 1.13 43.23 16.18
N ARG J 36 1.96 42.19 16.28
CA ARG J 36 3.17 42.27 17.07
C ARG J 36 4.27 43.05 16.36
N GLY J 37 4.29 43.04 15.03
CA GLY J 37 5.36 43.66 14.28
C GLY J 37 6.48 42.69 13.97
N LYS J 38 7.57 43.26 13.46
CA LYS J 38 8.71 42.44 13.08
C LYS J 38 9.46 41.95 14.31
N VAL J 39 10.17 40.83 14.12
CA VAL J 39 10.98 40.28 15.19
C VAL J 39 12.22 41.14 15.41
N VAL J 40 12.84 40.96 16.56
CA VAL J 40 14.04 41.70 16.94
C VAL J 40 15.03 40.73 17.57
N GLU J 41 16.25 40.70 17.03
CA GLU J 41 17.35 39.97 17.63
C GLU J 41 18.54 40.92 17.75
N LEU J 42 19.04 41.10 18.97
CA LEU J 42 20.16 41.99 19.21
C LEU J 42 21.36 41.20 19.73
N GLY J 43 22.55 41.69 19.44
CA GLY J 43 23.74 41.01 19.94
C GLY J 43 25.00 41.72 19.54
N CYS J 44 26.12 41.06 19.82
CA CYS J 44 27.45 41.51 19.42
C CYS J 44 28.16 40.37 18.73
N ALA J 45 28.67 40.61 17.53
CA ALA J 45 29.29 39.56 16.73
C ALA J 45 30.65 40.01 16.20
N ALA J 46 31.46 39.03 15.83
CA ALA J 46 32.80 39.30 15.31
C ALA J 46 32.73 40.28 14.14
N THR J 47 32.07 39.87 13.06
CA THR J 47 31.65 40.77 12.01
C THR J 47 30.19 40.50 11.71
N CYS J 48 29.46 41.55 11.37
CA CYS J 48 28.01 41.44 11.32
C CYS J 48 27.61 40.39 10.28
N PRO J 49 26.60 39.56 10.58
CA PRO J 49 26.41 38.33 9.81
C PRO J 49 25.65 38.50 8.51
N SER J 50 25.37 37.38 7.85
CA SER J 50 24.76 37.41 6.53
C SER J 50 23.29 37.79 6.64
N LYS J 51 22.82 38.57 5.66
CA LYS J 51 21.44 39.00 5.59
C LYS J 51 20.70 38.10 4.61
N LYS J 52 19.81 37.26 5.12
CA LYS J 52 18.95 36.45 4.28
C LYS J 52 18.02 37.37 3.49
N PRO J 53 17.32 36.83 2.48
CA PRO J 53 16.44 37.69 1.69
C PRO J 53 15.37 38.39 2.52
N TYR J 54 14.83 37.72 3.52
CA TYR J 54 13.74 38.25 4.32
C TYR J 54 14.19 38.94 5.60
N GLU J 55 15.50 39.04 5.83
CA GLU J 55 16.05 39.62 7.05
C GLU J 55 16.71 40.96 6.74
N GLU J 56 16.58 41.89 7.70
CA GLU J 56 17.21 43.20 7.62
C GLU J 56 18.17 43.35 8.78
N VAL J 57 19.31 43.99 8.51
CA VAL J 57 20.36 44.17 9.51
C VAL J 57 20.79 45.62 9.52
N THR J 58 21.06 46.15 10.71
CA THR J 58 21.55 47.50 10.91
C THR J 58 22.75 47.39 11.85
N CYS J 59 23.95 47.41 11.29
CA CYS J 59 25.16 47.08 12.00
C CYS J 59 25.90 48.34 12.41
N CYS J 60 26.30 48.41 13.67
CA CYS J 60 27.01 49.54 14.24
C CYS J 60 28.36 49.09 14.79
N SER J 61 29.18 50.02 15.28
CA SER J 61 30.50 49.73 15.90
C SER J 61 30.66 50.59 17.15
N THR J 62 29.58 51.16 17.69
CA THR J 62 29.61 52.07 18.86
C THR J 62 28.80 51.47 20.01
N ASP J 63 28.95 51.98 21.23
CA ASP J 63 28.22 51.50 22.39
C ASP J 63 26.74 51.83 22.27
N LYS J 64 25.90 50.83 22.55
CA LYS J 64 24.46 51.04 22.62
C LYS J 64 23.91 51.67 21.35
N CYS J 65 24.40 51.22 20.20
CA CYS J 65 23.91 51.67 18.92
C CYS J 65 22.76 50.81 18.40
N ASN J 66 22.39 49.76 19.12
CA ASN J 66 21.36 48.81 18.68
C ASN J 66 20.34 48.64 19.79
N PRO J 67 19.53 49.67 20.05
CA PRO J 67 18.48 49.54 21.07
C PRO J 67 17.18 49.05 20.48
N HIS J 68 16.21 48.73 21.34
CA HIS J 68 14.86 48.31 20.87
C HIS J 68 14.23 49.55 20.21
N PRO J 69 13.44 49.45 19.12
CA PRO J 69 12.88 50.66 18.48
C PRO J 69 12.16 51.68 19.39
N LYS J 70 11.44 51.24 20.42
CA LYS J 70 10.75 52.10 21.43
C LYS J 70 11.72 53.16 22.02
N GLN J 71 12.94 52.73 22.35
CA GLN J 71 14.09 53.48 22.92
C GLN J 71 14.79 54.29 21.82
#